data_2YWJ
# 
_entry.id   2YWJ 
# 
_audit_conform.dict_name       mmcif_pdbx.dic 
_audit_conform.dict_version    5.388 
_audit_conform.dict_location   http://mmcif.pdb.org/dictionaries/ascii/mmcif_pdbx.dic 
# 
loop_
_database_2.database_id 
_database_2.database_code 
_database_2.pdbx_database_accession 
_database_2.pdbx_DOI 
PDB   2YWJ         pdb_00002ywj 10.2210/pdb2ywj/pdb 
RCSB  RCSB027223   ?            ?                   
WWPDB D_1000027223 ?            ?                   
# 
loop_
_pdbx_audit_revision_history.ordinal 
_pdbx_audit_revision_history.data_content_type 
_pdbx_audit_revision_history.major_revision 
_pdbx_audit_revision_history.minor_revision 
_pdbx_audit_revision_history.revision_date 
1 'Structure model' 1 0 2007-10-23 
2 'Structure model' 1 1 2011-07-13 
3 'Structure model' 1 2 2024-03-13 
# 
_pdbx_audit_revision_details.ordinal             1 
_pdbx_audit_revision_details.revision_ordinal    1 
_pdbx_audit_revision_details.data_content_type   'Structure model' 
_pdbx_audit_revision_details.provider            repository 
_pdbx_audit_revision_details.type                'Initial release' 
_pdbx_audit_revision_details.description         ? 
_pdbx_audit_revision_details.details             ? 
# 
loop_
_pdbx_audit_revision_group.ordinal 
_pdbx_audit_revision_group.revision_ordinal 
_pdbx_audit_revision_group.data_content_type 
_pdbx_audit_revision_group.group 
1 2 'Structure model' 'Source and taxonomy'       
2 2 'Structure model' 'Version format compliance' 
3 3 'Structure model' 'Data collection'           
4 3 'Structure model' 'Database references'       
# 
loop_
_pdbx_audit_revision_category.ordinal 
_pdbx_audit_revision_category.revision_ordinal 
_pdbx_audit_revision_category.data_content_type 
_pdbx_audit_revision_category.category 
1 3 'Structure model' chem_comp_atom 
2 3 'Structure model' chem_comp_bond 
3 3 'Structure model' database_2     
# 
loop_
_pdbx_audit_revision_item.ordinal 
_pdbx_audit_revision_item.revision_ordinal 
_pdbx_audit_revision_item.data_content_type 
_pdbx_audit_revision_item.item 
1 3 'Structure model' '_database_2.pdbx_DOI'                
2 3 'Structure model' '_database_2.pdbx_database_accession' 
# 
_pdbx_database_status.status_code                     REL 
_pdbx_database_status.entry_id                        2YWJ 
_pdbx_database_status.recvd_initial_deposition_date   2007-04-20 
_pdbx_database_status.deposit_site                    PDBJ 
_pdbx_database_status.process_site                    PDBJ 
_pdbx_database_status.status_code_sf                  REL 
_pdbx_database_status.status_code_mr                  ? 
_pdbx_database_status.SG_entry                        Y 
_pdbx_database_status.pdb_format_compatible           Y 
_pdbx_database_status.status_code_cs                  ? 
_pdbx_database_status.status_code_nmr_data            ? 
_pdbx_database_status.methods_development_category    ? 
# 
_pdbx_database_related.db_name        TargetDB 
_pdbx_database_related.db_id          mja001001661.1 
_pdbx_database_related.details        . 
_pdbx_database_related.content_type   unspecified 
# 
loop_
_audit_author.name 
_audit_author.pdbx_ordinal 
'Manzoku, M.'                                            1 
'Ebihara, A.'                                            2 
'Yokoyama, S.'                                           3 
'Kuramitsu, S.'                                          4 
'RIKEN Structural Genomics/Proteomics Initiative (RSGI)' 5 
# 
_citation.id                        primary 
_citation.title                     'Crystal structure of uncharacterized conserved protein from Methanocaldococcus jannaschii' 
_citation.journal_abbrev            'to be published' 
_citation.journal_volume            ? 
_citation.page_first                ? 
_citation.page_last                 ? 
_citation.year                      ? 
_citation.journal_id_ASTM           ? 
_citation.country                   ? 
_citation.journal_id_ISSN           ? 
_citation.journal_id_CSD            0353 
_citation.book_publisher            ? 
_citation.pdbx_database_id_PubMed   ? 
_citation.pdbx_database_id_DOI      ? 
# 
loop_
_citation_author.citation_id 
_citation_author.name 
_citation_author.ordinal 
_citation_author.identifier_ORCID 
primary 'Manzoku, M.'   1 ? 
primary 'Ebihara, A.'   2 ? 
primary 'Yokoyama, S.'  3 ? 
primary 'Kuramitsu, S.' 4 ? 
# 
loop_
_entity.id 
_entity.type 
_entity.src_method 
_entity.pdbx_description 
_entity.formula_weight 
_entity.pdbx_number_of_molecules 
_entity.pdbx_ec 
_entity.pdbx_mutation 
_entity.pdbx_fragment 
_entity.details 
1 polymer man 'Glutamine amidotransferase subunit pdxT' 20627.113 1   2.6.-.- ? ? ? 
2 water   nat water                                     18.015    147 ?       ? ? ? 
# 
_entity_name_com.entity_id   1 
_entity_name_com.name        'Uncharacterized conserved protein, glutamine amidotransferase glutaminase subunit pdxT' 
# 
_entity_poly.entity_id                      1 
_entity_poly.type                           'polypeptide(L)' 
_entity_poly.nstd_linkage                   no 
_entity_poly.nstd_monomer                   no 
_entity_poly.pdbx_seq_one_letter_code       
;MIIGVLAIQGDVEEHEEAIKKAGYEAKKVKRVEDLEGIDALIIPGGESTAIGKLMKKYGLLEKIKNSNLPILGTCAGMVL
LSKGTGINQILLELMDITVKRNAYGRQVDSFEKEIEFKDLGKVYGVFIRAPVVDKILSDDVEVIARDGDKIVGVKQGKYM
ALSFHPELSEDGYKVYKYFVENCVKK
;
_entity_poly.pdbx_seq_one_letter_code_can   
;MIIGVLAIQGDVEEHEEAIKKAGYEAKKVKRVEDLEGIDALIIPGGESTAIGKLMKKYGLLEKIKNSNLPILGTCAGMVL
LSKGTGINQILLELMDITVKRNAYGRQVDSFEKEIEFKDLGKVYGVFIRAPVVDKILSDDVEVIARDGDKIVGVKQGKYM
ALSFHPELSEDGYKVYKYFVENCVKK
;
_entity_poly.pdbx_strand_id                 A 
_entity_poly.pdbx_target_identifier         mja001001661.1 
# 
_pdbx_entity_nonpoly.entity_id   2 
_pdbx_entity_nonpoly.name        water 
_pdbx_entity_nonpoly.comp_id     HOH 
# 
loop_
_entity_poly_seq.entity_id 
_entity_poly_seq.num 
_entity_poly_seq.mon_id 
_entity_poly_seq.hetero 
1 1   MET n 
1 2   ILE n 
1 3   ILE n 
1 4   GLY n 
1 5   VAL n 
1 6   LEU n 
1 7   ALA n 
1 8   ILE n 
1 9   GLN n 
1 10  GLY n 
1 11  ASP n 
1 12  VAL n 
1 13  GLU n 
1 14  GLU n 
1 15  HIS n 
1 16  GLU n 
1 17  GLU n 
1 18  ALA n 
1 19  ILE n 
1 20  LYS n 
1 21  LYS n 
1 22  ALA n 
1 23  GLY n 
1 24  TYR n 
1 25  GLU n 
1 26  ALA n 
1 27  LYS n 
1 28  LYS n 
1 29  VAL n 
1 30  LYS n 
1 31  ARG n 
1 32  VAL n 
1 33  GLU n 
1 34  ASP n 
1 35  LEU n 
1 36  GLU n 
1 37  GLY n 
1 38  ILE n 
1 39  ASP n 
1 40  ALA n 
1 41  LEU n 
1 42  ILE n 
1 43  ILE n 
1 44  PRO n 
1 45  GLY n 
1 46  GLY n 
1 47  GLU n 
1 48  SER n 
1 49  THR n 
1 50  ALA n 
1 51  ILE n 
1 52  GLY n 
1 53  LYS n 
1 54  LEU n 
1 55  MET n 
1 56  LYS n 
1 57  LYS n 
1 58  TYR n 
1 59  GLY n 
1 60  LEU n 
1 61  LEU n 
1 62  GLU n 
1 63  LYS n 
1 64  ILE n 
1 65  LYS n 
1 66  ASN n 
1 67  SER n 
1 68  ASN n 
1 69  LEU n 
1 70  PRO n 
1 71  ILE n 
1 72  LEU n 
1 73  GLY n 
1 74  THR n 
1 75  CYS n 
1 76  ALA n 
1 77  GLY n 
1 78  MET n 
1 79  VAL n 
1 80  LEU n 
1 81  LEU n 
1 82  SER n 
1 83  LYS n 
1 84  GLY n 
1 85  THR n 
1 86  GLY n 
1 87  ILE n 
1 88  ASN n 
1 89  GLN n 
1 90  ILE n 
1 91  LEU n 
1 92  LEU n 
1 93  GLU n 
1 94  LEU n 
1 95  MET n 
1 96  ASP n 
1 97  ILE n 
1 98  THR n 
1 99  VAL n 
1 100 LYS n 
1 101 ARG n 
1 102 ASN n 
1 103 ALA n 
1 104 TYR n 
1 105 GLY n 
1 106 ARG n 
1 107 GLN n 
1 108 VAL n 
1 109 ASP n 
1 110 SER n 
1 111 PHE n 
1 112 GLU n 
1 113 LYS n 
1 114 GLU n 
1 115 ILE n 
1 116 GLU n 
1 117 PHE n 
1 118 LYS n 
1 119 ASP n 
1 120 LEU n 
1 121 GLY n 
1 122 LYS n 
1 123 VAL n 
1 124 TYR n 
1 125 GLY n 
1 126 VAL n 
1 127 PHE n 
1 128 ILE n 
1 129 ARG n 
1 130 ALA n 
1 131 PRO n 
1 132 VAL n 
1 133 VAL n 
1 134 ASP n 
1 135 LYS n 
1 136 ILE n 
1 137 LEU n 
1 138 SER n 
1 139 ASP n 
1 140 ASP n 
1 141 VAL n 
1 142 GLU n 
1 143 VAL n 
1 144 ILE n 
1 145 ALA n 
1 146 ARG n 
1 147 ASP n 
1 148 GLY n 
1 149 ASP n 
1 150 LYS n 
1 151 ILE n 
1 152 VAL n 
1 153 GLY n 
1 154 VAL n 
1 155 LYS n 
1 156 GLN n 
1 157 GLY n 
1 158 LYS n 
1 159 TYR n 
1 160 MET n 
1 161 ALA n 
1 162 LEU n 
1 163 SER n 
1 164 PHE n 
1 165 HIS n 
1 166 PRO n 
1 167 GLU n 
1 168 LEU n 
1 169 SER n 
1 170 GLU n 
1 171 ASP n 
1 172 GLY n 
1 173 TYR n 
1 174 LYS n 
1 175 VAL n 
1 176 TYR n 
1 177 LYS n 
1 178 TYR n 
1 179 PHE n 
1 180 VAL n 
1 181 GLU n 
1 182 ASN n 
1 183 CYS n 
1 184 VAL n 
1 185 LYS n 
1 186 LYS n 
# 
_entity_src_gen.entity_id                          1 
_entity_src_gen.pdbx_src_id                        1 
_entity_src_gen.pdbx_alt_source_flag               sample 
_entity_src_gen.pdbx_seq_type                      ? 
_entity_src_gen.pdbx_beg_seq_num                   ? 
_entity_src_gen.pdbx_end_seq_num                   ? 
_entity_src_gen.gene_src_common_name               ? 
_entity_src_gen.gene_src_genus                     Methanocaldococcus 
_entity_src_gen.pdbx_gene_src_gene                 ? 
_entity_src_gen.gene_src_species                   'Methanocaldococcus jannaschii' 
_entity_src_gen.gene_src_strain                    'DSM 2661' 
_entity_src_gen.gene_src_tissue                    ? 
_entity_src_gen.gene_src_tissue_fraction           ? 
_entity_src_gen.gene_src_details                   ? 
_entity_src_gen.pdbx_gene_src_fragment             ? 
_entity_src_gen.pdbx_gene_src_scientific_name      'Methanocaldococcus jannaschii' 
_entity_src_gen.pdbx_gene_src_ncbi_taxonomy_id     243232 
_entity_src_gen.pdbx_gene_src_variant              ? 
_entity_src_gen.pdbx_gene_src_cell_line            ? 
_entity_src_gen.pdbx_gene_src_atcc                 ? 
_entity_src_gen.pdbx_gene_src_organ                ? 
_entity_src_gen.pdbx_gene_src_organelle            ? 
_entity_src_gen.pdbx_gene_src_cell                 ? 
_entity_src_gen.pdbx_gene_src_cellular_location    ? 
_entity_src_gen.host_org_common_name               ? 
_entity_src_gen.pdbx_host_org_scientific_name      'Escherichia coli' 
_entity_src_gen.pdbx_host_org_ncbi_taxonomy_id     562 
_entity_src_gen.host_org_genus                     Escherichia 
_entity_src_gen.pdbx_host_org_gene                 ? 
_entity_src_gen.pdbx_host_org_organ                ? 
_entity_src_gen.host_org_species                   ? 
_entity_src_gen.pdbx_host_org_tissue               ? 
_entity_src_gen.pdbx_host_org_tissue_fraction      ? 
_entity_src_gen.pdbx_host_org_strain               'BL21-CodonPlus(DE3)-RIL' 
_entity_src_gen.pdbx_host_org_variant              ? 
_entity_src_gen.pdbx_host_org_cell_line            ? 
_entity_src_gen.pdbx_host_org_atcc                 ? 
_entity_src_gen.pdbx_host_org_culture_collection   ? 
_entity_src_gen.pdbx_host_org_cell                 ? 
_entity_src_gen.pdbx_host_org_organelle            ? 
_entity_src_gen.pdbx_host_org_cellular_location    ? 
_entity_src_gen.pdbx_host_org_vector_type          PLASMID 
_entity_src_gen.pdbx_host_org_vector               ? 
_entity_src_gen.host_org_details                   ? 
_entity_src_gen.expression_system_id               ? 
_entity_src_gen.plasmid_name                       pET-21a 
_entity_src_gen.plasmid_details                    ? 
_entity_src_gen.pdbx_description                   ? 
# 
loop_
_chem_comp.id 
_chem_comp.type 
_chem_comp.mon_nstd_flag 
_chem_comp.name 
_chem_comp.pdbx_synonyms 
_chem_comp.formula 
_chem_comp.formula_weight 
ALA 'L-peptide linking' y ALANINE         ? 'C3 H7 N O2'     89.093  
ARG 'L-peptide linking' y ARGININE        ? 'C6 H15 N4 O2 1' 175.209 
ASN 'L-peptide linking' y ASPARAGINE      ? 'C4 H8 N2 O3'    132.118 
ASP 'L-peptide linking' y 'ASPARTIC ACID' ? 'C4 H7 N O4'     133.103 
CYS 'L-peptide linking' y CYSTEINE        ? 'C3 H7 N O2 S'   121.158 
GLN 'L-peptide linking' y GLUTAMINE       ? 'C5 H10 N2 O3'   146.144 
GLU 'L-peptide linking' y 'GLUTAMIC ACID' ? 'C5 H9 N O4'     147.129 
GLY 'peptide linking'   y GLYCINE         ? 'C2 H5 N O2'     75.067  
HIS 'L-peptide linking' y HISTIDINE       ? 'C6 H10 N3 O2 1' 156.162 
HOH non-polymer         . WATER           ? 'H2 O'           18.015  
ILE 'L-peptide linking' y ISOLEUCINE      ? 'C6 H13 N O2'    131.173 
LEU 'L-peptide linking' y LEUCINE         ? 'C6 H13 N O2'    131.173 
LYS 'L-peptide linking' y LYSINE          ? 'C6 H15 N2 O2 1' 147.195 
MET 'L-peptide linking' y METHIONINE      ? 'C5 H11 N O2 S'  149.211 
PHE 'L-peptide linking' y PHENYLALANINE   ? 'C9 H11 N O2'    165.189 
PRO 'L-peptide linking' y PROLINE         ? 'C5 H9 N O2'     115.130 
SER 'L-peptide linking' y SERINE          ? 'C3 H7 N O3'     105.093 
THR 'L-peptide linking' y THREONINE       ? 'C4 H9 N O3'     119.119 
TYR 'L-peptide linking' y TYROSINE        ? 'C9 H11 N O3'    181.189 
VAL 'L-peptide linking' y VALINE          ? 'C5 H11 N O2'    117.146 
# 
loop_
_pdbx_poly_seq_scheme.asym_id 
_pdbx_poly_seq_scheme.entity_id 
_pdbx_poly_seq_scheme.seq_id 
_pdbx_poly_seq_scheme.mon_id 
_pdbx_poly_seq_scheme.ndb_seq_num 
_pdbx_poly_seq_scheme.pdb_seq_num 
_pdbx_poly_seq_scheme.auth_seq_num 
_pdbx_poly_seq_scheme.pdb_mon_id 
_pdbx_poly_seq_scheme.auth_mon_id 
_pdbx_poly_seq_scheme.pdb_strand_id 
_pdbx_poly_seq_scheme.pdb_ins_code 
_pdbx_poly_seq_scheme.hetero 
A 1 1   MET 1   1   1   MET MET A . n 
A 1 2   ILE 2   2   2   ILE ILE A . n 
A 1 3   ILE 3   3   3   ILE ILE A . n 
A 1 4   GLY 4   4   4   GLY GLY A . n 
A 1 5   VAL 5   5   5   VAL VAL A . n 
A 1 6   LEU 6   6   6   LEU LEU A . n 
A 1 7   ALA 7   7   7   ALA ALA A . n 
A 1 8   ILE 8   8   8   ILE ILE A . n 
A 1 9   GLN 9   9   9   GLN GLN A . n 
A 1 10  GLY 10  10  10  GLY GLY A . n 
A 1 11  ASP 11  11  11  ASP ASP A . n 
A 1 12  VAL 12  12  12  VAL VAL A . n 
A 1 13  GLU 13  13  13  GLU GLU A . n 
A 1 14  GLU 14  14  14  GLU GLU A . n 
A 1 15  HIS 15  15  15  HIS HIS A . n 
A 1 16  GLU 16  16  16  GLU GLU A . n 
A 1 17  GLU 17  17  17  GLU GLU A . n 
A 1 18  ALA 18  18  18  ALA ALA A . n 
A 1 19  ILE 19  19  19  ILE ILE A . n 
A 1 20  LYS 20  20  20  LYS LYS A . n 
A 1 21  LYS 21  21  21  LYS LYS A . n 
A 1 22  ALA 22  22  22  ALA ALA A . n 
A 1 23  GLY 23  23  23  GLY GLY A . n 
A 1 24  TYR 24  24  24  TYR TYR A . n 
A 1 25  GLU 25  25  25  GLU GLU A . n 
A 1 26  ALA 26  26  26  ALA ALA A . n 
A 1 27  LYS 27  27  27  LYS LYS A . n 
A 1 28  LYS 28  28  28  LYS LYS A . n 
A 1 29  VAL 29  29  29  VAL VAL A . n 
A 1 30  LYS 30  30  30  LYS LYS A . n 
A 1 31  ARG 31  31  31  ARG ARG A . n 
A 1 32  VAL 32  32  32  VAL VAL A . n 
A 1 33  GLU 33  33  33  GLU GLU A . n 
A 1 34  ASP 34  34  34  ASP ASP A . n 
A 1 35  LEU 35  35  35  LEU LEU A . n 
A 1 36  GLU 36  36  36  GLU GLU A . n 
A 1 37  GLY 37  37  37  GLY GLY A . n 
A 1 38  ILE 38  38  38  ILE ILE A . n 
A 1 39  ASP 39  39  39  ASP ASP A . n 
A 1 40  ALA 40  40  40  ALA ALA A . n 
A 1 41  LEU 41  41  41  LEU LEU A . n 
A 1 42  ILE 42  42  42  ILE ILE A . n 
A 1 43  ILE 43  43  43  ILE ILE A . n 
A 1 44  PRO 44  44  44  PRO PRO A . n 
A 1 45  GLY 45  45  45  GLY GLY A . n 
A 1 46  GLY 46  46  46  GLY GLY A . n 
A 1 47  GLU 47  47  47  GLU GLU A . n 
A 1 48  SER 48  48  48  SER SER A . n 
A 1 49  THR 49  49  49  THR THR A . n 
A 1 50  ALA 50  50  50  ALA ALA A . n 
A 1 51  ILE 51  51  51  ILE ILE A . n 
A 1 52  GLY 52  52  52  GLY GLY A . n 
A 1 53  LYS 53  53  53  LYS LYS A . n 
A 1 54  LEU 54  54  54  LEU LEU A . n 
A 1 55  MET 55  55  55  MET MET A . n 
A 1 56  LYS 56  56  56  LYS LYS A . n 
A 1 57  LYS 57  57  57  LYS LYS A . n 
A 1 58  TYR 58  58  58  TYR TYR A . n 
A 1 59  GLY 59  59  59  GLY GLY A . n 
A 1 60  LEU 60  60  60  LEU LEU A . n 
A 1 61  LEU 61  61  61  LEU LEU A . n 
A 1 62  GLU 62  62  62  GLU GLU A . n 
A 1 63  LYS 63  63  63  LYS LYS A . n 
A 1 64  ILE 64  64  64  ILE ILE A . n 
A 1 65  LYS 65  65  65  LYS LYS A . n 
A 1 66  ASN 66  66  66  ASN ASN A . n 
A 1 67  SER 67  67  67  SER SER A . n 
A 1 68  ASN 68  68  68  ASN ASN A . n 
A 1 69  LEU 69  69  69  LEU LEU A . n 
A 1 70  PRO 70  70  70  PRO PRO A . n 
A 1 71  ILE 71  71  71  ILE ILE A . n 
A 1 72  LEU 72  72  72  LEU LEU A . n 
A 1 73  GLY 73  73  73  GLY GLY A . n 
A 1 74  THR 74  74  74  THR THR A . n 
A 1 75  CYS 75  75  75  CYS CYS A . n 
A 1 76  ALA 76  76  76  ALA ALA A . n 
A 1 77  GLY 77  77  77  GLY GLY A . n 
A 1 78  MET 78  78  78  MET MET A . n 
A 1 79  VAL 79  79  79  VAL VAL A . n 
A 1 80  LEU 80  80  80  LEU LEU A . n 
A 1 81  LEU 81  81  81  LEU LEU A . n 
A 1 82  SER 82  82  82  SER SER A . n 
A 1 83  LYS 83  83  83  LYS LYS A . n 
A 1 84  GLY 84  84  84  GLY GLY A . n 
A 1 85  THR 85  85  85  THR THR A . n 
A 1 86  GLY 86  86  86  GLY GLY A . n 
A 1 87  ILE 87  87  87  ILE ILE A . n 
A 1 88  ASN 88  88  88  ASN ASN A . n 
A 1 89  GLN 89  89  89  GLN GLN A . n 
A 1 90  ILE 90  90  90  ILE ILE A . n 
A 1 91  LEU 91  91  91  LEU LEU A . n 
A 1 92  LEU 92  92  92  LEU LEU A . n 
A 1 93  GLU 93  93  93  GLU GLU A . n 
A 1 94  LEU 94  94  94  LEU LEU A . n 
A 1 95  MET 95  95  95  MET MET A . n 
A 1 96  ASP 96  96  96  ASP ASP A . n 
A 1 97  ILE 97  97  97  ILE ILE A . n 
A 1 98  THR 98  98  98  THR THR A . n 
A 1 99  VAL 99  99  99  VAL VAL A . n 
A 1 100 LYS 100 100 100 LYS LYS A . n 
A 1 101 ARG 101 101 101 ARG ARG A . n 
A 1 102 ASN 102 102 102 ASN ASN A . n 
A 1 103 ALA 103 103 103 ALA ALA A . n 
A 1 104 TYR 104 104 104 TYR TYR A . n 
A 1 105 GLY 105 105 105 GLY GLY A . n 
A 1 106 ARG 106 106 106 ARG ARG A . n 
A 1 107 GLN 107 107 107 GLN GLN A . n 
A 1 108 VAL 108 108 108 VAL VAL A . n 
A 1 109 ASP 109 109 109 ASP ASP A . n 
A 1 110 SER 110 110 110 SER SER A . n 
A 1 111 PHE 111 111 111 PHE PHE A . n 
A 1 112 GLU 112 112 112 GLU GLU A . n 
A 1 113 LYS 113 113 113 LYS LYS A . n 
A 1 114 GLU 114 114 114 GLU GLU A . n 
A 1 115 ILE 115 115 115 ILE ILE A . n 
A 1 116 GLU 116 116 116 GLU GLU A . n 
A 1 117 PHE 117 117 117 PHE PHE A . n 
A 1 118 LYS 118 118 118 LYS LYS A . n 
A 1 119 ASP 119 119 119 ASP ASP A . n 
A 1 120 LEU 120 120 120 LEU LEU A . n 
A 1 121 GLY 121 121 121 GLY GLY A . n 
A 1 122 LYS 122 122 122 LYS LYS A . n 
A 1 123 VAL 123 123 123 VAL VAL A . n 
A 1 124 TYR 124 124 124 TYR TYR A . n 
A 1 125 GLY 125 125 125 GLY GLY A . n 
A 1 126 VAL 126 126 126 VAL VAL A . n 
A 1 127 PHE 127 127 127 PHE PHE A . n 
A 1 128 ILE 128 128 128 ILE ILE A . n 
A 1 129 ARG 129 129 129 ARG ARG A . n 
A 1 130 ALA 130 130 130 ALA ALA A . n 
A 1 131 PRO 131 131 131 PRO PRO A . n 
A 1 132 VAL 132 132 132 VAL VAL A . n 
A 1 133 VAL 133 133 133 VAL VAL A . n 
A 1 134 ASP 134 134 134 ASP ASP A . n 
A 1 135 LYS 135 135 135 LYS LYS A . n 
A 1 136 ILE 136 136 136 ILE ILE A . n 
A 1 137 LEU 137 137 137 LEU LEU A . n 
A 1 138 SER 138 138 138 SER SER A . n 
A 1 139 ASP 139 139 139 ASP ASP A . n 
A 1 140 ASP 140 140 140 ASP ASP A . n 
A 1 141 VAL 141 141 141 VAL VAL A . n 
A 1 142 GLU 142 142 142 GLU GLU A . n 
A 1 143 VAL 143 143 143 VAL VAL A . n 
A 1 144 ILE 144 144 144 ILE ILE A . n 
A 1 145 ALA 145 145 145 ALA ALA A . n 
A 1 146 ARG 146 146 146 ARG ARG A . n 
A 1 147 ASP 147 147 147 ASP ASP A . n 
A 1 148 GLY 148 148 148 GLY GLY A . n 
A 1 149 ASP 149 149 149 ASP ASP A . n 
A 1 150 LYS 150 150 150 LYS LYS A . n 
A 1 151 ILE 151 151 151 ILE ILE A . n 
A 1 152 VAL 152 152 152 VAL VAL A . n 
A 1 153 GLY 153 153 153 GLY GLY A . n 
A 1 154 VAL 154 154 154 VAL VAL A . n 
A 1 155 LYS 155 155 155 LYS LYS A . n 
A 1 156 GLN 156 156 156 GLN GLN A . n 
A 1 157 GLY 157 157 157 GLY GLY A . n 
A 1 158 LYS 158 158 158 LYS LYS A . n 
A 1 159 TYR 159 159 159 TYR TYR A . n 
A 1 160 MET 160 160 160 MET MET A . n 
A 1 161 ALA 161 161 161 ALA ALA A . n 
A 1 162 LEU 162 162 162 LEU LEU A . n 
A 1 163 SER 163 163 163 SER SER A . n 
A 1 164 PHE 164 164 164 PHE PHE A . n 
A 1 165 HIS 165 165 165 HIS HIS A . n 
A 1 166 PRO 166 166 166 PRO PRO A . n 
A 1 167 GLU 167 167 167 GLU GLU A . n 
A 1 168 LEU 168 168 168 LEU LEU A . n 
A 1 169 SER 169 169 169 SER SER A . n 
A 1 170 GLU 170 170 170 GLU GLU A . n 
A 1 171 ASP 171 171 171 ASP ASP A . n 
A 1 172 GLY 172 172 172 GLY GLY A . n 
A 1 173 TYR 173 173 173 TYR TYR A . n 
A 1 174 LYS 174 174 174 LYS LYS A . n 
A 1 175 VAL 175 175 175 VAL VAL A . n 
A 1 176 TYR 176 176 176 TYR TYR A . n 
A 1 177 LYS 177 177 177 LYS LYS A . n 
A 1 178 TYR 178 178 178 TYR TYR A . n 
A 1 179 PHE 179 179 179 PHE PHE A . n 
A 1 180 VAL 180 180 180 VAL VAL A . n 
A 1 181 GLU 181 181 181 GLU GLU A . n 
A 1 182 ASN 182 182 182 ASN ASN A . n 
A 1 183 CYS 183 183 183 CYS CYS A . n 
A 1 184 VAL 184 184 184 VAL VAL A . n 
A 1 185 LYS 185 185 185 LYS LYS A . n 
A 1 186 LYS 186 186 ?   ?   ?   A . n 
# 
loop_
_pdbx_nonpoly_scheme.asym_id 
_pdbx_nonpoly_scheme.entity_id 
_pdbx_nonpoly_scheme.mon_id 
_pdbx_nonpoly_scheme.ndb_seq_num 
_pdbx_nonpoly_scheme.pdb_seq_num 
_pdbx_nonpoly_scheme.auth_seq_num 
_pdbx_nonpoly_scheme.pdb_mon_id 
_pdbx_nonpoly_scheme.auth_mon_id 
_pdbx_nonpoly_scheme.pdb_strand_id 
_pdbx_nonpoly_scheme.pdb_ins_code 
B 2 HOH 1   187 1   HOH HOH A . 
B 2 HOH 2   188 2   HOH HOH A . 
B 2 HOH 3   189 3   HOH HOH A . 
B 2 HOH 4   190 4   HOH HOH A . 
B 2 HOH 5   191 5   HOH HOH A . 
B 2 HOH 6   192 6   HOH HOH A . 
B 2 HOH 7   193 7   HOH HOH A . 
B 2 HOH 8   194 8   HOH HOH A . 
B 2 HOH 9   195 9   HOH HOH A . 
B 2 HOH 10  196 10  HOH HOH A . 
B 2 HOH 11  197 11  HOH HOH A . 
B 2 HOH 12  198 12  HOH HOH A . 
B 2 HOH 13  199 13  HOH HOH A . 
B 2 HOH 14  200 14  HOH HOH A . 
B 2 HOH 15  201 15  HOH HOH A . 
B 2 HOH 16  202 16  HOH HOH A . 
B 2 HOH 17  203 17  HOH HOH A . 
B 2 HOH 18  204 18  HOH HOH A . 
B 2 HOH 19  205 19  HOH HOH A . 
B 2 HOH 20  206 20  HOH HOH A . 
B 2 HOH 21  207 21  HOH HOH A . 
B 2 HOH 22  208 22  HOH HOH A . 
B 2 HOH 23  209 23  HOH HOH A . 
B 2 HOH 24  210 24  HOH HOH A . 
B 2 HOH 25  211 25  HOH HOH A . 
B 2 HOH 26  212 26  HOH HOH A . 
B 2 HOH 27  213 27  HOH HOH A . 
B 2 HOH 28  214 28  HOH HOH A . 
B 2 HOH 29  215 29  HOH HOH A . 
B 2 HOH 30  216 30  HOH HOH A . 
B 2 HOH 31  217 31  HOH HOH A . 
B 2 HOH 32  218 32  HOH HOH A . 
B 2 HOH 33  219 33  HOH HOH A . 
B 2 HOH 34  220 34  HOH HOH A . 
B 2 HOH 35  221 35  HOH HOH A . 
B 2 HOH 36  222 36  HOH HOH A . 
B 2 HOH 37  223 37  HOH HOH A . 
B 2 HOH 38  224 38  HOH HOH A . 
B 2 HOH 39  225 39  HOH HOH A . 
B 2 HOH 40  226 40  HOH HOH A . 
B 2 HOH 41  227 41  HOH HOH A . 
B 2 HOH 42  228 42  HOH HOH A . 
B 2 HOH 43  229 43  HOH HOH A . 
B 2 HOH 44  230 44  HOH HOH A . 
B 2 HOH 45  231 45  HOH HOH A . 
B 2 HOH 46  232 46  HOH HOH A . 
B 2 HOH 47  233 47  HOH HOH A . 
B 2 HOH 48  234 48  HOH HOH A . 
B 2 HOH 49  235 49  HOH HOH A . 
B 2 HOH 50  236 50  HOH HOH A . 
B 2 HOH 51  237 51  HOH HOH A . 
B 2 HOH 52  238 52  HOH HOH A . 
B 2 HOH 53  239 53  HOH HOH A . 
B 2 HOH 54  240 54  HOH HOH A . 
B 2 HOH 55  241 55  HOH HOH A . 
B 2 HOH 56  242 56  HOH HOH A . 
B 2 HOH 57  243 57  HOH HOH A . 
B 2 HOH 58  244 58  HOH HOH A . 
B 2 HOH 59  245 59  HOH HOH A . 
B 2 HOH 60  246 60  HOH HOH A . 
B 2 HOH 61  247 61  HOH HOH A . 
B 2 HOH 62  248 62  HOH HOH A . 
B 2 HOH 63  249 63  HOH HOH A . 
B 2 HOH 64  250 64  HOH HOH A . 
B 2 HOH 65  251 65  HOH HOH A . 
B 2 HOH 66  252 66  HOH HOH A . 
B 2 HOH 67  253 67  HOH HOH A . 
B 2 HOH 68  254 68  HOH HOH A . 
B 2 HOH 69  255 69  HOH HOH A . 
B 2 HOH 70  256 70  HOH HOH A . 
B 2 HOH 71  257 71  HOH HOH A . 
B 2 HOH 72  258 72  HOH HOH A . 
B 2 HOH 73  259 73  HOH HOH A . 
B 2 HOH 74  260 74  HOH HOH A . 
B 2 HOH 75  261 75  HOH HOH A . 
B 2 HOH 76  262 76  HOH HOH A . 
B 2 HOH 77  263 77  HOH HOH A . 
B 2 HOH 78  264 78  HOH HOH A . 
B 2 HOH 79  265 79  HOH HOH A . 
B 2 HOH 80  266 80  HOH HOH A . 
B 2 HOH 81  267 81  HOH HOH A . 
B 2 HOH 82  268 82  HOH HOH A . 
B 2 HOH 83  269 83  HOH HOH A . 
B 2 HOH 84  270 84  HOH HOH A . 
B 2 HOH 85  271 85  HOH HOH A . 
B 2 HOH 86  272 86  HOH HOH A . 
B 2 HOH 87  273 87  HOH HOH A . 
B 2 HOH 88  274 88  HOH HOH A . 
B 2 HOH 89  275 89  HOH HOH A . 
B 2 HOH 90  276 90  HOH HOH A . 
B 2 HOH 91  277 91  HOH HOH A . 
B 2 HOH 92  278 92  HOH HOH A . 
B 2 HOH 93  279 93  HOH HOH A . 
B 2 HOH 94  280 94  HOH HOH A . 
B 2 HOH 95  281 95  HOH HOH A . 
B 2 HOH 96  282 97  HOH HOH A . 
B 2 HOH 97  283 98  HOH HOH A . 
B 2 HOH 98  284 99  HOH HOH A . 
B 2 HOH 99  285 100 HOH HOH A . 
B 2 HOH 100 286 101 HOH HOH A . 
B 2 HOH 101 287 102 HOH HOH A . 
B 2 HOH 102 288 103 HOH HOH A . 
B 2 HOH 103 289 104 HOH HOH A . 
B 2 HOH 104 290 105 HOH HOH A . 
B 2 HOH 105 291 106 HOH HOH A . 
B 2 HOH 106 292 107 HOH HOH A . 
B 2 HOH 107 293 108 HOH HOH A . 
B 2 HOH 108 294 109 HOH HOH A . 
B 2 HOH 109 295 110 HOH HOH A . 
B 2 HOH 110 296 111 HOH HOH A . 
B 2 HOH 111 297 112 HOH HOH A . 
B 2 HOH 112 298 113 HOH HOH A . 
B 2 HOH 113 299 114 HOH HOH A . 
B 2 HOH 114 300 115 HOH HOH A . 
B 2 HOH 115 301 116 HOH HOH A . 
B 2 HOH 116 302 117 HOH HOH A . 
B 2 HOH 117 303 118 HOH HOH A . 
B 2 HOH 118 304 119 HOH HOH A . 
B 2 HOH 119 305 120 HOH HOH A . 
B 2 HOH 120 306 121 HOH HOH A . 
B 2 HOH 121 307 122 HOH HOH A . 
B 2 HOH 122 308 123 HOH HOH A . 
B 2 HOH 123 309 124 HOH HOH A . 
B 2 HOH 124 310 125 HOH HOH A . 
B 2 HOH 125 311 126 HOH HOH A . 
B 2 HOH 126 312 127 HOH HOH A . 
B 2 HOH 127 313 128 HOH HOH A . 
B 2 HOH 128 314 129 HOH HOH A . 
B 2 HOH 129 315 130 HOH HOH A . 
B 2 HOH 130 316 131 HOH HOH A . 
B 2 HOH 131 317 132 HOH HOH A . 
B 2 HOH 132 318 133 HOH HOH A . 
B 2 HOH 133 319 134 HOH HOH A . 
B 2 HOH 134 320 135 HOH HOH A . 
B 2 HOH 135 321 136 HOH HOH A . 
B 2 HOH 136 322 137 HOH HOH A . 
B 2 HOH 137 323 138 HOH HOH A . 
B 2 HOH 138 324 139 HOH HOH A . 
B 2 HOH 139 325 140 HOH HOH A . 
B 2 HOH 140 326 141 HOH HOH A . 
B 2 HOH 141 327 142 HOH HOH A . 
B 2 HOH 142 328 143 HOH HOH A . 
B 2 HOH 143 329 144 HOH HOH A . 
B 2 HOH 144 330 145 HOH HOH A . 
B 2 HOH 145 331 146 HOH HOH A . 
B 2 HOH 146 332 147 HOH HOH A . 
B 2 HOH 147 333 148 HOH HOH A . 
# 
loop_
_software.name 
_software.classification 
_software.version 
_software.citation_id 
_software.pdbx_ordinal 
CNS      refinement        1.1 ? 1 
HKL-2000 'data collection' .   ? 2 
HKL-2000 'data reduction'  .   ? 3 
HKL-2000 'data scaling'    .   ? 4 
MOLREP   phasing           .   ? 5 
# 
_cell.entry_id           2YWJ 
_cell.length_a           44.816 
_cell.length_b           50.470 
_cell.length_c           70.404 
_cell.angle_alpha        90.00 
_cell.angle_beta         90.00 
_cell.angle_gamma        90.00 
_cell.Z_PDB              4 
_cell.pdbx_unique_axis   ? 
_cell.length_a_esd       ? 
_cell.length_b_esd       ? 
_cell.length_c_esd       ? 
_cell.angle_alpha_esd    ? 
_cell.angle_beta_esd     ? 
_cell.angle_gamma_esd    ? 
# 
_symmetry.entry_id                         2YWJ 
_symmetry.space_group_name_H-M             'P 21 21 21' 
_symmetry.pdbx_full_space_group_name_H-M   ? 
_symmetry.cell_setting                     ? 
_symmetry.Int_Tables_number                19 
_symmetry.space_group_name_Hall            ? 
# 
_exptl.entry_id          2YWJ 
_exptl.method            'X-RAY DIFFRACTION' 
_exptl.crystals_number   1 
# 
_exptl_crystal.id                    1 
_exptl_crystal.density_meas          ? 
_exptl_crystal.density_Matthews      1.93 
_exptl_crystal.density_percent_sol   36.26 
_exptl_crystal.description           ? 
_exptl_crystal.F_000                 ? 
_exptl_crystal.preparation           ? 
# 
_exptl_crystal_grow.crystal_id      1 
_exptl_crystal_grow.method          'VAPOR DIFFUSION, SITTING DROP' 
_exptl_crystal_grow.temp            293 
_exptl_crystal_grow.temp_details    ? 
_exptl_crystal_grow.pH              7.5 
_exptl_crystal_grow.pdbx_details    
'20% PEG400, 100MM HEPES, 30% 1,2-propanediol, pH 7.5, VAPOR DIFFUSION, SITTING DROP, temperature 293K' 
_exptl_crystal_grow.pdbx_pH_range   . 
# 
_diffrn.id                     1 
_diffrn.ambient_temp           100 
_diffrn.ambient_temp_details   ? 
_diffrn.crystal_id             1 
# 
_diffrn_detector.diffrn_id              1 
_diffrn_detector.detector               CCD 
_diffrn_detector.type                   'RIGAKU JUPITER 210' 
_diffrn_detector.pdbx_collection_date   2006-12-09 
_diffrn_detector.details                ? 
# 
_diffrn_radiation.diffrn_id                        1 
_diffrn_radiation.wavelength_id                    1 
_diffrn_radiation.pdbx_monochromatic_or_laue_m_l   M 
_diffrn_radiation.monochromator                    'SI Double-Crystal' 
_diffrn_radiation.pdbx_diffrn_protocol             'SINGLE WAVELENGTH' 
_diffrn_radiation.pdbx_scattering_type             x-ray 
# 
_diffrn_radiation_wavelength.id           1 
_diffrn_radiation_wavelength.wavelength   1.0 
_diffrn_radiation_wavelength.wt           1.0 
# 
_diffrn_source.diffrn_id                   1 
_diffrn_source.source                      SYNCHROTRON 
_diffrn_source.type                        'SPRING-8 BEAMLINE BL26B1' 
_diffrn_source.pdbx_synchrotron_site       SPring-8 
_diffrn_source.pdbx_synchrotron_beamline   BL26B1 
_diffrn_source.pdbx_wavelength             ? 
_diffrn_source.pdbx_wavelength_list        1.0 
# 
_reflns.entry_id                     2YWJ 
_reflns.observed_criterion_sigma_I   ? 
_reflns.observed_criterion_sigma_F   ? 
_reflns.d_resolution_low             50.0 
_reflns.d_resolution_high            1.9 
_reflns.number_obs                   13130 
_reflns.number_all                   ? 
_reflns.percent_possible_obs         99.9 
_reflns.pdbx_Rmerge_I_obs            0.092 
_reflns.pdbx_Rsym_value              ? 
_reflns.pdbx_netI_over_sigmaI        22.2 
_reflns.B_iso_Wilson_estimate        9.2 
_reflns.pdbx_redundancy              6.9 
_reflns.R_free_details               ? 
_reflns.limit_h_max                  ? 
_reflns.limit_h_min                  ? 
_reflns.limit_k_max                  ? 
_reflns.limit_k_min                  ? 
_reflns.limit_l_max                  ? 
_reflns.limit_l_min                  ? 
_reflns.observed_criterion_F_max     ? 
_reflns.observed_criterion_F_min     ? 
_reflns.pdbx_chi_squared             ? 
_reflns.pdbx_scaling_rejects         ? 
_reflns.pdbx_ordinal                 1 
_reflns.pdbx_diffrn_id               1 
# 
_reflns_shell.d_res_high             1.90 
_reflns_shell.d_res_low              1.97 
_reflns_shell.percent_possible_all   100.0 
_reflns_shell.Rmerge_I_obs           0.261 
_reflns_shell.pdbx_Rsym_value        ? 
_reflns_shell.meanI_over_sigI_obs    7.44 
_reflns_shell.pdbx_redundancy        7.0 
_reflns_shell.percent_possible_obs   ? 
_reflns_shell.number_unique_all      ? 
_reflns_shell.number_measured_all    ? 
_reflns_shell.number_measured_obs    ? 
_reflns_shell.number_unique_obs      ? 
_reflns_shell.pdbx_chi_squared       ? 
_reflns_shell.pdbx_ordinal           1 
_reflns_shell.pdbx_diffrn_id         1 
# 
_refine.entry_id                                 2YWJ 
_refine.ls_number_reflns_obs                     13088 
_refine.ls_number_reflns_all                     ? 
_refine.pdbx_ls_sigma_I                          ? 
_refine.pdbx_ls_sigma_F                          0.0 
_refine.pdbx_data_cutoff_high_absF               1093376.00 
_refine.pdbx_data_cutoff_low_absF                0.000000 
_refine.pdbx_data_cutoff_high_rms_absF           ? 
_refine.ls_d_res_low                             33.51 
_refine.ls_d_res_high                            1.90 
_refine.ls_percent_reflns_obs                    99.9 
_refine.ls_R_factor_obs                          0.183 
_refine.ls_R_factor_all                          ? 
_refine.ls_R_factor_R_work                       0.183 
_refine.ls_R_factor_R_free                       0.213 
_refine.ls_R_factor_R_free_error                 0.006 
_refine.ls_R_factor_R_free_error_details         ? 
_refine.ls_percent_reflns_R_free                 10.3 
_refine.ls_number_reflns_R_free                  1350 
_refine.ls_number_parameters                     ? 
_refine.ls_number_restraints                     ? 
_refine.occupancy_min                            ? 
_refine.occupancy_max                            ? 
_refine.correlation_coeff_Fo_to_Fc               ? 
_refine.correlation_coeff_Fo_to_Fc_free          ? 
_refine.B_iso_mean                               13.6 
_refine.aniso_B[1][1]                            2.52 
_refine.aniso_B[2][2]                            -1.58 
_refine.aniso_B[3][3]                            -0.94 
_refine.aniso_B[1][2]                            0.00 
_refine.aniso_B[1][3]                            0.00 
_refine.aniso_B[2][3]                            0.00 
_refine.solvent_model_details                    'FLAT MODEL' 
_refine.solvent_model_param_ksol                 0.339247 
_refine.solvent_model_param_bsol                 41.452 
_refine.pdbx_solvent_vdw_probe_radii             ? 
_refine.pdbx_solvent_ion_probe_radii             ? 
_refine.pdbx_solvent_shrinkage_radii             ? 
_refine.pdbx_ls_cross_valid_method               THROUGHOUT 
_refine.details                                  ? 
_refine.pdbx_starting_model                      ? 
_refine.pdbx_method_to_determine_struct          'MOLECULAR REPLACEMENT' 
_refine.pdbx_isotropic_thermal_model             RESTRAINED 
_refine.pdbx_stereochemistry_target_values       ? 
_refine.pdbx_stereochem_target_val_spec_case     ? 
_refine.pdbx_R_Free_selection_details            RANDOM 
_refine.pdbx_overall_ESU_R                       ? 
_refine.pdbx_overall_ESU_R_Free                  ? 
_refine.overall_SU_ML                            ? 
_refine.overall_SU_B                             ? 
_refine.ls_redundancy_reflns_obs                 ? 
_refine.B_iso_min                                ? 
_refine.B_iso_max                                ? 
_refine.overall_SU_R_Cruickshank_DPI             ? 
_refine.overall_SU_R_free                        ? 
_refine.ls_wR_factor_R_free                      ? 
_refine.ls_wR_factor_R_work                      ? 
_refine.overall_FOM_free_R_set                   ? 
_refine.overall_FOM_work_R_set                   ? 
_refine.pdbx_refine_id                           'X-RAY DIFFRACTION' 
_refine.pdbx_diffrn_id                           1 
_refine.pdbx_TLS_residual_ADP_flag               ? 
_refine.pdbx_overall_phase_error                 ? 
_refine.pdbx_overall_SU_R_free_Cruickshank_DPI   ? 
_refine.pdbx_overall_SU_R_Blow_DPI               ? 
_refine.pdbx_overall_SU_R_free_Blow_DPI          ? 
# 
_refine_analyze.entry_id                        2YWJ 
_refine_analyze.Luzzati_coordinate_error_obs    0.18 
_refine_analyze.Luzzati_sigma_a_obs             0.04 
_refine_analyze.Luzzati_d_res_low_obs           5.00 
_refine_analyze.Luzzati_coordinate_error_free   0.22 
_refine_analyze.Luzzati_sigma_a_free            0.10 
_refine_analyze.Luzzati_d_res_low_free          ? 
_refine_analyze.number_disordered_residues      ? 
_refine_analyze.occupancy_sum_hydrogen          ? 
_refine_analyze.occupancy_sum_non_hydrogen      ? 
_refine_analyze.pdbx_Luzzati_d_res_high_obs     ? 
_refine_analyze.pdbx_refine_id                  'X-RAY DIFFRACTION' 
# 
_refine_hist.pdbx_refine_id                   'X-RAY DIFFRACTION' 
_refine_hist.cycle_id                         LAST 
_refine_hist.pdbx_number_atoms_protein        1436 
_refine_hist.pdbx_number_atoms_nucleic_acid   0 
_refine_hist.pdbx_number_atoms_ligand         0 
_refine_hist.number_atoms_solvent             147 
_refine_hist.number_atoms_total               1583 
_refine_hist.d_res_high                       1.90 
_refine_hist.d_res_low                        33.51 
# 
loop_
_refine_ls_restr.type 
_refine_ls_restr.dev_ideal 
_refine_ls_restr.dev_ideal_target 
_refine_ls_restr.weight 
_refine_ls_restr.number 
_refine_ls_restr.pdbx_refine_id 
_refine_ls_restr.pdbx_restraint_function 
c_bond_d           0.005 ?    ? ? 'X-RAY DIFFRACTION' ? 
c_angle_deg        1.2   ?    ? ? 'X-RAY DIFFRACTION' ? 
c_dihedral_angle_d 24.4  ?    ? ? 'X-RAY DIFFRACTION' ? 
c_improper_angle_d 1.18  ?    ? ? 'X-RAY DIFFRACTION' ? 
c_mcbond_it        1.21  1.50 ? ? 'X-RAY DIFFRACTION' ? 
c_mcangle_it       1.79  2.00 ? ? 'X-RAY DIFFRACTION' ? 
c_scbond_it        2.06  2.00 ? ? 'X-RAY DIFFRACTION' ? 
c_scangle_it       3.05  2.50 ? ? 'X-RAY DIFFRACTION' ? 
# 
_refine_ls_shell.pdbx_total_number_of_bins_used   6 
_refine_ls_shell.d_res_high                       1.90 
_refine_ls_shell.d_res_low                        2.02 
_refine_ls_shell.number_reflns_R_work             1882 
_refine_ls_shell.R_factor_R_work                  0.179 
_refine_ls_shell.percent_reflns_obs               99.3 
_refine_ls_shell.R_factor_R_free                  0.211 
_refine_ls_shell.R_factor_R_free_error            0.014 
_refine_ls_shell.percent_reflns_R_free            11.3 
_refine_ls_shell.number_reflns_R_free             239 
_refine_ls_shell.number_reflns_all                ? 
_refine_ls_shell.R_factor_all                     ? 
_refine_ls_shell.number_reflns_obs                ? 
_refine_ls_shell.redundancy_reflns_obs            ? 
_refine_ls_shell.pdbx_refine_id                   'X-RAY DIFFRACTION' 
# 
loop_
_pdbx_xplor_file.serial_no 
_pdbx_xplor_file.param_file 
_pdbx_xplor_file.topol_file 
_pdbx_xplor_file.pdbx_refine_id 
1 protein_rep.param protein.top 'X-RAY DIFFRACTION' 
2 water_rep.param   water.top   'X-RAY DIFFRACTION' 
# 
_struct.entry_id                  2YWJ 
_struct.title                     'Crystal structure of uncharacterized conserved protein from Methanocaldococcus jannaschii' 
_struct.pdbx_model_details        ? 
_struct.pdbx_CASP_flag            ? 
_struct.pdbx_model_type_details   ? 
# 
_struct_keywords.entry_id        2YWJ 
_struct_keywords.pdbx_keywords   TRANSFERASE 
_struct_keywords.text            
;Uncharacterized conserved protein, Structural Genomics, NPPSFA, National Project on Protein Structural and Functional Analyses, RIKEN Structural Genomics/Proteomics Initiative, RSGI, Transferase
;
# 
loop_
_struct_asym.id 
_struct_asym.pdbx_blank_PDB_chainid_flag 
_struct_asym.pdbx_modified 
_struct_asym.entity_id 
_struct_asym.details 
A N N 1 ? 
B N N 2 ? 
# 
_struct_ref.id                         1 
_struct_ref.db_name                    UNP 
_struct_ref.db_code                    PDXT_METJA 
_struct_ref.pdbx_db_accession          Q59055 
_struct_ref.entity_id                  1 
_struct_ref.pdbx_seq_one_letter_code   
;MIIGVLAIQGDVEEHEEAIKKAGYEAKKVKRVEDLEGIDALIIPGGESTAIGKLMKKYGLLEKIKNSNLPILGTCAGMVL
LSKGTGINQILLELMDITVKRNAYGRQVDSFEKEIEFKDLGKVYGVFIRAPVVDKILSDDVEVIARDGDKIVGVKQGKYM
ALSFHPELSEDGYKVYKYFVENCVKK
;
_struct_ref.pdbx_align_begin           1 
_struct_ref.pdbx_db_isoform            ? 
# 
_struct_ref_seq.align_id                      1 
_struct_ref_seq.ref_id                        1 
_struct_ref_seq.pdbx_PDB_id_code              2YWJ 
_struct_ref_seq.pdbx_strand_id                A 
_struct_ref_seq.seq_align_beg                 1 
_struct_ref_seq.pdbx_seq_align_beg_ins_code   ? 
_struct_ref_seq.seq_align_end                 186 
_struct_ref_seq.pdbx_seq_align_end_ins_code   ? 
_struct_ref_seq.pdbx_db_accession             Q59055 
_struct_ref_seq.db_align_beg                  1 
_struct_ref_seq.pdbx_db_align_beg_ins_code    ? 
_struct_ref_seq.db_align_end                  186 
_struct_ref_seq.pdbx_db_align_end_ins_code    ? 
_struct_ref_seq.pdbx_auth_seq_align_beg       1 
_struct_ref_seq.pdbx_auth_seq_align_end       186 
# 
_pdbx_struct_assembly.id                   1 
_pdbx_struct_assembly.details              author_defined_assembly 
_pdbx_struct_assembly.method_details       ? 
_pdbx_struct_assembly.oligomeric_details   monomeric 
_pdbx_struct_assembly.oligomeric_count     1 
# 
_pdbx_struct_assembly_gen.assembly_id       1 
_pdbx_struct_assembly_gen.oper_expression   1 
_pdbx_struct_assembly_gen.asym_id_list      A,B 
# 
_pdbx_struct_oper_list.id                   1 
_pdbx_struct_oper_list.type                 'identity operation' 
_pdbx_struct_oper_list.name                 1_555 
_pdbx_struct_oper_list.symmetry_operation   x,y,z 
_pdbx_struct_oper_list.matrix[1][1]         1.0000000000 
_pdbx_struct_oper_list.matrix[1][2]         0.0000000000 
_pdbx_struct_oper_list.matrix[1][3]         0.0000000000 
_pdbx_struct_oper_list.vector[1]            0.0000000000 
_pdbx_struct_oper_list.matrix[2][1]         0.0000000000 
_pdbx_struct_oper_list.matrix[2][2]         1.0000000000 
_pdbx_struct_oper_list.matrix[2][3]         0.0000000000 
_pdbx_struct_oper_list.vector[2]            0.0000000000 
_pdbx_struct_oper_list.matrix[3][1]         0.0000000000 
_pdbx_struct_oper_list.matrix[3][2]         0.0000000000 
_pdbx_struct_oper_list.matrix[3][3]         1.0000000000 
_pdbx_struct_oper_list.vector[3]            0.0000000000 
# 
_struct_biol.id   1 
# 
loop_
_struct_conf.conf_type_id 
_struct_conf.id 
_struct_conf.pdbx_PDB_helix_id 
_struct_conf.beg_label_comp_id 
_struct_conf.beg_label_asym_id 
_struct_conf.beg_label_seq_id 
_struct_conf.pdbx_beg_PDB_ins_code 
_struct_conf.end_label_comp_id 
_struct_conf.end_label_asym_id 
_struct_conf.end_label_seq_id 
_struct_conf.pdbx_end_PDB_ins_code 
_struct_conf.beg_auth_comp_id 
_struct_conf.beg_auth_asym_id 
_struct_conf.beg_auth_seq_id 
_struct_conf.end_auth_comp_id 
_struct_conf.end_auth_asym_id 
_struct_conf.end_auth_seq_id 
_struct_conf.pdbx_PDB_helix_class 
_struct_conf.details 
_struct_conf.pdbx_PDB_helix_length 
HELX_P HELX_P1 1 VAL A 12  ? ALA A 22  ? VAL A 12  ALA A 22  1 ? 11 
HELX_P HELX_P2 2 ARG A 31  ? GLU A 36  ? ARG A 31  GLU A 36  5 ? 6  
HELX_P HELX_P3 3 GLU A 47  ? TYR A 58  ? GLU A 47  TYR A 58  1 ? 12 
HELX_P HELX_P4 4 GLY A 59  ? ASN A 66  ? GLY A 59  ASN A 66  1 ? 8  
HELX_P HELX_P5 5 CYS A 75  ? SER A 82  ? CYS A 75  SER A 82  1 ? 8  
HELX_P HELX_P6 6 HIS A 165 ? SER A 169 ? HIS A 165 SER A 169 5 ? 5  
HELX_P HELX_P7 7 ASP A 171 ? VAL A 184 ? ASP A 171 VAL A 184 1 ? 14 
# 
_struct_conf_type.id          HELX_P 
_struct_conf_type.criteria    ? 
_struct_conf_type.reference   ? 
# 
loop_
_struct_sheet.id 
_struct_sheet.type 
_struct_sheet.number_strands 
_struct_sheet.details 
A ? 7 ? 
B ? 2 ? 
C ? 2 ? 
# 
loop_
_struct_sheet_order.sheet_id 
_struct_sheet_order.range_id_1 
_struct_sheet_order.range_id_2 
_struct_sheet_order.offset 
_struct_sheet_order.sense 
A 1 2 ? parallel      
A 2 3 ? parallel      
A 3 4 ? parallel      
A 4 5 ? parallel      
A 5 6 ? anti-parallel 
A 6 7 ? anti-parallel 
B 1 2 ? anti-parallel 
C 1 2 ? anti-parallel 
# 
loop_
_struct_sheet_range.sheet_id 
_struct_sheet_range.id 
_struct_sheet_range.beg_label_comp_id 
_struct_sheet_range.beg_label_asym_id 
_struct_sheet_range.beg_label_seq_id 
_struct_sheet_range.pdbx_beg_PDB_ins_code 
_struct_sheet_range.end_label_comp_id 
_struct_sheet_range.end_label_asym_id 
_struct_sheet_range.end_label_seq_id 
_struct_sheet_range.pdbx_end_PDB_ins_code 
_struct_sheet_range.beg_auth_comp_id 
_struct_sheet_range.beg_auth_asym_id 
_struct_sheet_range.beg_auth_seq_id 
_struct_sheet_range.end_auth_comp_id 
_struct_sheet_range.end_auth_asym_id 
_struct_sheet_range.end_auth_seq_id 
A 1 GLU A 25  ? VAL A 29  ? GLU A 25  VAL A 29  
A 2 ILE A 2   ? LEU A 6   ? ILE A 2   LEU A 6   
A 3 ALA A 40  ? ILE A 43  ? ALA A 40  ILE A 43  
A 4 ILE A 71  ? THR A 74  ? ILE A 71  THR A 74  
A 5 TYR A 159 ? LEU A 162 ? TYR A 159 LEU A 162 
A 6 LYS A 150 ? GLN A 156 ? LYS A 150 GLN A 156 
A 7 GLU A 142 ? ASP A 147 ? GLU A 142 ASP A 147 
B 1 ILE A 97  ? LYS A 100 ? ILE A 97  LYS A 100 
B 2 VAL A 132 ? ILE A 136 ? VAL A 132 ILE A 136 
C 1 PHE A 111 ? PHE A 117 ? PHE A 111 PHE A 117 
C 2 GLY A 121 ? PHE A 127 ? GLY A 121 PHE A 127 
# 
loop_
_pdbx_struct_sheet_hbond.sheet_id 
_pdbx_struct_sheet_hbond.range_id_1 
_pdbx_struct_sheet_hbond.range_id_2 
_pdbx_struct_sheet_hbond.range_1_label_atom_id 
_pdbx_struct_sheet_hbond.range_1_label_comp_id 
_pdbx_struct_sheet_hbond.range_1_label_asym_id 
_pdbx_struct_sheet_hbond.range_1_label_seq_id 
_pdbx_struct_sheet_hbond.range_1_PDB_ins_code 
_pdbx_struct_sheet_hbond.range_1_auth_atom_id 
_pdbx_struct_sheet_hbond.range_1_auth_comp_id 
_pdbx_struct_sheet_hbond.range_1_auth_asym_id 
_pdbx_struct_sheet_hbond.range_1_auth_seq_id 
_pdbx_struct_sheet_hbond.range_2_label_atom_id 
_pdbx_struct_sheet_hbond.range_2_label_comp_id 
_pdbx_struct_sheet_hbond.range_2_label_asym_id 
_pdbx_struct_sheet_hbond.range_2_label_seq_id 
_pdbx_struct_sheet_hbond.range_2_PDB_ins_code 
_pdbx_struct_sheet_hbond.range_2_auth_atom_id 
_pdbx_struct_sheet_hbond.range_2_auth_comp_id 
_pdbx_struct_sheet_hbond.range_2_auth_asym_id 
_pdbx_struct_sheet_hbond.range_2_auth_seq_id 
A 1 2 O GLU A 25  ? O GLU A 25  N ILE A 3   ? N ILE A 3   
A 2 3 N LEU A 6   ? N LEU A 6   O ILE A 42  ? O ILE A 42  
A 3 4 N ILE A 43  ? N ILE A 43  O LEU A 72  ? O LEU A 72  
A 4 5 N GLY A 73  ? N GLY A 73  O MET A 160 ? O MET A 160 
A 5 6 O TYR A 159 ? O TYR A 159 N GLN A 156 ? N GLN A 156 
A 6 7 O LYS A 155 ? O LYS A 155 N GLU A 142 ? N GLU A 142 
B 1 2 N LYS A 100 ? N LYS A 100 O VAL A 132 ? O VAL A 132 
C 1 2 N ILE A 115 ? N ILE A 115 O VAL A 123 ? O VAL A 123 
# 
loop_
_pdbx_validate_torsion.id 
_pdbx_validate_torsion.PDB_model_num 
_pdbx_validate_torsion.auth_comp_id 
_pdbx_validate_torsion.auth_asym_id 
_pdbx_validate_torsion.auth_seq_id 
_pdbx_validate_torsion.PDB_ins_code 
_pdbx_validate_torsion.label_alt_id 
_pdbx_validate_torsion.phi 
_pdbx_validate_torsion.psi 
1 1 ALA A 7   ? ? -158.05 69.06  
2 1 CYS A 75  ? ? 56.53   -99.36 
3 1 LEU A 120 ? ? -129.74 -68.60 
4 1 ASP A 134 ? ? -102.60 -86.90 
# 
_pdbx_SG_project.id                    1 
_pdbx_SG_project.project_name          'NPPSFA, National Project on Protein Structural and Functional Analyses' 
_pdbx_SG_project.full_name_of_center   'RIKEN Structural Genomics/Proteomics Initiative' 
_pdbx_SG_project.initial_of_center     RSGI 
# 
_pdbx_unobs_or_zero_occ_residues.id               1 
_pdbx_unobs_or_zero_occ_residues.PDB_model_num    1 
_pdbx_unobs_or_zero_occ_residues.polymer_flag     Y 
_pdbx_unobs_or_zero_occ_residues.occupancy_flag   1 
_pdbx_unobs_or_zero_occ_residues.auth_asym_id     A 
_pdbx_unobs_or_zero_occ_residues.auth_comp_id     LYS 
_pdbx_unobs_or_zero_occ_residues.auth_seq_id      186 
_pdbx_unobs_or_zero_occ_residues.PDB_ins_code     ? 
_pdbx_unobs_or_zero_occ_residues.label_asym_id    A 
_pdbx_unobs_or_zero_occ_residues.label_comp_id    LYS 
_pdbx_unobs_or_zero_occ_residues.label_seq_id     186 
# 
loop_
_chem_comp_atom.comp_id 
_chem_comp_atom.atom_id 
_chem_comp_atom.type_symbol 
_chem_comp_atom.pdbx_aromatic_flag 
_chem_comp_atom.pdbx_stereo_config 
_chem_comp_atom.pdbx_ordinal 
ALA N    N N N 1   
ALA CA   C N S 2   
ALA C    C N N 3   
ALA O    O N N 4   
ALA CB   C N N 5   
ALA OXT  O N N 6   
ALA H    H N N 7   
ALA H2   H N N 8   
ALA HA   H N N 9   
ALA HB1  H N N 10  
ALA HB2  H N N 11  
ALA HB3  H N N 12  
ALA HXT  H N N 13  
ARG N    N N N 14  
ARG CA   C N S 15  
ARG C    C N N 16  
ARG O    O N N 17  
ARG CB   C N N 18  
ARG CG   C N N 19  
ARG CD   C N N 20  
ARG NE   N N N 21  
ARG CZ   C N N 22  
ARG NH1  N N N 23  
ARG NH2  N N N 24  
ARG OXT  O N N 25  
ARG H    H N N 26  
ARG H2   H N N 27  
ARG HA   H N N 28  
ARG HB2  H N N 29  
ARG HB3  H N N 30  
ARG HG2  H N N 31  
ARG HG3  H N N 32  
ARG HD2  H N N 33  
ARG HD3  H N N 34  
ARG HE   H N N 35  
ARG HH11 H N N 36  
ARG HH12 H N N 37  
ARG HH21 H N N 38  
ARG HH22 H N N 39  
ARG HXT  H N N 40  
ASN N    N N N 41  
ASN CA   C N S 42  
ASN C    C N N 43  
ASN O    O N N 44  
ASN CB   C N N 45  
ASN CG   C N N 46  
ASN OD1  O N N 47  
ASN ND2  N N N 48  
ASN OXT  O N N 49  
ASN H    H N N 50  
ASN H2   H N N 51  
ASN HA   H N N 52  
ASN HB2  H N N 53  
ASN HB3  H N N 54  
ASN HD21 H N N 55  
ASN HD22 H N N 56  
ASN HXT  H N N 57  
ASP N    N N N 58  
ASP CA   C N S 59  
ASP C    C N N 60  
ASP O    O N N 61  
ASP CB   C N N 62  
ASP CG   C N N 63  
ASP OD1  O N N 64  
ASP OD2  O N N 65  
ASP OXT  O N N 66  
ASP H    H N N 67  
ASP H2   H N N 68  
ASP HA   H N N 69  
ASP HB2  H N N 70  
ASP HB3  H N N 71  
ASP HD2  H N N 72  
ASP HXT  H N N 73  
CYS N    N N N 74  
CYS CA   C N R 75  
CYS C    C N N 76  
CYS O    O N N 77  
CYS CB   C N N 78  
CYS SG   S N N 79  
CYS OXT  O N N 80  
CYS H    H N N 81  
CYS H2   H N N 82  
CYS HA   H N N 83  
CYS HB2  H N N 84  
CYS HB3  H N N 85  
CYS HG   H N N 86  
CYS HXT  H N N 87  
GLN N    N N N 88  
GLN CA   C N S 89  
GLN C    C N N 90  
GLN O    O N N 91  
GLN CB   C N N 92  
GLN CG   C N N 93  
GLN CD   C N N 94  
GLN OE1  O N N 95  
GLN NE2  N N N 96  
GLN OXT  O N N 97  
GLN H    H N N 98  
GLN H2   H N N 99  
GLN HA   H N N 100 
GLN HB2  H N N 101 
GLN HB3  H N N 102 
GLN HG2  H N N 103 
GLN HG3  H N N 104 
GLN HE21 H N N 105 
GLN HE22 H N N 106 
GLN HXT  H N N 107 
GLU N    N N N 108 
GLU CA   C N S 109 
GLU C    C N N 110 
GLU O    O N N 111 
GLU CB   C N N 112 
GLU CG   C N N 113 
GLU CD   C N N 114 
GLU OE1  O N N 115 
GLU OE2  O N N 116 
GLU OXT  O N N 117 
GLU H    H N N 118 
GLU H2   H N N 119 
GLU HA   H N N 120 
GLU HB2  H N N 121 
GLU HB3  H N N 122 
GLU HG2  H N N 123 
GLU HG3  H N N 124 
GLU HE2  H N N 125 
GLU HXT  H N N 126 
GLY N    N N N 127 
GLY CA   C N N 128 
GLY C    C N N 129 
GLY O    O N N 130 
GLY OXT  O N N 131 
GLY H    H N N 132 
GLY H2   H N N 133 
GLY HA2  H N N 134 
GLY HA3  H N N 135 
GLY HXT  H N N 136 
HIS N    N N N 137 
HIS CA   C N S 138 
HIS C    C N N 139 
HIS O    O N N 140 
HIS CB   C N N 141 
HIS CG   C Y N 142 
HIS ND1  N Y N 143 
HIS CD2  C Y N 144 
HIS CE1  C Y N 145 
HIS NE2  N Y N 146 
HIS OXT  O N N 147 
HIS H    H N N 148 
HIS H2   H N N 149 
HIS HA   H N N 150 
HIS HB2  H N N 151 
HIS HB3  H N N 152 
HIS HD1  H N N 153 
HIS HD2  H N N 154 
HIS HE1  H N N 155 
HIS HE2  H N N 156 
HIS HXT  H N N 157 
HOH O    O N N 158 
HOH H1   H N N 159 
HOH H2   H N N 160 
ILE N    N N N 161 
ILE CA   C N S 162 
ILE C    C N N 163 
ILE O    O N N 164 
ILE CB   C N S 165 
ILE CG1  C N N 166 
ILE CG2  C N N 167 
ILE CD1  C N N 168 
ILE OXT  O N N 169 
ILE H    H N N 170 
ILE H2   H N N 171 
ILE HA   H N N 172 
ILE HB   H N N 173 
ILE HG12 H N N 174 
ILE HG13 H N N 175 
ILE HG21 H N N 176 
ILE HG22 H N N 177 
ILE HG23 H N N 178 
ILE HD11 H N N 179 
ILE HD12 H N N 180 
ILE HD13 H N N 181 
ILE HXT  H N N 182 
LEU N    N N N 183 
LEU CA   C N S 184 
LEU C    C N N 185 
LEU O    O N N 186 
LEU CB   C N N 187 
LEU CG   C N N 188 
LEU CD1  C N N 189 
LEU CD2  C N N 190 
LEU OXT  O N N 191 
LEU H    H N N 192 
LEU H2   H N N 193 
LEU HA   H N N 194 
LEU HB2  H N N 195 
LEU HB3  H N N 196 
LEU HG   H N N 197 
LEU HD11 H N N 198 
LEU HD12 H N N 199 
LEU HD13 H N N 200 
LEU HD21 H N N 201 
LEU HD22 H N N 202 
LEU HD23 H N N 203 
LEU HXT  H N N 204 
LYS N    N N N 205 
LYS CA   C N S 206 
LYS C    C N N 207 
LYS O    O N N 208 
LYS CB   C N N 209 
LYS CG   C N N 210 
LYS CD   C N N 211 
LYS CE   C N N 212 
LYS NZ   N N N 213 
LYS OXT  O N N 214 
LYS H    H N N 215 
LYS H2   H N N 216 
LYS HA   H N N 217 
LYS HB2  H N N 218 
LYS HB3  H N N 219 
LYS HG2  H N N 220 
LYS HG3  H N N 221 
LYS HD2  H N N 222 
LYS HD3  H N N 223 
LYS HE2  H N N 224 
LYS HE3  H N N 225 
LYS HZ1  H N N 226 
LYS HZ2  H N N 227 
LYS HZ3  H N N 228 
LYS HXT  H N N 229 
MET N    N N N 230 
MET CA   C N S 231 
MET C    C N N 232 
MET O    O N N 233 
MET CB   C N N 234 
MET CG   C N N 235 
MET SD   S N N 236 
MET CE   C N N 237 
MET OXT  O N N 238 
MET H    H N N 239 
MET H2   H N N 240 
MET HA   H N N 241 
MET HB2  H N N 242 
MET HB3  H N N 243 
MET HG2  H N N 244 
MET HG3  H N N 245 
MET HE1  H N N 246 
MET HE2  H N N 247 
MET HE3  H N N 248 
MET HXT  H N N 249 
PHE N    N N N 250 
PHE CA   C N S 251 
PHE C    C N N 252 
PHE O    O N N 253 
PHE CB   C N N 254 
PHE CG   C Y N 255 
PHE CD1  C Y N 256 
PHE CD2  C Y N 257 
PHE CE1  C Y N 258 
PHE CE2  C Y N 259 
PHE CZ   C Y N 260 
PHE OXT  O N N 261 
PHE H    H N N 262 
PHE H2   H N N 263 
PHE HA   H N N 264 
PHE HB2  H N N 265 
PHE HB3  H N N 266 
PHE HD1  H N N 267 
PHE HD2  H N N 268 
PHE HE1  H N N 269 
PHE HE2  H N N 270 
PHE HZ   H N N 271 
PHE HXT  H N N 272 
PRO N    N N N 273 
PRO CA   C N S 274 
PRO C    C N N 275 
PRO O    O N N 276 
PRO CB   C N N 277 
PRO CG   C N N 278 
PRO CD   C N N 279 
PRO OXT  O N N 280 
PRO H    H N N 281 
PRO HA   H N N 282 
PRO HB2  H N N 283 
PRO HB3  H N N 284 
PRO HG2  H N N 285 
PRO HG3  H N N 286 
PRO HD2  H N N 287 
PRO HD3  H N N 288 
PRO HXT  H N N 289 
SER N    N N N 290 
SER CA   C N S 291 
SER C    C N N 292 
SER O    O N N 293 
SER CB   C N N 294 
SER OG   O N N 295 
SER OXT  O N N 296 
SER H    H N N 297 
SER H2   H N N 298 
SER HA   H N N 299 
SER HB2  H N N 300 
SER HB3  H N N 301 
SER HG   H N N 302 
SER HXT  H N N 303 
THR N    N N N 304 
THR CA   C N S 305 
THR C    C N N 306 
THR O    O N N 307 
THR CB   C N R 308 
THR OG1  O N N 309 
THR CG2  C N N 310 
THR OXT  O N N 311 
THR H    H N N 312 
THR H2   H N N 313 
THR HA   H N N 314 
THR HB   H N N 315 
THR HG1  H N N 316 
THR HG21 H N N 317 
THR HG22 H N N 318 
THR HG23 H N N 319 
THR HXT  H N N 320 
TYR N    N N N 321 
TYR CA   C N S 322 
TYR C    C N N 323 
TYR O    O N N 324 
TYR CB   C N N 325 
TYR CG   C Y N 326 
TYR CD1  C Y N 327 
TYR CD2  C Y N 328 
TYR CE1  C Y N 329 
TYR CE2  C Y N 330 
TYR CZ   C Y N 331 
TYR OH   O N N 332 
TYR OXT  O N N 333 
TYR H    H N N 334 
TYR H2   H N N 335 
TYR HA   H N N 336 
TYR HB2  H N N 337 
TYR HB3  H N N 338 
TYR HD1  H N N 339 
TYR HD2  H N N 340 
TYR HE1  H N N 341 
TYR HE2  H N N 342 
TYR HH   H N N 343 
TYR HXT  H N N 344 
VAL N    N N N 345 
VAL CA   C N S 346 
VAL C    C N N 347 
VAL O    O N N 348 
VAL CB   C N N 349 
VAL CG1  C N N 350 
VAL CG2  C N N 351 
VAL OXT  O N N 352 
VAL H    H N N 353 
VAL H2   H N N 354 
VAL HA   H N N 355 
VAL HB   H N N 356 
VAL HG11 H N N 357 
VAL HG12 H N N 358 
VAL HG13 H N N 359 
VAL HG21 H N N 360 
VAL HG22 H N N 361 
VAL HG23 H N N 362 
VAL HXT  H N N 363 
# 
loop_
_chem_comp_bond.comp_id 
_chem_comp_bond.atom_id_1 
_chem_comp_bond.atom_id_2 
_chem_comp_bond.value_order 
_chem_comp_bond.pdbx_aromatic_flag 
_chem_comp_bond.pdbx_stereo_config 
_chem_comp_bond.pdbx_ordinal 
ALA N   CA   sing N N 1   
ALA N   H    sing N N 2   
ALA N   H2   sing N N 3   
ALA CA  C    sing N N 4   
ALA CA  CB   sing N N 5   
ALA CA  HA   sing N N 6   
ALA C   O    doub N N 7   
ALA C   OXT  sing N N 8   
ALA CB  HB1  sing N N 9   
ALA CB  HB2  sing N N 10  
ALA CB  HB3  sing N N 11  
ALA OXT HXT  sing N N 12  
ARG N   CA   sing N N 13  
ARG N   H    sing N N 14  
ARG N   H2   sing N N 15  
ARG CA  C    sing N N 16  
ARG CA  CB   sing N N 17  
ARG CA  HA   sing N N 18  
ARG C   O    doub N N 19  
ARG C   OXT  sing N N 20  
ARG CB  CG   sing N N 21  
ARG CB  HB2  sing N N 22  
ARG CB  HB3  sing N N 23  
ARG CG  CD   sing N N 24  
ARG CG  HG2  sing N N 25  
ARG CG  HG3  sing N N 26  
ARG CD  NE   sing N N 27  
ARG CD  HD2  sing N N 28  
ARG CD  HD3  sing N N 29  
ARG NE  CZ   sing N N 30  
ARG NE  HE   sing N N 31  
ARG CZ  NH1  sing N N 32  
ARG CZ  NH2  doub N N 33  
ARG NH1 HH11 sing N N 34  
ARG NH1 HH12 sing N N 35  
ARG NH2 HH21 sing N N 36  
ARG NH2 HH22 sing N N 37  
ARG OXT HXT  sing N N 38  
ASN N   CA   sing N N 39  
ASN N   H    sing N N 40  
ASN N   H2   sing N N 41  
ASN CA  C    sing N N 42  
ASN CA  CB   sing N N 43  
ASN CA  HA   sing N N 44  
ASN C   O    doub N N 45  
ASN C   OXT  sing N N 46  
ASN CB  CG   sing N N 47  
ASN CB  HB2  sing N N 48  
ASN CB  HB3  sing N N 49  
ASN CG  OD1  doub N N 50  
ASN CG  ND2  sing N N 51  
ASN ND2 HD21 sing N N 52  
ASN ND2 HD22 sing N N 53  
ASN OXT HXT  sing N N 54  
ASP N   CA   sing N N 55  
ASP N   H    sing N N 56  
ASP N   H2   sing N N 57  
ASP CA  C    sing N N 58  
ASP CA  CB   sing N N 59  
ASP CA  HA   sing N N 60  
ASP C   O    doub N N 61  
ASP C   OXT  sing N N 62  
ASP CB  CG   sing N N 63  
ASP CB  HB2  sing N N 64  
ASP CB  HB3  sing N N 65  
ASP CG  OD1  doub N N 66  
ASP CG  OD2  sing N N 67  
ASP OD2 HD2  sing N N 68  
ASP OXT HXT  sing N N 69  
CYS N   CA   sing N N 70  
CYS N   H    sing N N 71  
CYS N   H2   sing N N 72  
CYS CA  C    sing N N 73  
CYS CA  CB   sing N N 74  
CYS CA  HA   sing N N 75  
CYS C   O    doub N N 76  
CYS C   OXT  sing N N 77  
CYS CB  SG   sing N N 78  
CYS CB  HB2  sing N N 79  
CYS CB  HB3  sing N N 80  
CYS SG  HG   sing N N 81  
CYS OXT HXT  sing N N 82  
GLN N   CA   sing N N 83  
GLN N   H    sing N N 84  
GLN N   H2   sing N N 85  
GLN CA  C    sing N N 86  
GLN CA  CB   sing N N 87  
GLN CA  HA   sing N N 88  
GLN C   O    doub N N 89  
GLN C   OXT  sing N N 90  
GLN CB  CG   sing N N 91  
GLN CB  HB2  sing N N 92  
GLN CB  HB3  sing N N 93  
GLN CG  CD   sing N N 94  
GLN CG  HG2  sing N N 95  
GLN CG  HG3  sing N N 96  
GLN CD  OE1  doub N N 97  
GLN CD  NE2  sing N N 98  
GLN NE2 HE21 sing N N 99  
GLN NE2 HE22 sing N N 100 
GLN OXT HXT  sing N N 101 
GLU N   CA   sing N N 102 
GLU N   H    sing N N 103 
GLU N   H2   sing N N 104 
GLU CA  C    sing N N 105 
GLU CA  CB   sing N N 106 
GLU CA  HA   sing N N 107 
GLU C   O    doub N N 108 
GLU C   OXT  sing N N 109 
GLU CB  CG   sing N N 110 
GLU CB  HB2  sing N N 111 
GLU CB  HB3  sing N N 112 
GLU CG  CD   sing N N 113 
GLU CG  HG2  sing N N 114 
GLU CG  HG3  sing N N 115 
GLU CD  OE1  doub N N 116 
GLU CD  OE2  sing N N 117 
GLU OE2 HE2  sing N N 118 
GLU OXT HXT  sing N N 119 
GLY N   CA   sing N N 120 
GLY N   H    sing N N 121 
GLY N   H2   sing N N 122 
GLY CA  C    sing N N 123 
GLY CA  HA2  sing N N 124 
GLY CA  HA3  sing N N 125 
GLY C   O    doub N N 126 
GLY C   OXT  sing N N 127 
GLY OXT HXT  sing N N 128 
HIS N   CA   sing N N 129 
HIS N   H    sing N N 130 
HIS N   H2   sing N N 131 
HIS CA  C    sing N N 132 
HIS CA  CB   sing N N 133 
HIS CA  HA   sing N N 134 
HIS C   O    doub N N 135 
HIS C   OXT  sing N N 136 
HIS CB  CG   sing N N 137 
HIS CB  HB2  sing N N 138 
HIS CB  HB3  sing N N 139 
HIS CG  ND1  sing Y N 140 
HIS CG  CD2  doub Y N 141 
HIS ND1 CE1  doub Y N 142 
HIS ND1 HD1  sing N N 143 
HIS CD2 NE2  sing Y N 144 
HIS CD2 HD2  sing N N 145 
HIS CE1 NE2  sing Y N 146 
HIS CE1 HE1  sing N N 147 
HIS NE2 HE2  sing N N 148 
HIS OXT HXT  sing N N 149 
HOH O   H1   sing N N 150 
HOH O   H2   sing N N 151 
ILE N   CA   sing N N 152 
ILE N   H    sing N N 153 
ILE N   H2   sing N N 154 
ILE CA  C    sing N N 155 
ILE CA  CB   sing N N 156 
ILE CA  HA   sing N N 157 
ILE C   O    doub N N 158 
ILE C   OXT  sing N N 159 
ILE CB  CG1  sing N N 160 
ILE CB  CG2  sing N N 161 
ILE CB  HB   sing N N 162 
ILE CG1 CD1  sing N N 163 
ILE CG1 HG12 sing N N 164 
ILE CG1 HG13 sing N N 165 
ILE CG2 HG21 sing N N 166 
ILE CG2 HG22 sing N N 167 
ILE CG2 HG23 sing N N 168 
ILE CD1 HD11 sing N N 169 
ILE CD1 HD12 sing N N 170 
ILE CD1 HD13 sing N N 171 
ILE OXT HXT  sing N N 172 
LEU N   CA   sing N N 173 
LEU N   H    sing N N 174 
LEU N   H2   sing N N 175 
LEU CA  C    sing N N 176 
LEU CA  CB   sing N N 177 
LEU CA  HA   sing N N 178 
LEU C   O    doub N N 179 
LEU C   OXT  sing N N 180 
LEU CB  CG   sing N N 181 
LEU CB  HB2  sing N N 182 
LEU CB  HB3  sing N N 183 
LEU CG  CD1  sing N N 184 
LEU CG  CD2  sing N N 185 
LEU CG  HG   sing N N 186 
LEU CD1 HD11 sing N N 187 
LEU CD1 HD12 sing N N 188 
LEU CD1 HD13 sing N N 189 
LEU CD2 HD21 sing N N 190 
LEU CD2 HD22 sing N N 191 
LEU CD2 HD23 sing N N 192 
LEU OXT HXT  sing N N 193 
LYS N   CA   sing N N 194 
LYS N   H    sing N N 195 
LYS N   H2   sing N N 196 
LYS CA  C    sing N N 197 
LYS CA  CB   sing N N 198 
LYS CA  HA   sing N N 199 
LYS C   O    doub N N 200 
LYS C   OXT  sing N N 201 
LYS CB  CG   sing N N 202 
LYS CB  HB2  sing N N 203 
LYS CB  HB3  sing N N 204 
LYS CG  CD   sing N N 205 
LYS CG  HG2  sing N N 206 
LYS CG  HG3  sing N N 207 
LYS CD  CE   sing N N 208 
LYS CD  HD2  sing N N 209 
LYS CD  HD3  sing N N 210 
LYS CE  NZ   sing N N 211 
LYS CE  HE2  sing N N 212 
LYS CE  HE3  sing N N 213 
LYS NZ  HZ1  sing N N 214 
LYS NZ  HZ2  sing N N 215 
LYS NZ  HZ3  sing N N 216 
LYS OXT HXT  sing N N 217 
MET N   CA   sing N N 218 
MET N   H    sing N N 219 
MET N   H2   sing N N 220 
MET CA  C    sing N N 221 
MET CA  CB   sing N N 222 
MET CA  HA   sing N N 223 
MET C   O    doub N N 224 
MET C   OXT  sing N N 225 
MET CB  CG   sing N N 226 
MET CB  HB2  sing N N 227 
MET CB  HB3  sing N N 228 
MET CG  SD   sing N N 229 
MET CG  HG2  sing N N 230 
MET CG  HG3  sing N N 231 
MET SD  CE   sing N N 232 
MET CE  HE1  sing N N 233 
MET CE  HE2  sing N N 234 
MET CE  HE3  sing N N 235 
MET OXT HXT  sing N N 236 
PHE N   CA   sing N N 237 
PHE N   H    sing N N 238 
PHE N   H2   sing N N 239 
PHE CA  C    sing N N 240 
PHE CA  CB   sing N N 241 
PHE CA  HA   sing N N 242 
PHE C   O    doub N N 243 
PHE C   OXT  sing N N 244 
PHE CB  CG   sing N N 245 
PHE CB  HB2  sing N N 246 
PHE CB  HB3  sing N N 247 
PHE CG  CD1  doub Y N 248 
PHE CG  CD2  sing Y N 249 
PHE CD1 CE1  sing Y N 250 
PHE CD1 HD1  sing N N 251 
PHE CD2 CE2  doub Y N 252 
PHE CD2 HD2  sing N N 253 
PHE CE1 CZ   doub Y N 254 
PHE CE1 HE1  sing N N 255 
PHE CE2 CZ   sing Y N 256 
PHE CE2 HE2  sing N N 257 
PHE CZ  HZ   sing N N 258 
PHE OXT HXT  sing N N 259 
PRO N   CA   sing N N 260 
PRO N   CD   sing N N 261 
PRO N   H    sing N N 262 
PRO CA  C    sing N N 263 
PRO CA  CB   sing N N 264 
PRO CA  HA   sing N N 265 
PRO C   O    doub N N 266 
PRO C   OXT  sing N N 267 
PRO CB  CG   sing N N 268 
PRO CB  HB2  sing N N 269 
PRO CB  HB3  sing N N 270 
PRO CG  CD   sing N N 271 
PRO CG  HG2  sing N N 272 
PRO CG  HG3  sing N N 273 
PRO CD  HD2  sing N N 274 
PRO CD  HD3  sing N N 275 
PRO OXT HXT  sing N N 276 
SER N   CA   sing N N 277 
SER N   H    sing N N 278 
SER N   H2   sing N N 279 
SER CA  C    sing N N 280 
SER CA  CB   sing N N 281 
SER CA  HA   sing N N 282 
SER C   O    doub N N 283 
SER C   OXT  sing N N 284 
SER CB  OG   sing N N 285 
SER CB  HB2  sing N N 286 
SER CB  HB3  sing N N 287 
SER OG  HG   sing N N 288 
SER OXT HXT  sing N N 289 
THR N   CA   sing N N 290 
THR N   H    sing N N 291 
THR N   H2   sing N N 292 
THR CA  C    sing N N 293 
THR CA  CB   sing N N 294 
THR CA  HA   sing N N 295 
THR C   O    doub N N 296 
THR C   OXT  sing N N 297 
THR CB  OG1  sing N N 298 
THR CB  CG2  sing N N 299 
THR CB  HB   sing N N 300 
THR OG1 HG1  sing N N 301 
THR CG2 HG21 sing N N 302 
THR CG2 HG22 sing N N 303 
THR CG2 HG23 sing N N 304 
THR OXT HXT  sing N N 305 
TYR N   CA   sing N N 306 
TYR N   H    sing N N 307 
TYR N   H2   sing N N 308 
TYR CA  C    sing N N 309 
TYR CA  CB   sing N N 310 
TYR CA  HA   sing N N 311 
TYR C   O    doub N N 312 
TYR C   OXT  sing N N 313 
TYR CB  CG   sing N N 314 
TYR CB  HB2  sing N N 315 
TYR CB  HB3  sing N N 316 
TYR CG  CD1  doub Y N 317 
TYR CG  CD2  sing Y N 318 
TYR CD1 CE1  sing Y N 319 
TYR CD1 HD1  sing N N 320 
TYR CD2 CE2  doub Y N 321 
TYR CD2 HD2  sing N N 322 
TYR CE1 CZ   doub Y N 323 
TYR CE1 HE1  sing N N 324 
TYR CE2 CZ   sing Y N 325 
TYR CE2 HE2  sing N N 326 
TYR CZ  OH   sing N N 327 
TYR OH  HH   sing N N 328 
TYR OXT HXT  sing N N 329 
VAL N   CA   sing N N 330 
VAL N   H    sing N N 331 
VAL N   H2   sing N N 332 
VAL CA  C    sing N N 333 
VAL CA  CB   sing N N 334 
VAL CA  HA   sing N N 335 
VAL C   O    doub N N 336 
VAL C   OXT  sing N N 337 
VAL CB  CG1  sing N N 338 
VAL CB  CG2  sing N N 339 
VAL CB  HB   sing N N 340 
VAL CG1 HG11 sing N N 341 
VAL CG1 HG12 sing N N 342 
VAL CG1 HG13 sing N N 343 
VAL CG2 HG21 sing N N 344 
VAL CG2 HG22 sing N N 345 
VAL CG2 HG23 sing N N 346 
VAL OXT HXT  sing N N 347 
# 
_atom_sites.entry_id                    2YWJ 
_atom_sites.fract_transf_matrix[1][1]   0.00718017 
_atom_sites.fract_transf_matrix[1][2]   -0.01448989 
_atom_sites.fract_transf_matrix[1][3]   -0.01537395 
_atom_sites.fract_transf_matrix[2][1]   0.01449233 
_atom_sites.fract_transf_matrix[2][2]   -0.00577788 
_atom_sites.fract_transf_matrix[2][3]   0.01221405 
_atom_sites.fract_transf_matrix[3][1]   -0.00853985 
_atom_sites.fract_transf_matrix[3][2]   -0.00997578 
_atom_sites.fract_transf_matrix[3][3]   0.00541372 
_atom_sites.fract_transf_vector[1]      0.325645 
_atom_sites.fract_transf_vector[2]      0.469834 
_atom_sites.fract_transf_vector[3]      0.133080 
# 
loop_
_atom_type.symbol 
C 
N 
O 
S 
# 
loop_
_atom_site.group_PDB 
_atom_site.id 
_atom_site.type_symbol 
_atom_site.label_atom_id 
_atom_site.label_alt_id 
_atom_site.label_comp_id 
_atom_site.label_asym_id 
_atom_site.label_entity_id 
_atom_site.label_seq_id 
_atom_site.pdbx_PDB_ins_code 
_atom_site.Cartn_x 
_atom_site.Cartn_y 
_atom_site.Cartn_z 
_atom_site.occupancy 
_atom_site.B_iso_or_equiv 
_atom_site.pdbx_formal_charge 
_atom_site.auth_seq_id 
_atom_site.auth_comp_id 
_atom_site.auth_asym_id 
_atom_site.auth_atom_id 
_atom_site.pdbx_PDB_model_num 
ATOM   1    N N   . MET A 1 1   ? -0.484  0.289   19.785  1.00 12.72 ? 1   MET A N   1 
ATOM   2    C CA  . MET A 1 1   ? -0.352  -0.070  18.343  1.00 12.40 ? 1   MET A CA  1 
ATOM   3    C C   . MET A 1 1   ? 0.509   0.966   17.625  1.00 11.27 ? 1   MET A C   1 
ATOM   4    O O   . MET A 1 1   ? 0.167   2.147   17.581  1.00 11.64 ? 1   MET A O   1 
ATOM   5    C CB  . MET A 1 1   ? -1.739  -0.144  17.692  1.00 13.62 ? 1   MET A CB  1 
ATOM   6    C CG  . MET A 1 1   ? -1.748  -0.591  16.238  1.00 14.66 ? 1   MET A CG  1 
ATOM   7    S SD  . MET A 1 1   ? -1.251  -2.309  16.019  1.00 17.32 ? 1   MET A SD  1 
ATOM   8    C CE  . MET A 1 1   ? -2.667  -3.165  16.704  1.00 16.62 ? 1   MET A CE  1 
ATOM   9    N N   . ILE A 1 2   ? 1.641   0.520   17.090  1.00 11.47 ? 2   ILE A N   1 
ATOM   10   C CA  . ILE A 1 2   ? 2.550   1.403   16.373  1.00 10.84 ? 2   ILE A CA  1 
ATOM   11   C C   . ILE A 1 2   ? 2.587   1.021   14.899  1.00 9.30  ? 2   ILE A C   1 
ATOM   12   O O   . ILE A 1 2   ? 2.968   -0.099  14.546  1.00 9.12  ? 2   ILE A O   1 
ATOM   13   C CB  . ILE A 1 2   ? 3.987   1.342   16.944  1.00 11.17 ? 2   ILE A CB  1 
ATOM   14   C CG1 . ILE A 1 2   ? 3.978   1.707   18.434  1.00 13.92 ? 2   ILE A CG1 1 
ATOM   15   C CG2 . ILE A 1 2   ? 4.898   2.303   16.174  1.00 13.04 ? 2   ILE A CG2 1 
ATOM   16   C CD1 . ILE A 1 2   ? 5.345   1.687   19.089  1.00 18.02 ? 2   ILE A CD1 1 
ATOM   17   N N   . ILE A 1 3   ? 2.186   1.957   14.045  1.00 8.50  ? 3   ILE A N   1 
ATOM   18   C CA  . ILE A 1 3   ? 2.173   1.722   12.607  1.00 8.08  ? 3   ILE A CA  1 
ATOM   19   C C   . ILE A 1 3   ? 3.267   2.541   11.929  1.00 8.26  ? 3   ILE A C   1 
ATOM   20   O O   . ILE A 1 3   ? 3.282   3.772   12.016  1.00 8.59  ? 3   ILE A O   1 
ATOM   21   C CB  . ILE A 1 3   ? 0.811   2.097   11.975  1.00 9.16  ? 3   ILE A CB  1 
ATOM   22   C CG1 . ILE A 1 3   ? -0.347  1.467   12.762  1.00 8.14  ? 3   ILE A CG1 1 
ATOM   23   C CG2 . ILE A 1 3   ? 0.775   1.645   10.518  1.00 9.12  ? 3   ILE A CG2 1 
ATOM   24   C CD1 . ILE A 1 3   ? -0.301  -0.055  12.839  1.00 7.79  ? 3   ILE A CD1 1 
ATOM   25   N N   . GLY A 1 4   ? 4.200   1.849   11.285  1.00 7.50  ? 4   GLY A N   1 
ATOM   26   C CA  . GLY A 1 4   ? 5.276   2.530   10.592  1.00 6.63  ? 4   GLY A CA  1 
ATOM   27   C C   . GLY A 1 4   ? 4.864   2.893   9.181   1.00 7.59  ? 4   GLY A C   1 
ATOM   28   O O   . GLY A 1 4   ? 4.054   2.192   8.563   1.00 4.44  ? 4   GLY A O   1 
ATOM   29   N N   . VAL A 1 5   ? 5.371   4.018   8.686   1.00 5.80  ? 5   VAL A N   1 
ATOM   30   C CA  . VAL A 1 5   ? 5.071   4.457   7.326   1.00 7.89  ? 5   VAL A CA  1 
ATOM   31   C C   . VAL A 1 5   ? 6.397   4.678   6.621   1.00 8.69  ? 5   VAL A C   1 
ATOM   32   O O   . VAL A 1 5   ? 7.220   5.483   7.061   1.00 7.80  ? 5   VAL A O   1 
ATOM   33   C CB  . VAL A 1 5   ? 4.265   5.778   7.286   1.00 8.90  ? 5   VAL A CB  1 
ATOM   34   C CG1 . VAL A 1 5   ? 3.925   6.140   5.842   1.00 8.06  ? 5   VAL A CG1 1 
ATOM   35   C CG2 . VAL A 1 5   ? 2.999   5.640   8.078   1.00 10.48 ? 5   VAL A CG2 1 
ATOM   36   N N   . LEU A 1 6   ? 6.603   3.942   5.536   1.00 7.44  ? 6   LEU A N   1 
ATOM   37   C CA  . LEU A 1 6   ? 7.832   4.041   4.769   1.00 8.19  ? 6   LEU A CA  1 
ATOM   38   C C   . LEU A 1 6   ? 7.959   5.396   4.083   1.00 9.54  ? 6   LEU A C   1 
ATOM   39   O O   . LEU A 1 6   ? 7.050   5.843   3.377   1.00 9.60  ? 6   LEU A O   1 
ATOM   40   C CB  . LEU A 1 6   ? 7.899   2.917   3.733   1.00 7.84  ? 6   LEU A CB  1 
ATOM   41   C CG  . LEU A 1 6   ? 9.245   2.735   3.031   1.00 9.24  ? 6   LEU A CG  1 
ATOM   42   C CD1 . LEU A 1 6   ? 10.308  2.415   4.070   1.00 11.13 ? 6   LEU A CD1 1 
ATOM   43   C CD2 . LEU A 1 6   ? 9.156   1.624   2.000   1.00 10.40 ? 6   LEU A CD2 1 
ATOM   44   N N   . ALA A 1 7   ? 9.092   6.046   4.318   1.00 9.38  ? 7   ALA A N   1 
ATOM   45   C CA  . ALA A 1 7   ? 9.377   7.346   3.736   1.00 10.19 ? 7   ALA A CA  1 
ATOM   46   C C   . ALA A 1 7   ? 10.884  7.556   3.735   1.00 12.00 ? 7   ALA A C   1 
ATOM   47   O O   . ALA A 1 7   ? 11.408  8.361   4.506   1.00 12.62 ? 7   ALA A O   1 
ATOM   48   C CB  . ALA A 1 7   ? 8.686   8.443   4.532   1.00 10.86 ? 7   ALA A CB  1 
ATOM   49   N N   . ILE A 1 8   ? 11.580  6.785   2.902   1.00 13.97 ? 8   ILE A N   1 
ATOM   50   C CA  . ILE A 1 8   ? 13.034  6.884   2.783   1.00 15.15 ? 8   ILE A CA  1 
ATOM   51   C C   . ILE A 1 8   ? 13.350  8.292   2.287   1.00 15.92 ? 8   ILE A C   1 
ATOM   52   O O   . ILE A 1 8   ? 14.393  8.870   2.601   1.00 15.43 ? 8   ILE A O   1 
ATOM   53   C CB  . ILE A 1 8   ? 13.579  5.807   1.830   1.00 16.07 ? 8   ILE A CB  1 
ATOM   54   C CG1 . ILE A 1 8   ? 13.164  4.426   2.351   1.00 15.37 ? 8   ILE A CG1 1 
ATOM   55   C CG2 . ILE A 1 8   ? 15.100  5.887   1.749   1.00 17.47 ? 8   ILE A CG2 1 
ATOM   56   C CD1 . ILE A 1 8   ? 13.533  3.284   1.454   1.00 17.90 ? 8   ILE A CD1 1 
ATOM   57   N N   . GLN A 1 9   ? 12.405  8.826   1.518   1.00 15.63 ? 9   GLN A N   1 
ATOM   58   C CA  . GLN A 1 9   ? 12.440  10.183  0.991   1.00 17.27 ? 9   GLN A CA  1 
ATOM   59   C C   . GLN A 1 9   ? 10.981  10.621  1.019   1.00 17.37 ? 9   GLN A C   1 
ATOM   60   O O   . GLN A 1 9   ? 10.081  9.779   0.944   1.00 16.72 ? 9   GLN A O   1 
ATOM   61   C CB  . GLN A 1 9   ? 12.955  10.229  -0.449  1.00 19.17 ? 9   GLN A CB  1 
ATOM   62   C CG  . GLN A 1 9   ? 14.415  10.622  -0.579  1.00 20.14 ? 9   GLN A CG  1 
ATOM   63   C CD  . GLN A 1 9   ? 14.766  11.093  -1.977  1.00 22.81 ? 9   GLN A CD  1 
ATOM   64   O OE1 . GLN A 1 9   ? 14.920  10.289  -2.897  1.00 21.93 ? 9   GLN A OE1 1 
ATOM   65   N NE2 . GLN A 1 9   ? 14.893  12.405  -2.145  1.00 22.68 ? 9   GLN A NE2 1 
ATOM   66   N N   . GLY A 1 10  ? 10.745  11.920  1.177   1.00 16.73 ? 10  GLY A N   1 
ATOM   67   C CA  . GLY A 1 10  ? 9.381   12.409  1.187   1.00 17.24 ? 10  GLY A CA  1 
ATOM   68   C C   . GLY A 1 10  ? 8.798   12.773  2.537   1.00 18.51 ? 10  GLY A C   1 
ATOM   69   O O   . GLY A 1 10  ? 9.343   12.436  3.595   1.00 16.64 ? 10  GLY A O   1 
ATOM   70   N N   . ASP A 1 11  ? 7.649   13.440  2.482   1.00 17.77 ? 11  ASP A N   1 
ATOM   71   C CA  . ASP A 1 11  ? 6.941   13.901  3.669   1.00 16.77 ? 11  ASP A CA  1 
ATOM   72   C C   . ASP A 1 11  ? 5.717   13.033  3.926   1.00 14.24 ? 11  ASP A C   1 
ATOM   73   O O   . ASP A 1 11  ? 4.894   12.830  3.031   1.00 13.30 ? 11  ASP A O   1 
ATOM   74   C CB  . ASP A 1 11  ? 6.517   15.359  3.474   1.00 18.91 ? 11  ASP A CB  1 
ATOM   75   C CG  . ASP A 1 11  ? 7.664   16.248  3.014   1.00 24.75 ? 11  ASP A CG  1 
ATOM   76   O OD1 . ASP A 1 11  ? 8.690   16.316  3.722   1.00 25.17 ? 11  ASP A OD1 1 
ATOM   77   O OD2 . ASP A 1 11  ? 7.543   16.871  1.936   1.00 29.50 ? 11  ASP A OD2 1 
ATOM   78   N N   . VAL A 1 12  ? 5.594   12.534  5.153   1.00 12.88 ? 12  VAL A N   1 
ATOM   79   C CA  . VAL A 1 12  ? 4.468   11.677  5.517   1.00 12.28 ? 12  VAL A CA  1 
ATOM   80   C C   . VAL A 1 12  ? 3.578   12.227  6.628   1.00 12.09 ? 12  VAL A C   1 
ATOM   81   O O   . VAL A 1 12  ? 2.952   11.459  7.361   1.00 9.58  ? 12  VAL A O   1 
ATOM   82   C CB  . VAL A 1 12  ? 4.941   10.255  5.907   1.00 13.49 ? 12  VAL A CB  1 
ATOM   83   C CG1 . VAL A 1 12  ? 5.493   9.540   4.693   1.00 12.80 ? 12  VAL A CG1 1 
ATOM   84   C CG2 . VAL A 1 12  ? 5.983   10.326  7.011   1.00 14.33 ? 12  VAL A CG2 1 
ATOM   85   N N   . GLU A 1 13  ? 3.508   13.550  6.747   1.00 11.58 ? 13  GLU A N   1 
ATOM   86   C CA  . GLU A 1 13  ? 2.664   14.167  7.772   1.00 12.95 ? 13  GLU A CA  1 
ATOM   87   C C   . GLU A 1 13  ? 1.195   13.792  7.575   1.00 10.25 ? 13  GLU A C   1 
ATOM   88   O O   . GLU A 1 13  ? 0.451   13.638  8.543   1.00 10.70 ? 13  GLU A O   1 
ATOM   89   C CB  . GLU A 1 13  ? 2.812   15.692  7.772   1.00 14.58 ? 13  GLU A CB  1 
ATOM   90   C CG  . GLU A 1 13  ? 4.137   16.207  8.332   1.00 19.38 ? 13  GLU A CG  1 
ATOM   91   C CD  . GLU A 1 13  ? 5.240   16.328  7.289   1.00 21.41 ? 13  GLU A CD  1 
ATOM   92   O OE1 . GLU A 1 13  ? 5.062   15.857  6.145   1.00 22.02 ? 13  GLU A OE1 1 
ATOM   93   O OE2 . GLU A 1 13  ? 6.292   16.913  7.621   1.00 23.62 ? 13  GLU A OE2 1 
ATOM   94   N N   . GLU A 1 14  ? 0.784   13.635  6.321   1.00 10.85 ? 14  GLU A N   1 
ATOM   95   C CA  . GLU A 1 14  ? -0.596  13.269  6.009   1.00 10.17 ? 14  GLU A CA  1 
ATOM   96   C C   . GLU A 1 14  ? -0.905  11.846  6.465   1.00 10.22 ? 14  GLU A C   1 
ATOM   97   O O   . GLU A 1 14  ? -1.939  11.596  7.092   1.00 9.72  ? 14  GLU A O   1 
ATOM   98   C CB  . GLU A 1 14  ? -0.855  13.403  4.510   1.00 12.33 ? 14  GLU A CB  1 
ATOM   99   C CG  . GLU A 1 14  ? -0.833  14.837  4.016   1.00 14.85 ? 14  GLU A CG  1 
ATOM   100  C CD  . GLU A 1 14  ? -0.705  14.923  2.513   1.00 18.43 ? 14  GLU A CD  1 
ATOM   101  O OE1 . GLU A 1 14  ? 0.330   14.473  1.985   1.00 21.99 ? 14  GLU A OE1 1 
ATOM   102  O OE2 . GLU A 1 14  ? -1.631  15.435  1.859   1.00 17.93 ? 14  GLU A OE2 1 
ATOM   103  N N   . HIS A 1 15  ? 0.002   10.922  6.157   1.00 7.35  ? 15  HIS A N   1 
ATOM   104  C CA  . HIS A 1 15  ? -0.159  9.522   6.537   1.00 8.75  ? 15  HIS A CA  1 
ATOM   105  C C   . HIS A 1 15  ? -0.159  9.412   8.061   1.00 8.92  ? 15  HIS A C   1 
ATOM   106  O O   . HIS A 1 15  ? -0.970  8.688   8.644   1.00 8.11  ? 15  HIS A O   1 
ATOM   107  C CB  . HIS A 1 15  ? 0.989   8.672   5.970   1.00 6.23  ? 15  HIS A CB  1 
ATOM   108  C CG  . HIS A 1 15  ? 1.308   8.952   4.533   1.00 6.09  ? 15  HIS A CG  1 
ATOM   109  N ND1 . HIS A 1 15  ? 1.804   10.164  4.100   1.00 6.64  ? 15  HIS A ND1 1 
ATOM   110  C CD2 . HIS A 1 15  ? 1.244   8.161   3.435   1.00 7.87  ? 15  HIS A CD2 1 
ATOM   111  C CE1 . HIS A 1 15  ? 2.033   10.107  2.800   1.00 9.02  ? 15  HIS A CE1 1 
ATOM   112  N NE2 . HIS A 1 15  ? 1.702   8.901   2.371   1.00 7.69  ? 15  HIS A NE2 1 
ATOM   113  N N   . GLU A 1 16  ? 0.752   10.143  8.701   1.00 9.96  ? 16  GLU A N   1 
ATOM   114  C CA  . GLU A 1 16  ? 0.862   10.129  10.160  1.00 10.97 ? 16  GLU A CA  1 
ATOM   115  C C   . GLU A 1 16  ? -0.425  10.594  10.829  1.00 11.98 ? 16  GLU A C   1 
ATOM   116  O O   . GLU A 1 16  ? -0.888  9.982   11.792  1.00 11.17 ? 16  GLU A O   1 
ATOM   117  C CB  . GLU A 1 16  ? 2.036   10.994  10.621  1.00 10.95 ? 16  GLU A CB  1 
ATOM   118  C CG  . GLU A 1 16  ? 3.402   10.411  10.280  1.00 13.98 ? 16  GLU A CG  1 
ATOM   119  C CD  . GLU A 1 16  ? 4.558   11.318  10.688  1.00 16.81 ? 16  GLU A CD  1 
ATOM   120  O OE1 . GLU A 1 16  ? 4.346   12.536  10.877  1.00 17.43 ? 16  GLU A OE1 1 
ATOM   121  O OE2 . GLU A 1 16  ? 5.687   10.807  10.812  1.00 19.25 ? 16  GLU A OE2 1 
ATOM   122  N N   . GLU A 1 17  ? -1.017  11.659  10.296  1.00 11.95 ? 17  GLU A N   1 
ATOM   123  C CA  . GLU A 1 17  ? -2.258  12.190  10.847  1.00 12.09 ? 17  GLU A CA  1 
ATOM   124  C C   . GLU A 1 17  ? -3.395  11.180  10.695  1.00 11.20 ? 17  GLU A C   1 
ATOM   125  O O   . GLU A 1 17  ? -4.179  10.981  11.622  1.00 11.49 ? 17  GLU A O   1 
ATOM   126  C CB  . GLU A 1 17  ? -2.617  13.522  10.181  1.00 14.52 ? 17  GLU A CB  1 
ATOM   127  C CG  . GLU A 1 17  ? -3.857  14.211  10.753  1.00 18.20 ? 17  GLU A CG  1 
ATOM   128  C CD  . GLU A 1 17  ? -3.755  14.503  12.245  1.00 21.08 ? 17  GLU A CD  1 
ATOM   129  O OE1 . GLU A 1 17  ? -2.659  14.872  12.719  1.00 22.29 ? 17  GLU A OE1 1 
ATOM   130  O OE2 . GLU A 1 17  ? -4.784  14.370  12.945  1.00 24.73 ? 17  GLU A OE2 1 
ATOM   131  N N   . ALA A 1 18  ? -3.461  10.519  9.542   1.00 10.24 ? 18  ALA A N   1 
ATOM   132  C CA  . ALA A 1 18  ? -4.503  9.521   9.297   1.00 9.47  ? 18  ALA A CA  1 
ATOM   133  C C   . ALA A 1 18  ? -4.352  8.352   10.271  1.00 8.99  ? 18  ALA A C   1 
ATOM   134  O O   . ALA A 1 18  ? -5.345  7.802   10.746  1.00 8.91  ? 18  ALA A O   1 
ATOM   135  C CB  . ALA A 1 18  ? -4.442  9.027   7.860   1.00 9.04  ? 18  ALA A CB  1 
ATOM   136  N N   . ILE A 1 19  ? -3.109  7.986   10.573  1.00 7.39  ? 19  ILE A N   1 
ATOM   137  C CA  . ILE A 1 19  ? -2.835  6.898   11.510  1.00 8.10  ? 19  ILE A CA  1 
ATOM   138  C C   . ILE A 1 19  ? -3.321  7.290   12.902  1.00 9.40  ? 19  ILE A C   1 
ATOM   139  O O   . ILE A 1 19  ? -3.924  6.478   13.610  1.00 8.71  ? 19  ILE A O   1 
ATOM   140  C CB  . ILE A 1 19  ? -1.330  6.567   11.572  1.00 6.78  ? 19  ILE A CB  1 
ATOM   141  C CG1 . ILE A 1 19  ? -0.887  5.908   10.268  1.00 6.42  ? 19  ILE A CG1 1 
ATOM   142  C CG2 . ILE A 1 19  ? -1.030  5.633   12.740  1.00 7.17  ? 19  ILE A CG2 1 
ATOM   143  C CD1 . ILE A 1 19  ? 0.595   5.716   10.185  1.00 5.52  ? 19  ILE A CD1 1 
ATOM   144  N N   . LYS A 1 20  ? -3.060  8.541   13.282  1.00 9.68  ? 20  LYS A N   1 
ATOM   145  C CA  . LYS A 1 20  ? -3.473  9.055   14.585  1.00 11.94 ? 20  LYS A CA  1 
ATOM   146  C C   . LYS A 1 20  ? -4.997  9.076   14.696  1.00 11.69 ? 20  LYS A C   1 
ATOM   147  O O   . LYS A 1 20  ? -5.553  8.691   15.724  1.00 11.31 ? 20  LYS A O   1 
ATOM   148  C CB  . LYS A 1 20  ? -2.908  10.458  14.812  1.00 14.35 ? 20  LYS A CB  1 
ATOM   149  C CG  . LYS A 1 20  ? -1.390  10.507  14.890  1.00 19.81 ? 20  LYS A CG  1 
ATOM   150  C CD  . LYS A 1 20  ? -0.892  11.941  14.992  1.00 24.68 ? 20  LYS A CD  1 
ATOM   151  C CE  . LYS A 1 20  ? 0.625   12.009  14.914  1.00 27.49 ? 20  LYS A CE  1 
ATOM   152  N NZ  . LYS A 1 20  ? 1.113   13.419  14.914  1.00 29.83 ? 20  LYS A NZ  1 
ATOM   153  N N   . LYS A 1 21  ? -5.665  9.517   13.630  1.00 9.56  ? 21  LYS A N   1 
ATOM   154  C CA  . LYS A 1 21  ? -7.125  9.563   13.602  1.00 10.27 ? 21  LYS A CA  1 
ATOM   155  C C   . LYS A 1 21  ? -7.700  8.149   13.713  1.00 11.13 ? 21  LYS A C   1 
ATOM   156  O O   . LYS A 1 21  ? -8.778  7.948   14.274  1.00 8.45  ? 21  LYS A O   1 
ATOM   157  C CB  . LYS A 1 21  ? -7.623  10.212  12.307  1.00 12.24 ? 21  LYS A CB  1 
ATOM   158  C CG  . LYS A 1 21  ? -7.364  11.706  12.192  1.00 16.00 ? 21  LYS A CG  1 
ATOM   159  C CD  . LYS A 1 21  ? -7.811  12.215  10.828  1.00 18.32 ? 21  LYS A CD  1 
ATOM   160  C CE  . LYS A 1 21  ? -7.775  13.731  10.746  1.00 19.36 ? 21  LYS A CE  1 
ATOM   161  N NZ  . LYS A 1 21  ? -8.154  14.201  9.388   1.00 21.77 ? 21  LYS A NZ  1 
ATOM   162  N N   . ALA A 1 22  ? -6.973  7.173   13.175  1.00 11.08 ? 22  ALA A N   1 
ATOM   163  C CA  . ALA A 1 22  ? -7.406  5.778   13.227  1.00 11.15 ? 22  ALA A CA  1 
ATOM   164  C C   . ALA A 1 22  ? -7.271  5.229   14.651  1.00 11.43 ? 22  ALA A C   1 
ATOM   165  O O   . ALA A 1 22  ? -7.808  4.166   14.972  1.00 11.20 ? 22  ALA A O   1 
ATOM   166  C CB  . ALA A 1 22  ? -6.604  4.941   12.243  1.00 9.98  ? 22  ALA A CB  1 
ATOM   167  N N   . GLY A 1 23  ? -6.552  5.971   15.493  1.00 11.78 ? 23  GLY A N   1 
ATOM   168  C CA  . GLY A 1 23  ? -6.369  5.592   16.884  1.00 12.52 ? 23  GLY A CA  1 
ATOM   169  C C   . GLY A 1 23  ? -5.058  4.911   17.230  1.00 13.30 ? 23  GLY A C   1 
ATOM   170  O O   . GLY A 1 23  ? -4.948  4.297   18.292  1.00 13.46 ? 23  GLY A O   1 
ATOM   171  N N   . TYR A 1 24  ? -4.054  5.040   16.364  1.00 11.60 ? 24  TYR A N   1 
ATOM   172  C CA  . TYR A 1 24  ? -2.763  4.398   16.606  1.00 11.77 ? 24  TYR A CA  1 
ATOM   173  C C   . TYR A 1 24  ? -1.603  5.384   16.633  1.00 12.32 ? 24  TYR A C   1 
ATOM   174  O O   . TYR A 1 24  ? -1.759  6.568   16.322  1.00 12.43 ? 24  TYR A O   1 
ATOM   175  C CB  . TYR A 1 24  ? -2.478  3.342   15.526  1.00 11.42 ? 24  TYR A CB  1 
ATOM   176  C CG  . TYR A 1 24  ? -3.687  2.549   15.079  1.00 8.96  ? 24  TYR A CG  1 
ATOM   177  C CD1 . TYR A 1 24  ? -4.421  1.778   15.982  1.00 10.16 ? 24  TYR A CD1 1 
ATOM   178  C CD2 . TYR A 1 24  ? -4.109  2.585   13.750  1.00 9.95  ? 24  TYR A CD2 1 
ATOM   179  C CE1 . TYR A 1 24  ? -5.544  1.064   15.571  1.00 9.07  ? 24  TYR A CE1 1 
ATOM   180  C CE2 . TYR A 1 24  ? -5.231  1.876   13.330  1.00 7.57  ? 24  TYR A CE2 1 
ATOM   181  C CZ  . TYR A 1 24  ? -5.943  1.121   14.242  1.00 10.60 ? 24  TYR A CZ  1 
ATOM   182  O OH  . TYR A 1 24  ? -7.057  0.428   13.823  1.00 10.76 ? 24  TYR A OH  1 
ATOM   183  N N   . GLU A 1 25  ? -0.439  4.883   17.029  1.00 12.85 ? 25  GLU A N   1 
ATOM   184  C CA  . GLU A 1 25  ? 0.772   5.691   17.067  1.00 13.19 ? 25  GLU A CA  1 
ATOM   185  C C   . GLU A 1 25  ? 1.452   5.524   15.710  1.00 12.34 ? 25  GLU A C   1 
ATOM   186  O O   . GLU A 1 25  ? 1.519   4.414   15.178  1.00 12.29 ? 25  GLU A O   1 
ATOM   187  C CB  . GLU A 1 25  ? 1.702   5.208   18.179  1.00 13.91 ? 25  GLU A CB  1 
ATOM   188  C CG  . GLU A 1 25  ? 3.020   5.965   18.262  1.00 16.51 ? 25  GLU A CG  1 
ATOM   189  C CD  . GLU A 1 25  ? 3.958   5.407   19.317  1.00 18.01 ? 25  GLU A CD  1 
ATOM   190  O OE1 . GLU A 1 25  ? 3.481   5.025   20.408  1.00 17.02 ? 25  GLU A OE1 1 
ATOM   191  O OE2 . GLU A 1 25  ? 5.176   5.345   19.052  1.00 17.69 ? 25  GLU A OE2 1 
ATOM   192  N N   . ALA A 1 26  ? 1.921   6.629   15.139  1.00 11.47 ? 26  ALA A N   1 
ATOM   193  C CA  . ALA A 1 26  ? 2.590   6.599   13.841  1.00 12.50 ? 26  ALA A CA  1 
ATOM   194  C C   . ALA A 1 26  ? 4.100   6.707   13.988  1.00 12.78 ? 26  ALA A C   1 
ATOM   195  O O   . ALA A 1 26  ? 4.599   7.399   14.877  1.00 14.35 ? 26  ALA A O   1 
ATOM   196  C CB  . ALA A 1 26  ? 2.073   7.722   12.953  1.00 9.75  ? 26  ALA A CB  1 
ATOM   197  N N   . LYS A 1 27  ? 4.826   6.008   13.120  1.00 12.74 ? 27  LYS A N   1 
ATOM   198  C CA  . LYS A 1 27  ? 6.283   6.054   13.145  1.00 13.34 ? 27  LYS A CA  1 
ATOM   199  C C   . LYS A 1 27  ? 6.847   6.128   11.733  1.00 12.22 ? 27  LYS A C   1 
ATOM   200  O O   . LYS A 1 27  ? 6.558   5.279   10.891  1.00 11.80 ? 27  LYS A O   1 
ATOM   201  C CB  . LYS A 1 27  ? 6.870   4.842   13.869  1.00 12.07 ? 27  LYS A CB  1 
ATOM   202  C CG  . LYS A 1 27  ? 8.386   4.942   14.069  1.00 13.98 ? 27  LYS A CG  1 
ATOM   203  C CD  . LYS A 1 27  ? 8.951   3.710   14.751  1.00 14.78 ? 27  LYS A CD  1 
ATOM   204  C CE  . LYS A 1 27  ? 10.458  3.832   14.931  1.00 16.45 ? 27  LYS A CE  1 
ATOM   205  N NZ  . LYS A 1 27  ? 11.040  2.621   15.557  1.00 16.54 ? 27  LYS A NZ  1 
ATOM   206  N N   . LYS A 1 28  ? 7.662   7.146   11.488  1.00 11.61 ? 28  LYS A N   1 
ATOM   207  C CA  . LYS A 1 28  ? 8.276   7.337   10.181  1.00 12.16 ? 28  LYS A CA  1 
ATOM   208  C C   . LYS A 1 28  ? 9.453   6.379   9.997   1.00 10.47 ? 28  LYS A C   1 
ATOM   209  O O   . LYS A 1 28  ? 10.367  6.332   10.819  1.00 10.36 ? 28  LYS A O   1 
ATOM   210  C CB  . LYS A 1 28  ? 8.735   8.791   10.029  1.00 13.83 ? 28  LYS A CB  1 
ATOM   211  C CG  . LYS A 1 28  ? 9.208   9.164   8.637   1.00 15.81 ? 28  LYS A CG  1 
ATOM   212  C CD  . LYS A 1 28  ? 9.517   10.652  8.545   1.00 15.73 ? 28  LYS A CD  1 
ATOM   213  C CE  . LYS A 1 28  ? 10.009  11.024  7.157   1.00 16.69 ? 28  LYS A CE  1 
ATOM   214  N NZ  . LYS A 1 28  ? 10.336  12.474  7.042   1.00 14.95 ? 28  LYS A NZ  1 
ATOM   215  N N   . VAL A 1 29  ? 9.401   5.585   8.934   1.00 10.43 ? 29  VAL A N   1 
ATOM   216  C CA  . VAL A 1 29  ? 10.464  4.633   8.635   1.00 9.59  ? 29  VAL A CA  1 
ATOM   217  C C   . VAL A 1 29  ? 11.286  5.197   7.482   1.00 10.57 ? 29  VAL A C   1 
ATOM   218  O O   . VAL A 1 29  ? 10.911  5.064   6.316   1.00 10.63 ? 29  VAL A O   1 
ATOM   219  C CB  . VAL A 1 29  ? 9.887   3.245   8.273   1.00 9.76  ? 29  VAL A CB  1 
ATOM   220  C CG1 . VAL A 1 29  ? 11.010  2.266   7.932   1.00 7.26  ? 29  VAL A CG1 1 
ATOM   221  C CG2 . VAL A 1 29  ? 9.052   2.716   9.429   1.00 6.74  ? 29  VAL A CG2 1 
ATOM   222  N N   . LYS A 1 30  ? 12.386  5.864   7.829   1.00 11.81 ? 30  LYS A N   1 
ATOM   223  C CA  . LYS A 1 30  ? 13.276  6.488   6.849   1.00 12.84 ? 30  LYS A CA  1 
ATOM   224  C C   . LYS A 1 30  ? 14.531  5.646   6.614   1.00 13.82 ? 30  LYS A C   1 
ATOM   225  O O   . LYS A 1 30  ? 15.065  5.604   5.501   1.00 14.70 ? 30  LYS A O   1 
ATOM   226  C CB  . LYS A 1 30  ? 13.650  7.899   7.326   1.00 13.49 ? 30  LYS A CB  1 
ATOM   227  C CG  . LYS A 1 30  ? 14.338  8.776   6.294   1.00 13.33 ? 30  LYS A CG  1 
ATOM   228  C CD  . LYS A 1 30  ? 14.473  10.203  6.815   1.00 14.30 ? 30  LYS A CD  1 
ATOM   229  C CE  . LYS A 1 30  ? 15.199  11.104  5.827   1.00 13.61 ? 30  LYS A CE  1 
ATOM   230  N NZ  . LYS A 1 30  ? 14.445  11.302  4.557   1.00 12.21 ? 30  LYS A NZ  1 
ATOM   231  N N   . ARG A 1 31  ? 14.995  4.983   7.669   1.00 14.24 ? 31  ARG A N   1 
ATOM   232  C CA  . ARG A 1 31  ? 16.173  4.121   7.599   1.00 14.19 ? 31  ARG A CA  1 
ATOM   233  C C   . ARG A 1 31  ? 15.844  2.750   8.191   1.00 13.90 ? 31  ARG A C   1 
ATOM   234  O O   . ARG A 1 31  ? 14.878  2.606   8.943   1.00 13.74 ? 31  ARG A O   1 
ATOM   235  C CB  . ARG A 1 31  ? 17.362  4.755   8.335   1.00 14.14 ? 31  ARG A CB  1 
ATOM   236  C CG  . ARG A 1 31  ? 17.885  6.052   7.709   1.00 14.65 ? 31  ARG A CG  1 
ATOM   237  C CD  . ARG A 1 31  ? 18.349  5.836   6.270   1.00 13.87 ? 31  ARG A CD  1 
ATOM   238  N NE  . ARG A 1 31  ? 18.977  7.028   5.702   1.00 14.56 ? 31  ARG A NE  1 
ATOM   239  C CZ  . ARG A 1 31  ? 18.375  7.886   4.880   1.00 16.66 ? 31  ARG A CZ  1 
ATOM   240  N NH1 . ARG A 1 31  ? 17.111  7.698   4.511   1.00 14.20 ? 31  ARG A NH1 1 
ATOM   241  N NH2 . ARG A 1 31  ? 19.046  8.936   4.417   1.00 15.90 ? 31  ARG A NH2 1 
ATOM   242  N N   . VAL A 1 32  ? 16.664  1.756   7.862   1.00 15.75 ? 32  VAL A N   1 
ATOM   243  C CA  . VAL A 1 32  ? 16.469  0.379   8.319   1.00 16.12 ? 32  VAL A CA  1 
ATOM   244  C C   . VAL A 1 32  ? 16.234  0.208   9.826   1.00 16.83 ? 32  VAL A C   1 
ATOM   245  O O   . VAL A 1 32  ? 15.439  -0.641  10.235  1.00 16.30 ? 32  VAL A O   1 
ATOM   246  C CB  . VAL A 1 32  ? 17.629  -0.534  7.836   1.00 16.30 ? 32  VAL A CB  1 
ATOM   247  C CG1 . VAL A 1 32  ? 18.923  -0.201  8.555   1.00 18.13 ? 32  VAL A CG1 1 
ATOM   248  C CG2 . VAL A 1 32  ? 17.271  -1.989  8.017   1.00 19.29 ? 32  VAL A CG2 1 
ATOM   249  N N   . GLU A 1 33  ? 16.884  1.039   10.640  1.00 16.44 ? 33  GLU A N   1 
ATOM   250  C CA  . GLU A 1 33  ? 16.738  0.975   12.098  1.00 16.63 ? 33  GLU A CA  1 
ATOM   251  C C   . GLU A 1 33  ? 15.328  1.309   12.584  1.00 16.13 ? 33  GLU A C   1 
ATOM   252  O O   . GLU A 1 33  ? 14.895  0.826   13.634  1.00 15.65 ? 33  GLU A O   1 
ATOM   253  C CB  . GLU A 1 33  ? 17.735  1.917   12.783  1.00 17.45 ? 33  GLU A CB  1 
ATOM   254  C CG  . GLU A 1 33  ? 19.199  1.482   12.705  1.00 20.30 ? 33  GLU A CG  1 
ATOM   255  C CD  . GLU A 1 33  ? 19.843  1.708   11.342  1.00 21.38 ? 33  GLU A CD  1 
ATOM   256  O OE1 . GLU A 1 33  ? 19.291  2.471   10.517  1.00 19.12 ? 33  GLU A OE1 1 
ATOM   257  O OE2 . GLU A 1 33  ? 20.922  1.124   11.101  1.00 24.07 ? 33  GLU A OE2 1 
ATOM   258  N N   . ASP A 1 34  ? 14.615  2.131   11.818  1.00 14.56 ? 34  ASP A N   1 
ATOM   259  C CA  . ASP A 1 34  ? 13.255  2.545   12.167  1.00 14.14 ? 34  ASP A CA  1 
ATOM   260  C C   . ASP A 1 34  ? 12.215  1.421   12.119  1.00 13.35 ? 34  ASP A C   1 
ATOM   261  O O   . ASP A 1 34  ? 11.143  1.538   12.712  1.00 12.59 ? 34  ASP A O   1 
ATOM   262  C CB  . ASP A 1 34  ? 12.809  3.701   11.267  1.00 13.99 ? 34  ASP A CB  1 
ATOM   263  C CG  . ASP A 1 34  ? 13.753  4.888   11.328  1.00 15.50 ? 34  ASP A CG  1 
ATOM   264  O OD1 . ASP A 1 34  ? 14.381  5.110   12.388  1.00 17.68 ? 34  ASP A OD1 1 
ATOM   265  O OD2 . ASP A 1 34  ? 13.864  5.606   10.315  1.00 13.73 ? 34  ASP A OD2 1 
ATOM   266  N N   . LEU A 1 35  ? 12.533  0.337   11.419  1.00 15.70 ? 35  LEU A N   1 
ATOM   267  C CA  . LEU A 1 35  ? 11.622  -0.801  11.307  1.00 17.05 ? 35  LEU A CA  1 
ATOM   268  C C   . LEU A 1 35  ? 11.405  -1.533  12.631  1.00 18.38 ? 35  LEU A C   1 
ATOM   269  O O   . LEU A 1 35  ? 10.407  -2.231  12.808  1.00 18.88 ? 35  LEU A O   1 
ATOM   270  C CB  . LEU A 1 35  ? 12.124  -1.778  10.243  1.00 18.20 ? 35  LEU A CB  1 
ATOM   271  C CG  . LEU A 1 35  ? 11.951  -1.317  8.795   1.00 18.48 ? 35  LEU A CG  1 
ATOM   272  C CD1 . LEU A 1 35  ? 12.784  -2.182  7.870   1.00 20.27 ? 35  LEU A CD1 1 
ATOM   273  C CD2 . LEU A 1 35  ? 10.479  -1.371  8.409   1.00 19.06 ? 35  LEU A CD2 1 
ATOM   274  N N   . GLU A 1 36  ? 12.336  -1.359  13.563  1.00 18.92 ? 36  GLU A N   1 
ATOM   275  C CA  . GLU A 1 36  ? 12.245  -1.998  14.871  1.00 20.12 ? 36  GLU A CA  1 
ATOM   276  C C   . GLU A 1 36  ? 11.144  -1.354  15.718  1.00 18.76 ? 36  GLU A C   1 
ATOM   277  O O   . GLU A 1 36  ? 10.937  -0.140  15.673  1.00 18.77 ? 36  GLU A O   1 
ATOM   278  C CB  . GLU A 1 36  ? 13.600  -1.893  15.590  1.00 23.47 ? 36  GLU A CB  1 
ATOM   279  C CG  . GLU A 1 36  ? 13.762  -2.759  16.847  1.00 29.55 ? 36  GLU A CG  1 
ATOM   280  C CD  . GLU A 1 36  ? 13.019  -2.221  18.065  1.00 33.05 ? 36  GLU A CD  1 
ATOM   281  O OE1 . GLU A 1 36  ? 12.985  -0.986  18.260  1.00 35.02 ? 36  GLU A OE1 1 
ATOM   282  O OE2 . GLU A 1 36  ? 12.466  -3.041  18.831  1.00 35.84 ? 36  GLU A OE2 1 
ATOM   283  N N   . GLY A 1 37  ? 10.416  -2.185  16.457  1.00 17.54 ? 37  GLY A N   1 
ATOM   284  C CA  . GLY A 1 37  ? 9.370   -1.687  17.332  1.00 16.74 ? 37  GLY A CA  1 
ATOM   285  C C   . GLY A 1 37  ? 8.032   -1.297  16.731  1.00 15.17 ? 37  GLY A C   1 
ATOM   286  O O   . GLY A 1 37  ? 7.279   -0.559  17.364  1.00 16.00 ? 37  GLY A O   1 
ATOM   287  N N   . ILE A 1 38  ? 7.738   -1.746  15.513  1.00 13.27 ? 38  ILE A N   1 
ATOM   288  C CA  . ILE A 1 38  ? 6.448   -1.429  14.898  1.00 11.22 ? 38  ILE A CA  1 
ATOM   289  C C   . ILE A 1 38  ? 5.598   -2.688  14.773  1.00 10.42 ? 38  ILE A C   1 
ATOM   290  O O   . ILE A 1 38  ? 6.125   -3.802  14.753  1.00 11.30 ? 38  ILE A O   1 
ATOM   291  C CB  . ILE A 1 38  ? 6.593   -0.739  13.512  1.00 9.79  ? 38  ILE A CB  1 
ATOM   292  C CG1 . ILE A 1 38  ? 7.272   -1.668  12.503  1.00 9.36  ? 38  ILE A CG1 1 
ATOM   293  C CG2 . ILE A 1 38  ? 7.361   0.572   13.658  1.00 9.11  ? 38  ILE A CG2 1 
ATOM   294  C CD1 . ILE A 1 38  ? 7.395   -1.076  11.112  1.00 5.94  ? 38  ILE A CD1 1 
ATOM   295  N N   . ASP A 1 39  ? 4.281   -2.510  14.726  1.00 8.60  ? 39  ASP A N   1 
ATOM   296  C CA  . ASP A 1 39  ? 3.357   -3.633  14.610  1.00 8.97  ? 39  ASP A CA  1 
ATOM   297  C C   . ASP A 1 39  ? 2.955   -3.915  13.172  1.00 8.68  ? 39  ASP A C   1 
ATOM   298  O O   . ASP A 1 39  ? 2.479   -5.003  12.852  1.00 8.26  ? 39  ASP A O   1 
ATOM   299  C CB  . ASP A 1 39  ? 2.110   -3.375  15.453  1.00 10.61 ? 39  ASP A CB  1 
ATOM   300  C CG  . ASP A 1 39  ? 2.422   -3.292  16.930  1.00 12.32 ? 39  ASP A CG  1 
ATOM   301  O OD1 . ASP A 1 39  ? 2.661   -4.353  17.546  1.00 12.02 ? 39  ASP A OD1 1 
ATOM   302  O OD2 . ASP A 1 39  ? 2.437   -2.169  17.466  1.00 11.92 ? 39  ASP A OD2 1 
ATOM   303  N N   . ALA A 1 40  ? 3.142   -2.926  12.310  1.00 7.28  ? 40  ALA A N   1 
ATOM   304  C CA  . ALA A 1 40  ? 2.798   -3.058  10.900  1.00 7.30  ? 40  ALA A CA  1 
ATOM   305  C C   . ALA A 1 40  ? 3.462   -1.932  10.128  1.00 7.33  ? 40  ALA A C   1 
ATOM   306  O O   . ALA A 1 40  ? 3.908   -0.944  10.716  1.00 7.03  ? 40  ALA A O   1 
ATOM   307  C CB  . ALA A 1 40  ? 1.284   -3.004  10.715  1.00 7.27  ? 40  ALA A CB  1 
ATOM   308  N N   . LEU A 1 41  ? 3.529   -2.090  8.810   1.00 6.19  ? 41  LEU A N   1 
ATOM   309  C CA  . LEU A 1 41  ? 4.152   -1.091  7.960   1.00 6.38  ? 41  LEU A CA  1 
ATOM   310  C C   . LEU A 1 41  ? 3.264   -0.711  6.789   1.00 6.93  ? 41  LEU A C   1 
ATOM   311  O O   . LEU A 1 41  ? 2.626   -1.565  6.172   1.00 6.70  ? 41  LEU A O   1 
ATOM   312  C CB  . LEU A 1 41  ? 5.482   -1.619  7.413   1.00 4.20  ? 41  LEU A CB  1 
ATOM   313  C CG  . LEU A 1 41  ? 6.276   -0.709  6.472   1.00 4.56  ? 41  LEU A CG  1 
ATOM   314  C CD1 . LEU A 1 41  ? 6.884   0.440   7.262   1.00 4.74  ? 41  LEU A CD1 1 
ATOM   315  C CD2 . LEU A 1 41  ? 7.371   -1.514  5.775   1.00 6.82  ? 41  LEU A CD2 1 
ATOM   316  N N   . ILE A 1 42  ? 3.204   0.586   6.515   1.00 5.88  ? 42  ILE A N   1 
ATOM   317  C CA  . ILE A 1 42  ? 2.440   1.090   5.386   1.00 6.09  ? 42  ILE A CA  1 
ATOM   318  C C   . ILE A 1 42  ? 3.479   1.560   4.371   1.00 5.58  ? 42  ILE A C   1 
ATOM   319  O O   . ILE A 1 42  ? 4.428   2.259   4.734   1.00 5.67  ? 42  ILE A O   1 
ATOM   320  C CB  . ILE A 1 42  ? 1.529   2.276   5.783   1.00 5.91  ? 42  ILE A CB  1 
ATOM   321  C CG1 . ILE A 1 42  ? 0.483   1.818   6.805   1.00 5.19  ? 42  ILE A CG1 1 
ATOM   322  C CG2 . ILE A 1 42  ? 0.828   2.844   4.543   1.00 6.04  ? 42  ILE A CG2 1 
ATOM   323  C CD1 . ILE A 1 42  ? -0.409  2.938   7.325   1.00 7.18  ? 42  ILE A CD1 1 
ATOM   324  N N   . ILE A 1 43  ? 3.350   1.097   3.130   1.00 4.30  ? 43  ILE A N   1 
ATOM   325  C CA  . ILE A 1 43  ? 4.263   1.493   2.059   1.00 5.14  ? 43  ILE A CA  1 
ATOM   326  C C   . ILE A 1 43  ? 3.469   2.297   1.020   1.00 5.01  ? 43  ILE A C   1 
ATOM   327  O O   . ILE A 1 43  ? 2.785   1.728   0.168   1.00 6.27  ? 43  ILE A O   1 
ATOM   328  C CB  . ILE A 1 43  ? 4.924   0.262   1.372   1.00 4.27  ? 43  ILE A CB  1 
ATOM   329  C CG1 . ILE A 1 43  ? 5.769   -0.524  2.383   1.00 3.72  ? 43  ILE A CG1 1 
ATOM   330  C CG2 . ILE A 1 43  ? 5.801   0.719   0.196   1.00 3.71  ? 43  ILE A CG2 1 
ATOM   331  C CD1 . ILE A 1 43  ? 6.405   -1.792  1.813   1.00 3.11  ? 43  ILE A CD1 1 
ATOM   332  N N   . PRO A 1 44  ? 3.505   3.636   1.122   1.00 6.03  ? 44  PRO A N   1 
ATOM   333  C CA  . PRO A 1 44  ? 2.805   4.553   0.217   1.00 5.59  ? 44  PRO A CA  1 
ATOM   334  C C   . PRO A 1 44  ? 3.729   5.080   -0.878  1.00 7.46  ? 44  PRO A C   1 
ATOM   335  O O   . PRO A 1 44  ? 4.893   4.692   -0.957  1.00 9.41  ? 44  PRO A O   1 
ATOM   336  C CB  . PRO A 1 44  ? 2.416   5.681   1.155   1.00 5.07  ? 44  PRO A CB  1 
ATOM   337  C CG  . PRO A 1 44  ? 3.660   5.818   1.978   1.00 5.58  ? 44  PRO A CG  1 
ATOM   338  C CD  . PRO A 1 44  ? 4.051   4.374   2.278   1.00 5.78  ? 44  PRO A CD  1 
ATOM   339  N N   . GLY A 1 45  ? 3.208   5.985   -1.704  1.00 9.08  ? 45  GLY A N   1 
ATOM   340  C CA  . GLY A 1 45  ? 4.024   6.578   -2.747  1.00 9.74  ? 45  GLY A CA  1 
ATOM   341  C C   . GLY A 1 45  ? 3.407   6.593   -4.128  1.00 11.88 ? 45  GLY A C   1 
ATOM   342  O O   . GLY A 1 45  ? 2.454   5.864   -4.408  1.00 11.09 ? 45  GLY A O   1 
ATOM   343  N N   . GLY A 1 46  ? 3.963   7.432   -4.996  1.00 14.08 ? 46  GLY A N   1 
ATOM   344  C CA  . GLY A 1 46  ? 3.469   7.523   -6.357  1.00 17.86 ? 46  GLY A CA  1 
ATOM   345  C C   . GLY A 1 46  ? 4.238   6.587   -7.269  1.00 19.94 ? 46  GLY A C   1 
ATOM   346  O O   . GLY A 1 46  ? 3.858   5.429   -7.454  1.00 22.97 ? 46  GLY A O   1 
ATOM   347  N N   . GLU A 1 47  ? 5.350   7.082   -7.798  1.00 20.45 ? 47  GLU A N   1 
ATOM   348  C CA  . GLU A 1 47  ? 6.203   6.323   -8.706  1.00 20.03 ? 47  GLU A CA  1 
ATOM   349  C C   . GLU A 1 47  ? 6.964   5.212   -7.965  1.00 18.02 ? 47  GLU A C   1 
ATOM   350  O O   . GLU A 1 47  ? 7.769   5.482   -7.070  1.00 17.68 ? 47  GLU A O   1 
ATOM   351  C CB  . GLU A 1 47  ? 7.157   7.290   -9.413  1.00 21.91 ? 47  GLU A CB  1 
ATOM   352  C CG  . GLU A 1 47  ? 7.602   6.834   -10.786 1.00 23.42 ? 47  GLU A CG  1 
ATOM   353  C CD  . GLU A 1 47  ? 8.599   5.712   -10.714 1.00 24.13 ? 47  GLU A CD  1 
ATOM   354  O OE1 . GLU A 1 47  ? 9.638   5.900   -10.048 1.00 25.35 ? 47  GLU A OE1 1 
ATOM   355  O OE2 . GLU A 1 47  ? 8.339   4.642   -11.301 1.00 27.49 ? 47  GLU A OE2 1 
ATOM   356  N N   . SER A 1 48  ? 6.727   3.967   -8.377  1.00 15.45 ? 48  SER A N   1 
ATOM   357  C CA  . SER A 1 48  ? 7.331   2.796   -7.737  1.00 13.59 ? 48  SER A CA  1 
ATOM   358  C C   . SER A 1 48  ? 8.815   2.497   -7.944  1.00 13.37 ? 48  SER A C   1 
ATOM   359  O O   . SER A 1 48  ? 9.470   2.018   -7.021  1.00 12.83 ? 48  SER A O   1 
ATOM   360  C CB  . SER A 1 48  ? 6.523   1.537   -8.065  1.00 13.22 ? 48  SER A CB  1 
ATOM   361  O OG  . SER A 1 48  ? 6.598   1.221   -9.442  1.00 10.03 ? 48  SER A OG  1 
ATOM   362  N N   . THR A 1 49  ? 9.349   2.748   -9.137  1.00 14.05 ? 49  THR A N   1 
ATOM   363  C CA  . THR A 1 49  ? 10.759  2.447   -9.387  1.00 14.31 ? 49  THR A CA  1 
ATOM   364  C C   . THR A 1 49  ? 11.721  3.239   -8.501  1.00 13.38 ? 49  THR A C   1 
ATOM   365  O O   . THR A 1 49  ? 12.699  2.684   -8.003  1.00 13.17 ? 49  THR A O   1 
ATOM   366  C CB  . THR A 1 49  ? 11.153  2.620   -10.874 1.00 16.21 ? 49  THR A CB  1 
ATOM   367  O OG1 . THR A 1 49  ? 11.123  4.005   -11.231 1.00 20.31 ? 49  THR A OG1 1 
ATOM   368  C CG2 . THR A 1 49  ? 10.198  1.847   -11.771 1.00 16.31 ? 49  THR A CG2 1 
ATOM   369  N N   . ALA A 1 50  ? 11.442  4.524   -8.295  1.00 12.21 ? 50  ALA A N   1 
ATOM   370  C CA  . ALA A 1 50  ? 12.303  5.355   -7.454  1.00 11.10 ? 50  ALA A CA  1 
ATOM   371  C C   . ALA A 1 50  ? 12.311  4.831   -6.020  1.00 11.98 ? 50  ALA A C   1 
ATOM   372  O O   . ALA A 1 50  ? 13.363  4.760   -5.380  1.00 11.06 ? 50  ALA A O   1 
ATOM   373  C CB  . ALA A 1 50  ? 11.845  6.807   -7.487  1.00 11.69 ? 50  ALA A CB  1 
ATOM   374  N N   . ILE A 1 51  ? 11.137  4.447   -5.525  1.00 10.25 ? 51  ILE A N   1 
ATOM   375  C CA  . ILE A 1 51  ? 11.030  3.921   -4.170  1.00 10.11 ? 51  ILE A CA  1 
ATOM   376  C C   . ILE A 1 51  ? 11.731  2.570   -4.050  1.00 9.96  ? 51  ILE A C   1 
ATOM   377  O O   . ILE A 1 51  ? 12.371  2.289   -3.035  1.00 10.23 ? 51  ILE A O   1 
ATOM   378  C CB  . ILE A 1 51  ? 9.554   3.831   -3.709  1.00 9.76  ? 51  ILE A CB  1 
ATOM   379  C CG1 . ILE A 1 51  ? 8.965   5.242   -3.624  1.00 11.22 ? 51  ILE A CG1 1 
ATOM   380  C CG2 . ILE A 1 51  ? 9.462   3.157   -2.340  1.00 11.95 ? 51  ILE A CG2 1 
ATOM   381  C CD1 . ILE A 1 51  ? 7.486   5.283   -3.305  1.00 10.43 ? 51  ILE A CD1 1 
ATOM   382  N N   . GLY A 1 52  ? 11.623  1.745   -5.091  1.00 11.00 ? 52  GLY A N   1 
ATOM   383  C CA  . GLY A 1 52  ? 12.278  0.447   -5.079  1.00 11.73 ? 52  GLY A CA  1 
ATOM   384  C C   . GLY A 1 52  ? 13.784  0.615   -4.954  1.00 12.89 ? 52  GLY A C   1 
ATOM   385  O O   . GLY A 1 52  ? 14.436  -0.090  -4.179  1.00 11.20 ? 52  GLY A O   1 
ATOM   386  N N   . LYS A 1 53  ? 14.330  1.572   -5.701  1.00 12.30 ? 53  LYS A N   1 
ATOM   387  C CA  . LYS A 1 53  ? 15.762  1.853   -5.671  1.00 14.09 ? 53  LYS A CA  1 
ATOM   388  C C   . LYS A 1 53  ? 16.203  2.353   -4.296  1.00 12.91 ? 53  LYS A C   1 
ATOM   389  O O   . LYS A 1 53  ? 17.260  1.970   -3.805  1.00 11.34 ? 53  LYS A O   1 
ATOM   390  C CB  . LYS A 1 53  ? 16.135  2.882   -6.744  1.00 16.70 ? 53  LYS A CB  1 
ATOM   391  C CG  . LYS A 1 53  ? 15.959  2.395   -8.176  1.00 20.18 ? 53  LYS A CG  1 
ATOM   392  C CD  . LYS A 1 53  ? 16.371  3.476   -9.167  1.00 23.11 ? 53  LYS A CD  1 
ATOM   393  C CE  . LYS A 1 53  ? 16.124  3.053   -10.607 1.00 25.78 ? 53  LYS A CE  1 
ATOM   394  N NZ  . LYS A 1 53  ? 16.959  1.887   -11.013 1.00 28.46 ? 53  LYS A NZ  1 
ATOM   395  N N   . LEU A 1 54  ? 15.385  3.206   -3.678  1.00 12.03 ? 54  LEU A N   1 
ATOM   396  C CA  . LEU A 1 54  ? 15.692  3.745   -2.353  1.00 11.91 ? 54  LEU A CA  1 
ATOM   397  C C   . LEU A 1 54  ? 15.706  2.652   -1.293  1.00 13.53 ? 54  LEU A C   1 
ATOM   398  O O   . LEU A 1 54  ? 16.539  2.671   -0.385  1.00 11.92 ? 54  LEU A O   1 
ATOM   399  C CB  . LEU A 1 54  ? 14.677  4.821   -1.957  1.00 12.27 ? 54  LEU A CB  1 
ATOM   400  C CG  . LEU A 1 54  ? 14.799  6.174   -2.657  1.00 11.60 ? 54  LEU A CG  1 
ATOM   401  C CD1 . LEU A 1 54  ? 13.640  7.062   -2.241  1.00 12.08 ? 54  LEU A CD1 1 
ATOM   402  C CD2 . LEU A 1 54  ? 16.131  6.828   -2.302  1.00 12.94 ? 54  LEU A CD2 1 
ATOM   403  N N   . MET A 1 55  ? 14.762  1.718   -1.401  1.00 13.91 ? 55  MET A N   1 
ATOM   404  C CA  . MET A 1 55  ? 14.668  0.607   -0.457  1.00 15.39 ? 55  MET A CA  1 
ATOM   405  C C   . MET A 1 55  ? 15.930  -0.245  -0.510  1.00 15.03 ? 55  MET A C   1 
ATOM   406  O O   . MET A 1 55  ? 16.451  -0.668  0.525   1.00 14.51 ? 55  MET A O   1 
ATOM   407  C CB  . MET A 1 55  ? 13.450  -0.256  -0.773  1.00 15.78 ? 55  MET A CB  1 
ATOM   408  C CG  . MET A 1 55  ? 12.130  0.464   -0.603  1.00 20.51 ? 55  MET A CG  1 
ATOM   409  S SD  . MET A 1 55  ? 10.757  -0.576  -1.095  1.00 26.02 ? 55  MET A SD  1 
ATOM   410  C CE  . MET A 1 55  ? 10.532  -1.498  0.374   1.00 21.04 ? 55  MET A CE  1 
ATOM   411  N N   . LYS A 1 56  ? 16.414  -0.501  -1.720  1.00 15.71 ? 56  LYS A N   1 
ATOM   412  C CA  . LYS A 1 56  ? 17.626  -1.291  -1.891  1.00 15.78 ? 56  LYS A CA  1 
ATOM   413  C C   . LYS A 1 56  ? 18.858  -0.509  -1.445  1.00 15.60 ? 56  LYS A C   1 
ATOM   414  O O   . LYS A 1 56  ? 19.714  -1.035  -0.731  1.00 16.53 ? 56  LYS A O   1 
ATOM   415  C CB  . LYS A 1 56  ? 17.804  -1.715  -3.346  1.00 16.59 ? 56  LYS A CB  1 
ATOM   416  C CG  . LYS A 1 56  ? 19.111  -2.451  -3.551  1.00 16.23 ? 56  LYS A CG  1 
ATOM   417  C CD  . LYS A 1 56  ? 19.384  -2.793  -4.992  1.00 17.86 ? 56  LYS A CD  1 
ATOM   418  C CE  . LYS A 1 56  ? 20.741  -3.469  -5.094  1.00 19.64 ? 56  LYS A CE  1 
ATOM   419  N NZ  . LYS A 1 56  ? 20.829  -4.679  -4.225  1.00 18.24 ? 56  LYS A NZ  1 
ATOM   420  N N   . LYS A 1 57  ? 18.943  0.745   -1.882  1.00 15.49 ? 57  LYS A N   1 
ATOM   421  C CA  . LYS A 1 57  ? 20.070  1.610   -1.547  1.00 15.26 ? 57  LYS A CA  1 
ATOM   422  C C   . LYS A 1 57  ? 20.287  1.729   -0.044  1.00 15.07 ? 57  LYS A C   1 
ATOM   423  O O   . LYS A 1 57  ? 21.415  1.613   0.434   1.00 15.46 ? 57  LYS A O   1 
ATOM   424  C CB  . LYS A 1 57  ? 19.877  3.000   -2.163  1.00 15.27 ? 57  LYS A CB  1 
ATOM   425  C CG  . LYS A 1 57  ? 20.963  4.012   -1.804  1.00 16.78 ? 57  LYS A CG  1 
ATOM   426  C CD  . LYS A 1 57  ? 20.809  5.296   -2.604  1.00 17.07 ? 57  LYS A CD  1 
ATOM   427  C CE  . LYS A 1 57  ? 21.814  6.349   -2.157  1.00 18.42 ? 57  LYS A CE  1 
ATOM   428  N NZ  . LYS A 1 57  ? 21.797  7.531   -3.056  1.00 17.66 ? 57  LYS A NZ  1 
ATOM   429  N N   . TYR A 1 58  ? 19.204  1.929   0.700   1.00 14.04 ? 58  TYR A N   1 
ATOM   430  C CA  . TYR A 1 58  ? 19.309  2.069   2.144   1.00 15.41 ? 58  TYR A CA  1 
ATOM   431  C C   . TYR A 1 58  ? 19.074  0.790   2.947   1.00 15.26 ? 58  TYR A C   1 
ATOM   432  O O   . TYR A 1 58  ? 18.983  0.825   4.173   1.00 16.30 ? 58  TYR A O   1 
ATOM   433  C CB  . TYR A 1 58  ? 18.439  3.230   2.630   1.00 15.80 ? 58  TYR A CB  1 
ATOM   434  C CG  . TYR A 1 58  ? 18.986  4.571   2.183   1.00 17.27 ? 58  TYR A CG  1 
ATOM   435  C CD1 . TYR A 1 58  ? 20.030  5.183   2.877   1.00 18.20 ? 58  TYR A CD1 1 
ATOM   436  C CD2 . TYR A 1 58  ? 18.502  5.198   1.035   1.00 16.52 ? 58  TYR A CD2 1 
ATOM   437  C CE1 . TYR A 1 58  ? 20.583  6.386   2.437   1.00 17.66 ? 58  TYR A CE1 1 
ATOM   438  C CE2 . TYR A 1 58  ? 19.046  6.402   0.588   1.00 17.31 ? 58  TYR A CE2 1 
ATOM   439  C CZ  . TYR A 1 58  ? 20.088  6.987   1.292   1.00 17.51 ? 58  TYR A CZ  1 
ATOM   440  O OH  . TYR A 1 58  ? 20.645  8.163   0.845   1.00 18.07 ? 58  TYR A OH  1 
ATOM   441  N N   . GLY A 1 59  ? 19.013  -0.339  2.243   1.00 16.17 ? 59  GLY A N   1 
ATOM   442  C CA  . GLY A 1 59  ? 18.843  -1.631  2.889   1.00 18.04 ? 59  GLY A CA  1 
ATOM   443  C C   . GLY A 1 59  ? 17.470  -2.069  3.369   1.00 17.85 ? 59  GLY A C   1 
ATOM   444  O O   . GLY A 1 59  ? 17.323  -3.189  3.855   1.00 19.86 ? 59  GLY A O   1 
ATOM   445  N N   . LEU A 1 60  ? 16.458  -1.221  3.223   1.00 16.09 ? 60  LEU A N   1 
ATOM   446  C CA  . LEU A 1 60  ? 15.118  -1.581  3.672   1.00 15.71 ? 60  LEU A CA  1 
ATOM   447  C C   . LEU A 1 60  ? 14.482  -2.727  2.883   1.00 15.13 ? 60  LEU A C   1 
ATOM   448  O O   . LEU A 1 60  ? 13.597  -3.414  3.393   1.00 14.61 ? 60  LEU A O   1 
ATOM   449  C CB  . LEU A 1 60  ? 14.202  -0.353  3.691   1.00 16.87 ? 60  LEU A CB  1 
ATOM   450  C CG  . LEU A 1 60  ? 14.557  0.664   4.784   1.00 18.94 ? 60  LEU A CG  1 
ATOM   451  C CD1 . LEU A 1 60  ? 15.743  1.507   4.355   1.00 19.82 ? 60  LEU A CD1 1 
ATOM   452  C CD2 . LEU A 1 60  ? 13.379  1.567   5.075   1.00 21.32 ? 60  LEU A CD2 1 
ATOM   453  N N   . LEU A 1 61  ? 14.966  -2.962  1.666   1.00 15.27 ? 61  LEU A N   1 
ATOM   454  C CA  . LEU A 1 61  ? 14.446  -4.031  0.815   1.00 14.64 ? 61  LEU A CA  1 
ATOM   455  C C   . LEU A 1 61  ? 14.600  -5.408  1.460   1.00 14.42 ? 61  LEU A C   1 
ATOM   456  O O   . LEU A 1 61  ? 13.613  -6.114  1.668   1.00 11.30 ? 61  LEU A O   1 
ATOM   457  C CB  . LEU A 1 61  ? 15.151  -4.029  -0.544  1.00 15.79 ? 61  LEU A CB  1 
ATOM   458  C CG  . LEU A 1 61  ? 14.633  -5.051  -1.564  1.00 16.54 ? 61  LEU A CG  1 
ATOM   459  C CD1 . LEU A 1 61  ? 13.250  -4.640  -2.053  1.00 15.85 ? 61  LEU A CD1 1 
ATOM   460  C CD2 . LEU A 1 61  ? 15.600  -5.162  -2.732  1.00 16.92 ? 61  LEU A CD2 1 
ATOM   461  N N   . GLU A 1 62  ? 15.836  -5.794  1.773   1.00 14.20 ? 62  GLU A N   1 
ATOM   462  C CA  . GLU A 1 62  ? 16.070  -7.102  2.380   1.00 12.99 ? 62  GLU A CA  1 
ATOM   463  C C   . GLU A 1 62  ? 15.520  -7.209  3.793   1.00 12.33 ? 62  GLU A C   1 
ATOM   464  O O   . GLU A 1 62  ? 15.014  -8.260  4.184   1.00 12.21 ? 62  GLU A O   1 
ATOM   465  C CB  . GLU A 1 62  ? 17.555  -7.489  2.316   1.00 16.42 ? 62  GLU A CB  1 
ATOM   466  C CG  . GLU A 1 62  ? 18.021  -7.778  0.883   1.00 21.62 ? 62  GLU A CG  1 
ATOM   467  C CD  . GLU A 1 62  ? 19.400  -8.424  0.785   1.00 24.93 ? 62  GLU A CD  1 
ATOM   468  O OE1 . GLU A 1 62  ? 19.901  -8.965  1.791   1.00 26.13 ? 62  GLU A OE1 1 
ATOM   469  O OE2 . GLU A 1 62  ? 19.976  -8.406  -0.323  1.00 29.43 ? 62  GLU A OE2 1 
ATOM   470  N N   . LYS A 1 63  ? 15.556  -6.104  4.534   1.00 10.84 ? 63  LYS A N   1 
ATOM   471  C CA  . LYS A 1 63  ? 15.049  -6.082  5.902   1.00 11.93 ? 63  LYS A CA  1 
ATOM   472  C C   . LYS A 1 63  ? 13.551  -6.405  5.943   1.00 11.78 ? 63  LYS A C   1 
ATOM   473  O O   . LYS A 1 63  ? 13.101  -7.200  6.771   1.00 11.16 ? 63  LYS A O   1 
ATOM   474  C CB  . LYS A 1 63  ? 15.297  -4.712  6.537   1.00 13.34 ? 63  LYS A CB  1 
ATOM   475  C CG  . LYS A 1 63  ? 15.133  -4.692  8.048   1.00 17.07 ? 63  LYS A CG  1 
ATOM   476  C CD  . LYS A 1 63  ? 16.256  -5.454  8.733   1.00 22.60 ? 63  LYS A CD  1 
ATOM   477  C CE  . LYS A 1 63  ? 16.152  -5.338  10.242  1.00 24.33 ? 63  LYS A CE  1 
ATOM   478  N NZ  . LYS A 1 63  ? 17.297  -6.003  10.915  1.00 27.30 ? 63  LYS A NZ  1 
ATOM   479  N N   . ILE A 1 64  ? 12.787  -5.784  5.049   1.00 10.88 ? 64  ILE A N   1 
ATOM   480  C CA  . ILE A 1 64  ? 11.345  -6.013  4.987   1.00 11.37 ? 64  ILE A CA  1 
ATOM   481  C C   . ILE A 1 64  ? 11.033  -7.458  4.583   1.00 11.28 ? 64  ILE A C   1 
ATOM   482  O O   . ILE A 1 64  ? 10.138  -8.088  5.155   1.00 12.08 ? 64  ILE A O   1 
ATOM   483  C CB  . ILE A 1 64  ? 10.659  -5.017  4.026   1.00 11.28 ? 64  ILE A CB  1 
ATOM   484  C CG1 . ILE A 1 64  ? 10.789  -3.596  4.586   1.00 11.02 ? 64  ILE A CG1 1 
ATOM   485  C CG2 . ILE A 1 64  ? 9.183   -5.374  3.850   1.00 9.77  ? 64  ILE A CG2 1 
ATOM   486  C CD1 . ILE A 1 64  ? 10.299  -2.504  3.657   1.00 12.42 ? 64  ILE A CD1 1 
ATOM   487  N N   . LYS A 1 65  ? 11.786  -7.979  3.616   1.00 12.29 ? 65  LYS A N   1 
ATOM   488  C CA  . LYS A 1 65  ? 11.612  -9.358  3.155   1.00 13.37 ? 65  LYS A CA  1 
ATOM   489  C C   . LYS A 1 65  ? 11.911  -10.344 4.283   1.00 13.86 ? 65  LYS A C   1 
ATOM   490  O O   . LYS A 1 65  ? 11.378  -11.454 4.306   1.00 14.86 ? 65  LYS A O   1 
ATOM   491  C CB  . LYS A 1 65  ? 12.546  -9.661  1.983   1.00 14.42 ? 65  LYS A CB  1 
ATOM   492  C CG  . LYS A 1 65  ? 12.227  -8.939  0.686   1.00 15.78 ? 65  LYS A CG  1 
ATOM   493  C CD  . LYS A 1 65  ? 13.182  -9.417  -0.401  1.00 17.51 ? 65  LYS A CD  1 
ATOM   494  C CE  . LYS A 1 65  ? 12.940  -8.730  -1.726  1.00 17.90 ? 65  LYS A CE  1 
ATOM   495  N NZ  . LYS A 1 65  ? 13.847  -9.280  -2.772  1.00 19.77 ? 65  LYS A NZ  1 
ATOM   496  N N   . ASN A 1 66  ? 12.793  -9.939  5.197   1.00 12.97 ? 66  ASN A N   1 
ATOM   497  C CA  . ASN A 1 66  ? 13.174  -10.770 6.332   1.00 13.64 ? 66  ASN A CA  1 
ATOM   498  C C   . ASN A 1 66  ? 12.262  -10.597 7.538   1.00 13.52 ? 66  ASN A C   1 
ATOM   499  O O   . ASN A 1 66  ? 12.540  -11.134 8.609   1.00 15.65 ? 66  ASN A O   1 
ATOM   500  C CB  . ASN A 1 66  ? 14.623  -10.486 6.749   1.00 13.42 ? 66  ASN A CB  1 
ATOM   501  C CG  . ASN A 1 66  ? 15.630  -11.195 5.873   1.00 14.48 ? 66  ASN A CG  1 
ATOM   502  O OD1 . ASN A 1 66  ? 15.351  -12.264 5.330   1.00 12.65 ? 66  ASN A OD1 1 
ATOM   503  N ND2 . ASN A 1 66  ? 16.811  -10.605 5.733   1.00 14.61 ? 66  ASN A ND2 1 
ATOM   504  N N   . SER A 1 67  ? 11.180  -9.845  7.378   1.00 13.97 ? 67  SER A N   1 
ATOM   505  C CA  . SER A 1 67  ? 10.262  -9.630  8.488   1.00 12.47 ? 67  SER A CA  1 
ATOM   506  C C   . SER A 1 67  ? 8.916   -10.295 8.246   1.00 9.39  ? 67  SER A C   1 
ATOM   507  O O   . SER A 1 67  ? 8.566   -10.619 7.111   1.00 9.71  ? 67  SER A O   1 
ATOM   508  C CB  . SER A 1 67  ? 10.045  -8.133  8.721   1.00 14.11 ? 67  SER A CB  1 
ATOM   509  O OG  . SER A 1 67  ? 9.123   -7.600  7.785   1.00 14.31 ? 67  SER A OG  1 
ATOM   510  N N   . ASN A 1 68  ? 8.164   -10.490 9.321   1.00 7.00  ? 68  ASN A N   1 
ATOM   511  C CA  . ASN A 1 68  ? 6.838   -11.081 9.219   1.00 8.42  ? 68  ASN A CA  1 
ATOM   512  C C   . ASN A 1 68  ? 5.829   -9.987  9.551   1.00 7.45  ? 68  ASN A C   1 
ATOM   513  O O   . ASN A 1 68  ? 4.778   -10.240 10.134  1.00 7.99  ? 68  ASN A O   1 
ATOM   514  C CB  . ASN A 1 68  ? 6.679   -12.261 10.180  1.00 9.05  ? 68  ASN A CB  1 
ATOM   515  C CG  . ASN A 1 68  ? 5.490   -13.139 9.825   1.00 11.93 ? 68  ASN A CG  1 
ATOM   516  O OD1 . ASN A 1 68  ? 5.098   -13.227 8.659   1.00 10.78 ? 68  ASN A OD1 1 
ATOM   517  N ND2 . ASN A 1 68  ? 4.909   -13.791 10.827  1.00 14.66 ? 68  ASN A ND2 1 
ATOM   518  N N   . LEU A 1 69  ? 6.173   -8.761  9.177   1.00 6.67  ? 69  LEU A N   1 
ATOM   519  C CA  . LEU A 1 69  ? 5.323   -7.611  9.429   1.00 8.24  ? 69  LEU A CA  1 
ATOM   520  C C   . LEU A 1 69  ? 4.132   -7.508  8.493   1.00 7.68  ? 69  LEU A C   1 
ATOM   521  O O   . LEU A 1 69  ? 4.228   -7.840  7.311   1.00 8.70  ? 69  LEU A O   1 
ATOM   522  C CB  . LEU A 1 69  ? 6.130   -6.317  9.280   1.00 11.51 ? 69  LEU A CB  1 
ATOM   523  C CG  . LEU A 1 69  ? 7.011   -5.832  10.433  1.00 13.03 ? 69  LEU A CG  1 
ATOM   524  C CD1 . LEU A 1 69  ? 7.846   -4.652  9.967   1.00 14.33 ? 69  LEU A CD1 1 
ATOM   525  C CD2 . LEU A 1 69  ? 6.137   -5.434  11.610  1.00 13.50 ? 69  LEU A CD2 1 
ATOM   526  N N   . PRO A 1 70  ? 2.960   -7.150  9.041   1.00 8.22  ? 70  PRO A N   1 
ATOM   527  C CA  . PRO A 1 70  ? 1.761   -6.992  8.213   1.00 7.31  ? 70  PRO A CA  1 
ATOM   528  C C   . PRO A 1 70  ? 2.092   -5.737  7.400   1.00 7.59  ? 70  PRO A C   1 
ATOM   529  O O   . PRO A 1 70  ? 2.736   -4.820  7.921   1.00 5.97  ? 70  PRO A O   1 
ATOM   530  C CB  . PRO A 1 70  ? 0.674   -6.697  9.247   1.00 7.24  ? 70  PRO A CB  1 
ATOM   531  C CG  . PRO A 1 70  ? 1.149   -7.454  10.458  1.00 7.45  ? 70  PRO A CG  1 
ATOM   532  C CD  . PRO A 1 70  ? 2.620   -7.126  10.474  1.00 7.40  ? 70  PRO A CD  1 
ATOM   533  N N   . ILE A 1 71  ? 1.726   -5.717  6.121   1.00 5.81  ? 71  ILE A N   1 
ATOM   534  C CA  . ILE A 1 71  ? 2.042   -4.566  5.281   1.00 4.94  ? 71  ILE A CA  1 
ATOM   535  C C   . ILE A 1 71  ? 0.857   -4.088  4.447   1.00 5.20  ? 71  ILE A C   1 
ATOM   536  O O   . ILE A 1 71  ? 0.124   -4.891  3.870   1.00 4.84  ? 71  ILE A O   1 
ATOM   537  C CB  . ILE A 1 71  ? 3.201   -4.885  4.294   1.00 5.98  ? 71  ILE A CB  1 
ATOM   538  C CG1 . ILE A 1 71  ? 4.438   -5.382  5.046   1.00 6.85  ? 71  ILE A CG1 1 
ATOM   539  C CG2 . ILE A 1 71  ? 3.558   -3.648  3.469   1.00 6.17  ? 71  ILE A CG2 1 
ATOM   540  C CD1 . ILE A 1 71  ? 5.498   -5.983  4.138   1.00 10.30 ? 71  ILE A CD1 1 
ATOM   541  N N   . LEU A 1 72  ? 0.669   -2.772  4.422   1.00 4.70  ? 72  LEU A N   1 
ATOM   542  C CA  . LEU A 1 72  ? -0.374  -2.142  3.624   1.00 5.46  ? 72  LEU A CA  1 
ATOM   543  C C   . LEU A 1 72  ? 0.359   -1.361  2.544   1.00 5.22  ? 72  LEU A C   1 
ATOM   544  O O   . LEU A 1 72  ? 1.098   -0.426  2.849   1.00 5.28  ? 72  LEU A O   1 
ATOM   545  C CB  . LEU A 1 72  ? -1.222  -1.167  4.456   1.00 5.04  ? 72  LEU A CB  1 
ATOM   546  C CG  . LEU A 1 72  ? -2.147  -0.250  3.637   1.00 6.89  ? 72  LEU A CG  1 
ATOM   547  C CD1 . LEU A 1 72  ? -3.143  -1.070  2.820   1.00 6.07  ? 72  LEU A CD1 1 
ATOM   548  C CD2 . LEU A 1 72  ? -2.877  0.725   4.540   1.00 4.79  ? 72  LEU A CD2 1 
ATOM   549  N N   . GLY A 1 73  ? 0.188   -1.777  1.293   1.00 4.27  ? 73  GLY A N   1 
ATOM   550  C CA  . GLY A 1 73  ? 0.832   -1.089  0.191   1.00 3.35  ? 73  GLY A CA  1 
ATOM   551  C C   . GLY A 1 73  ? -0.194  -0.271  -0.572  1.00 5.41  ? 73  GLY A C   1 
ATOM   552  O O   . GLY A 1 73  ? -1.226  -0.797  -0.988  1.00 5.46  ? 73  GLY A O   1 
ATOM   553  N N   . THR A 1 74  ? 0.061   1.026   -0.711  1.00 6.02  ? 74  THR A N   1 
ATOM   554  C CA  . THR A 1 74  ? -0.853  1.902   -1.436  1.00 5.75  ? 74  THR A CA  1 
ATOM   555  C C   . THR A 1 74  ? -0.140  2.510   -2.639  1.00 6.26  ? 74  THR A C   1 
ATOM   556  O O   . THR A 1 74  ? 0.949   3.077   -2.511  1.00 3.47  ? 74  THR A O   1 
ATOM   557  C CB  . THR A 1 74  ? -1.446  3.001   -0.524  1.00 6.21  ? 74  THR A CB  1 
ATOM   558  O OG1 . THR A 1 74  ? -0.403  3.845   -0.022  1.00 7.44  ? 74  THR A OG1 1 
ATOM   559  C CG2 . THR A 1 74  ? -2.189  2.366   0.648   1.00 8.88  ? 74  THR A CG2 1 
ATOM   560  N N   . CYS A 1 75  ? -0.764  2.353   -3.806  1.00 6.24  ? 75  CYS A N   1 
ATOM   561  C CA  . CYS A 1 75  ? -0.236  2.820   -5.089  1.00 5.41  ? 75  CYS A CA  1 
ATOM   562  C C   . CYS A 1 75  ? 1.152   2.218   -5.339  1.00 5.83  ? 75  CYS A C   1 
ATOM   563  O O   . CYS A 1 75  ? 1.249   1.058   -5.743  1.00 4.98  ? 75  CYS A O   1 
ATOM   564  C CB  . CYS A 1 75  ? -0.215  4.349   -5.170  1.00 7.75  ? 75  CYS A CB  1 
ATOM   565  S SG  . CYS A 1 75  ? 0.004   4.973   -6.867  1.00 8.50  ? 75  CYS A SG  1 
ATOM   566  N N   . ALA A 1 76  ? 2.218   2.976   -5.075  1.00 4.64  ? 76  ALA A N   1 
ATOM   567  C CA  . ALA A 1 76  ? 3.572   2.459   -5.261  1.00 5.31  ? 76  ALA A CA  1 
ATOM   568  C C   . ALA A 1 76  ? 3.748   1.193   -4.417  1.00 6.52  ? 76  ALA A C   1 
ATOM   569  O O   . ALA A 1 76  ? 4.427   0.248   -4.828  1.00 4.98  ? 76  ALA A O   1 
ATOM   570  C CB  . ALA A 1 76  ? 4.601   3.500   -4.858  1.00 6.75  ? 76  ALA A CB  1 
ATOM   571  N N   . GLY A 1 77  ? 3.098   1.182   -3.252  1.00 4.05  ? 77  GLY A N   1 
ATOM   572  C CA  . GLY A 1 77  ? 3.158   0.044   -2.347  1.00 5.85  ? 77  GLY A CA  1 
ATOM   573  C C   . GLY A 1 77  ? 2.487   -1.198  -2.908  1.00 6.36  ? 77  GLY A C   1 
ATOM   574  O O   . GLY A 1 77  ? 2.889   -2.322  -2.590  1.00 4.83  ? 77  GLY A O   1 
ATOM   575  N N   . MET A 1 78  ? 1.438   -1.004  -3.705  1.00 6.49  ? 78  MET A N   1 
ATOM   576  C CA  . MET A 1 78  ? 0.748   -2.133  -4.329  1.00 6.63  ? 78  MET A CA  1 
ATOM   577  C C   . MET A 1 78  ? 1.716   -2.783  -5.314  1.00 5.55  ? 78  MET A C   1 
ATOM   578  O O   . MET A 1 78  ? 1.829   -4.007  -5.375  1.00 6.79  ? 78  MET A O   1 
ATOM   579  C CB  . MET A 1 78  ? -0.514  -1.676  -5.072  1.00 6.56  ? 78  MET A CB  1 
ATOM   580  C CG  . MET A 1 78  ? -1.130  -2.774  -5.942  1.00 8.02  ? 78  MET A CG  1 
ATOM   581  S SD  . MET A 1 78  ? -2.650  -2.307  -6.806  1.00 10.06 ? 78  MET A SD  1 
ATOM   582  C CE  . MET A 1 78  ? -3.864  -2.870  -5.647  1.00 9.04  ? 78  MET A CE  1 
ATOM   583  N N   . VAL A 1 79  ? 2.398   -1.950  -6.095  1.00 4.86  ? 79  VAL A N   1 
ATOM   584  C CA  . VAL A 1 79  ? 3.370   -2.439  -7.071  1.00 6.09  ? 79  VAL A CA  1 
ATOM   585  C C   . VAL A 1 79  ? 4.507   -3.181  -6.378  1.00 6.15  ? 79  VAL A C   1 
ATOM   586  O O   . VAL A 1 79  ? 4.827   -4.317  -6.732  1.00 5.20  ? 79  VAL A O   1 
ATOM   587  C CB  . VAL A 1 79  ? 3.977   -1.279  -7.904  1.00 6.28  ? 79  VAL A CB  1 
ATOM   588  C CG1 . VAL A 1 79  ? 5.095   -1.799  -8.803  1.00 7.60  ? 79  VAL A CG1 1 
ATOM   589  C CG2 . VAL A 1 79  ? 2.902   -0.618  -8.746  1.00 8.66  ? 79  VAL A CG2 1 
ATOM   590  N N   . LEU A 1 80  ? 5.095   -2.538  -5.373  1.00 6.81  ? 80  LEU A N   1 
ATOM   591  C CA  . LEU A 1 80  ? 6.216   -3.104  -4.628  1.00 6.39  ? 80  LEU A CA  1 
ATOM   592  C C   . LEU A 1 80  ? 5.936   -4.442  -3.936  1.00 7.08  ? 80  LEU A C   1 
ATOM   593  O O   . LEU A 1 80  ? 6.805   -5.314  -3.897  1.00 7.84  ? 80  LEU A O   1 
ATOM   594  C CB  . LEU A 1 80  ? 6.752   -2.069  -3.633  1.00 6.66  ? 80  LEU A CB  1 
ATOM   595  C CG  . LEU A 1 80  ? 7.366   -0.829  -4.299  1.00 7.98  ? 80  LEU A CG  1 
ATOM   596  C CD1 . LEU A 1 80  ? 7.575   0.278   -3.276  1.00 9.86  ? 80  LEU A CD1 1 
ATOM   597  C CD2 . LEU A 1 80  ? 8.684   -1.196  -4.973  1.00 10.84 ? 80  LEU A CD2 1 
ATOM   598  N N   . LEU A 1 81  ? 4.727   -4.616  -3.414  1.00 6.30  ? 81  LEU A N   1 
ATOM   599  C CA  . LEU A 1 81  ? 4.366   -5.866  -2.747  1.00 6.22  ? 81  LEU A CA  1 
ATOM   600  C C   . LEU A 1 81  ? 4.240   -7.047  -3.711  1.00 6.25  ? 81  LEU A C   1 
ATOM   601  O O   . LEU A 1 81  ? 4.457   -8.195  -3.326  1.00 7.39  ? 81  LEU A O   1 
ATOM   602  C CB  . LEU A 1 81  ? 3.042   -5.711  -1.993  1.00 5.09  ? 81  LEU A CB  1 
ATOM   603  C CG  . LEU A 1 81  ? 3.039   -5.120  -0.582  1.00 5.39  ? 81  LEU A CG  1 
ATOM   604  C CD1 . LEU A 1 81  ? 1.590   -4.971  -0.106  1.00 5.67  ? 81  LEU A CD1 1 
ATOM   605  C CD2 . LEU A 1 81  ? 3.822   -6.032  0.364   1.00 3.84  ? 81  LEU A CD2 1 
ATOM   606  N N   . SER A 1 82  ? 3.884   -6.754  -4.959  1.00 6.56  ? 82  SER A N   1 
ATOM   607  C CA  . SER A 1 82  ? 3.675   -7.777  -5.982  1.00 7.55  ? 82  SER A CA  1 
ATOM   608  C C   . SER A 1 82  ? 4.885   -8.614  -6.377  1.00 7.11  ? 82  SER A C   1 
ATOM   609  O O   . SER A 1 82  ? 6.022   -8.315  -6.013  1.00 6.93  ? 82  SER A O   1 
ATOM   610  C CB  . SER A 1 82  ? 3.060   -7.158  -7.241  1.00 6.65  ? 82  SER A CB  1 
ATOM   611  O OG  . SER A 1 82  ? 4.041   -6.540  -8.058  1.00 8.24  ? 82  SER A OG  1 
ATOM   612  N N   . LYS A 1 83  ? 4.608   -9.665  -7.143  1.00 9.28  ? 83  LYS A N   1 
ATOM   613  C CA  . LYS A 1 83  ? 5.625   -10.581 -7.634  1.00 10.04 ? 83  LYS A CA  1 
ATOM   614  C C   . LYS A 1 83  ? 5.820   -10.406 -9.138  1.00 11.57 ? 83  LYS A C   1 
ATOM   615  O O   . LYS A 1 83  ? 6.414   -11.261 -9.796  1.00 12.72 ? 83  LYS A O   1 
ATOM   616  C CB  . LYS A 1 83  ? 5.234   -12.030 -7.302  1.00 9.33  ? 83  LYS A CB  1 
ATOM   617  C CG  . LYS A 1 83  ? 5.260   -12.347 -5.810  1.00 8.79  ? 83  LYS A CG  1 
ATOM   618  C CD  . LYS A 1 83  ? 4.870   -13.793 -5.510  1.00 8.82  ? 83  LYS A CD  1 
ATOM   619  C CE  . LYS A 1 83  ? 4.961   -14.083 -4.016  1.00 6.56  ? 83  LYS A CE  1 
ATOM   620  N NZ  . LYS A 1 83  ? 4.675   -15.514 -3.683  1.00 6.88  ? 83  LYS A NZ  1 
ATOM   621  N N   . GLY A 1 84  ? 5.326   -9.294  -9.678  1.00 11.36 ? 84  GLY A N   1 
ATOM   622  C CA  . GLY A 1 84  ? 5.475   -9.044  -11.102 1.00 13.14 ? 84  GLY A CA  1 
ATOM   623  C C   . GLY A 1 84  ? 4.658   -7.886  -11.636 1.00 13.10 ? 84  GLY A C   1 
ATOM   624  O O   . GLY A 1 84  ? 3.523   -7.666  -11.216 1.00 12.03 ? 84  GLY A O   1 
ATOM   625  N N   . THR A 1 85  ? 5.245   -7.140  -12.568 1.00 14.54 ? 85  THR A N   1 
ATOM   626  C CA  . THR A 1 85  ? 4.579   -5.993  -13.182 1.00 15.95 ? 85  THR A CA  1 
ATOM   627  C C   . THR A 1 85  ? 4.774   -5.982  -14.698 1.00 18.02 ? 85  THR A C   1 
ATOM   628  O O   . THR A 1 85  ? 4.270   -5.095  -15.383 1.00 17.76 ? 85  THR A O   1 
ATOM   629  C CB  . THR A 1 85  ? 5.121   -4.655  -12.632 1.00 15.13 ? 85  THR A CB  1 
ATOM   630  O OG1 . THR A 1 85  ? 6.513   -4.534  -12.957 1.00 13.77 ? 85  THR A OG1 1 
ATOM   631  C CG2 . THR A 1 85  ? 4.937   -4.574  -11.120 1.00 14.54 ? 85  THR A CG2 1 
ATOM   632  N N   . GLY A 1 86  ? 5.526   -6.951  -15.214 1.00 19.59 ? 86  GLY A N   1 
ATOM   633  C CA  . GLY A 1 86  ? 5.772   -7.008  -16.646 1.00 24.09 ? 86  GLY A CA  1 
ATOM   634  C C   . GLY A 1 86  ? 6.956   -6.160  -17.080 1.00 25.82 ? 86  GLY A C   1 
ATOM   635  O O   . GLY A 1 86  ? 7.393   -6.226  -18.231 1.00 27.44 ? 86  GLY A O   1 
ATOM   636  N N   . ILE A 1 87  ? 7.454   -5.335  -16.163 1.00 25.51 ? 87  ILE A N   1 
ATOM   637  C CA  . ILE A 1 87  ? 8.603   -4.476  -16.428 1.00 25.64 ? 87  ILE A CA  1 
ATOM   638  C C   . ILE A 1 87  ? 9.674   -4.805  -15.391 1.00 24.23 ? 87  ILE A C   1 
ATOM   639  O O   . ILE A 1 87  ? 9.360   -5.092  -14.232 1.00 22.09 ? 87  ILE A O   1 
ATOM   640  C CB  . ILE A 1 87  ? 8.220   -2.969  -16.365 1.00 27.52 ? 87  ILE A CB  1 
ATOM   641  C CG1 . ILE A 1 87  ? 9.453   -2.091  -16.584 1.00 29.54 ? 87  ILE A CG1 1 
ATOM   642  C CG2 . ILE A 1 87  ? 7.568   -2.636  -15.038 1.00 28.96 ? 87  ILE A CG2 1 
ATOM   643  C CD1 . ILE A 1 87  ? 9.159   -0.598  -16.573 1.00 31.27 ? 87  ILE A CD1 1 
ATOM   644  N N   . ASN A 1 88  ? 10.934  -4.796  -15.817 1.00 22.19 ? 88  ASN A N   1 
ATOM   645  C CA  . ASN A 1 88  ? 12.042  -5.111  -14.922 1.00 21.78 ? 88  ASN A CA  1 
ATOM   646  C C   . ASN A 1 88  ? 12.262  -4.002  -13.895 1.00 20.54 ? 88  ASN A C   1 
ATOM   647  O O   . ASN A 1 88  ? 12.708  -2.906  -14.234 1.00 20.37 ? 88  ASN A O   1 
ATOM   648  C CB  . ASN A 1 88  ? 13.323  -5.356  -15.726 1.00 24.58 ? 88  ASN A CB  1 
ATOM   649  C CG  . ASN A 1 88  ? 14.407  -6.035  -14.905 1.00 27.00 ? 88  ASN A CG  1 
ATOM   650  O OD1 . ASN A 1 88  ? 14.828  -5.526  -13.865 1.00 30.24 ? 88  ASN A OD1 1 
ATOM   651  N ND2 . ASN A 1 88  ? 14.864  -7.195  -15.369 1.00 28.90 ? 88  ASN A ND2 1 
ATOM   652  N N   . GLN A 1 89  ? 11.931  -4.299  -12.639 1.00 17.44 ? 89  GLN A N   1 
ATOM   653  C CA  . GLN A 1 89  ? 12.083  -3.345  -11.544 1.00 15.16 ? 89  GLN A CA  1 
ATOM   654  C C   . GLN A 1 89  ? 12.207  -4.063  -10.202 1.00 14.35 ? 89  GLN A C   1 
ATOM   655  O O   . GLN A 1 89  ? 11.896  -5.252  -10.085 1.00 14.62 ? 89  GLN A O   1 
ATOM   656  C CB  . GLN A 1 89  ? 10.896  -2.371  -11.503 1.00 14.85 ? 89  GLN A CB  1 
ATOM   657  C CG  . GLN A 1 89  ? 9.564   -3.015  -11.132 1.00 13.03 ? 89  GLN A CG  1 
ATOM   658  C CD  . GLN A 1 89  ? 8.437   -2.005  -11.019 1.00 14.00 ? 89  GLN A CD  1 
ATOM   659  O OE1 . GLN A 1 89  ? 8.449   -1.131  -10.145 1.00 14.20 ? 89  GLN A OE1 1 
ATOM   660  N NE2 . GLN A 1 89  ? 7.454   -2.118  -11.904 1.00 10.38 ? 89  GLN A NE2 1 
ATOM   661  N N   . ILE A 1 90  ? 12.665  -3.330  -9.192  1.00 13.84 ? 90  ILE A N   1 
ATOM   662  C CA  . ILE A 1 90  ? 12.839  -3.877  -7.851  1.00 14.15 ? 90  ILE A CA  1 
ATOM   663  C C   . ILE A 1 90  ? 11.491  -4.084  -7.162  1.00 13.94 ? 90  ILE A C   1 
ATOM   664  O O   . ILE A 1 90  ? 10.695  -3.153  -7.043  1.00 14.14 ? 90  ILE A O   1 
ATOM   665  C CB  . ILE A 1 90  ? 13.722  -2.947  -6.992  1.00 14.15 ? 90  ILE A CB  1 
ATOM   666  C CG1 . ILE A 1 90  ? 15.115  -2.831  -7.620  1.00 17.54 ? 90  ILE A CG1 1 
ATOM   667  C CG2 . ILE A 1 90  ? 13.821  -3.471  -5.563  1.00 16.11 ? 90  ILE A CG2 1 
ATOM   668  C CD1 . ILE A 1 90  ? 16.009  -1.799  -6.958  1.00 16.98 ? 90  ILE A CD1 1 
ATOM   669  N N   . LEU A 1 91  ? 11.250  -5.312  -6.712  1.00 12.86 ? 91  LEU A N   1 
ATOM   670  C CA  . LEU A 1 91  ? 10.003  -5.661  -6.036  1.00 12.49 ? 91  LEU A CA  1 
ATOM   671  C C   . LEU A 1 91  ? 10.265  -6.454  -4.763  1.00 11.12 ? 91  LEU A C   1 
ATOM   672  O O   . LEU A 1 91  ? 11.297  -7.112  -4.635  1.00 9.94  ? 91  LEU A O   1 
ATOM   673  C CB  . LEU A 1 91  ? 9.118   -6.500  -6.961  1.00 12.97 ? 91  LEU A CB  1 
ATOM   674  C CG  . LEU A 1 91  ? 8.715   -5.883  -8.300  1.00 11.90 ? 91  LEU A CG  1 
ATOM   675  C CD1 . LEU A 1 91  ? 7.959   -6.908  -9.133  1.00 11.27 ? 91  LEU A CD1 1 
ATOM   676  C CD2 . LEU A 1 91  ? 7.864   -4.644  -8.060  1.00 12.39 ? 91  LEU A CD2 1 
ATOM   677  N N   . LEU A 1 92  ? 9.324   -6.384  -3.825  1.00 9.85  ? 92  LEU A N   1 
ATOM   678  C CA  . LEU A 1 92  ? 9.433   -7.122  -2.571  1.00 9.75  ? 92  LEU A CA  1 
ATOM   679  C C   . LEU A 1 92  ? 9.069   -8.589  -2.807  1.00 9.85  ? 92  LEU A C   1 
ATOM   680  O O   . LEU A 1 92  ? 9.553   -9.472  -2.105  1.00 8.76  ? 92  LEU A O   1 
ATOM   681  C CB  . LEU A 1 92  ? 8.506   -6.523  -1.505  1.00 10.04 ? 92  LEU A CB  1 
ATOM   682  C CG  . LEU A 1 92  ? 8.886   -5.164  -0.906  1.00 8.67  ? 92  LEU A CG  1 
ATOM   683  C CD1 . LEU A 1 92  ? 7.708   -4.599  -0.125  1.00 10.91 ? 92  LEU A CD1 1 
ATOM   684  C CD2 . LEU A 1 92  ? 10.108  -5.305  0.001   1.00 8.52  ? 92  LEU A CD2 1 
ATOM   685  N N   . GLU A 1 93  ? 8.215   -8.833  -3.801  1.00 9.05  ? 93  GLU A N   1 
ATOM   686  C CA  . GLU A 1 93  ? 7.769   -10.185 -4.155  1.00 9.76  ? 93  GLU A CA  1 
ATOM   687  C C   . GLU A 1 93  ? 7.171   -10.911 -2.952  1.00 8.93  ? 93  GLU A C   1 
ATOM   688  O O   . GLU A 1 93  ? 7.562   -12.037 -2.639  1.00 10.04 ? 93  GLU A O   1 
ATOM   689  C CB  . GLU A 1 93  ? 8.931   -11.003 -4.734  1.00 11.19 ? 93  GLU A CB  1 
ATOM   690  C CG  . GLU A 1 93  ? 9.655   -10.343 -5.893  1.00 13.97 ? 93  GLU A CG  1 
ATOM   691  C CD  . GLU A 1 93  ? 10.811  -11.183 -6.407  1.00 17.46 ? 93  GLU A CD  1 
ATOM   692  O OE1 . GLU A 1 93  ? 11.796  -11.374 -5.663  1.00 18.29 ? 93  GLU A OE1 1 
ATOM   693  O OE2 . GLU A 1 93  ? 10.725  -11.663 -7.552  1.00 18.17 ? 93  GLU A OE2 1 
ATOM   694  N N   . LEU A 1 94  ? 6.217   -10.269 -2.284  1.00 6.70  ? 94  LEU A N   1 
ATOM   695  C CA  . LEU A 1 94  ? 5.592   -10.857 -1.102  1.00 6.01  ? 94  LEU A CA  1 
ATOM   696  C C   . LEU A 1 94  ? 4.155   -11.305 -1.312  1.00 6.15  ? 94  LEU A C   1 
ATOM   697  O O   . LEU A 1 94  ? 3.762   -12.385 -0.873  1.00 8.02  ? 94  LEU A O   1 
ATOM   698  C CB  . LEU A 1 94  ? 5.641   -9.870  0.067   1.00 5.72  ? 94  LEU A CB  1 
ATOM   699  C CG  . LEU A 1 94  ? 7.029   -9.515  0.609   1.00 6.95  ? 94  LEU A CG  1 
ATOM   700  C CD1 . LEU A 1 94  ? 6.919   -8.391  1.634   1.00 7.16  ? 94  LEU A CD1 1 
ATOM   701  C CD2 . LEU A 1 94  ? 7.665   -10.752 1.225   1.00 5.12  ? 94  LEU A CD2 1 
ATOM   702  N N   . MET A 1 95  ? 3.371   -10.458 -1.964  1.00 6.23  ? 95  MET A N   1 
ATOM   703  C CA  . MET A 1 95  ? 1.967   -10.741 -2.211  1.00 6.23  ? 95  MET A CA  1 
ATOM   704  C C   . MET A 1 95  ? 1.775   -11.508 -3.524  1.00 6.30  ? 95  MET A C   1 
ATOM   705  O O   . MET A 1 95  ? 2.409   -11.200 -4.530  1.00 5.94  ? 95  MET A O   1 
ATOM   706  C CB  . MET A 1 95  ? 1.202   -9.419  -2.222  1.00 7.47  ? 95  MET A CB  1 
ATOM   707  C CG  . MET A 1 95  ? -0.287  -9.539  -2.050  1.00 9.83  ? 95  MET A CG  1 
ATOM   708  S SD  . MET A 1 95  ? -0.980  -7.962  -1.519  1.00 10.80 ? 95  MET A SD  1 
ATOM   709  C CE  . MET A 1 95  ? -2.518  -8.538  -0.825  1.00 7.44  ? 95  MET A CE  1 
ATOM   710  N N   . ASP A 1 96  ? 0.919   -12.527 -3.489  1.00 6.11  ? 96  ASP A N   1 
ATOM   711  C CA  . ASP A 1 96  ? 0.645   -13.357 -4.661  1.00 7.53  ? 96  ASP A CA  1 
ATOM   712  C C   . ASP A 1 96  ? -0.234  -12.713 -5.729  1.00 6.70  ? 96  ASP A C   1 
ATOM   713  O O   . ASP A 1 96  ? -1.331  -13.190 -6.034  1.00 7.45  ? 96  ASP A O   1 
ATOM   714  C CB  . ASP A 1 96  ? 0.075   -14.714 -4.238  1.00 6.79  ? 96  ASP A CB  1 
ATOM   715  C CG  . ASP A 1 96  ? 1.154   -15.674 -3.766  1.00 8.71  ? 96  ASP A CG  1 
ATOM   716  O OD1 . ASP A 1 96  ? 2.110   -15.905 -4.534  1.00 7.41  ? 96  ASP A OD1 1 
ATOM   717  O OD2 . ASP A 1 96  ? 1.054   -16.184 -2.632  1.00 10.02 ? 96  ASP A OD2 1 
ATOM   718  N N   . ILE A 1 97  ? 0.279   -11.633 -6.307  1.00 8.69  ? 97  ILE A N   1 
ATOM   719  C CA  . ILE A 1 97  ? -0.406  -10.903 -7.362  1.00 8.55  ? 97  ILE A CA  1 
ATOM   720  C C   . ILE A 1 97  ? 0.626   -10.291 -8.301  1.00 9.42  ? 97  ILE A C   1 
ATOM   721  O O   . ILE A 1 97  ? 1.802   -10.151 -7.946  1.00 8.91  ? 97  ILE A O   1 
ATOM   722  C CB  . ILE A 1 97  ? -1.238  -9.698  -6.810  1.00 7.65  ? 97  ILE A CB  1 
ATOM   723  C CG1 . ILE A 1 97  ? -0.329  -8.749  -6.010  1.00 8.46  ? 97  ILE A CG1 1 
ATOM   724  C CG2 . ILE A 1 97  ? -2.429  -10.179 -5.986  1.00 9.55  ? 97  ILE A CG2 1 
ATOM   725  C CD1 . ILE A 1 97  ? -0.959  -7.400  -5.676  1.00 9.83  ? 97  ILE A CD1 1 
ATOM   726  N N   . THR A 1 98  ? 0.202   -10.023 -9.530  1.00 7.87  ? 98  THR A N   1 
ATOM   727  C CA  . THR A 1 98  ? 1.047   -9.311  -10.473 1.00 8.29  ? 98  THR A CA  1 
ATOM   728  C C   . THR A 1 98  ? 0.246   -8.022  -10.635 1.00 7.03  ? 98  THR A C   1 
ATOM   729  O O   . THR A 1 98  ? -0.960  -8.002  -10.372 1.00 6.54  ? 98  THR A O   1 
ATOM   730  C CB  . THR A 1 98  ? 1.261   -10.034 -11.824 1.00 8.10  ? 98  THR A CB  1 
ATOM   731  O OG1 . THR A 1 98  ? 0.004   -10.293 -12.454 1.00 9.17  ? 98  THR A OG1 1 
ATOM   732  C CG2 . THR A 1 98  ? 2.027   -11.336 -11.610 1.00 8.03  ? 98  THR A CG2 1 
ATOM   733  N N   . VAL A 1 99  ? 0.915   -6.940  -11.001 1.00 9.10  ? 99  VAL A N   1 
ATOM   734  C CA  . VAL A 1 99  ? 0.247   -5.656  -11.117 1.00 10.92 ? 99  VAL A CA  1 
ATOM   735  C C   . VAL A 1 99  ? 0.452   -4.969  -12.457 1.00 12.25 ? 99  VAL A C   1 
ATOM   736  O O   . VAL A 1 99  ? 1.517   -5.067  -13.063 1.00 13.85 ? 99  VAL A O   1 
ATOM   737  C CB  . VAL A 1 99  ? 0.730   -4.703  -9.981  1.00 11.95 ? 99  VAL A CB  1 
ATOM   738  C CG1 . VAL A 1 99  ? 0.154   -3.311  -10.151 1.00 11.77 ? 99  VAL A CG1 1 
ATOM   739  C CG2 . VAL A 1 99  ? 0.337   -5.265  -8.618  1.00 10.05 ? 99  VAL A CG2 1 
ATOM   740  N N   . LYS A 1 100 ? -0.595  -4.302  -12.923 1.00 13.61 ? 100 LYS A N   1 
ATOM   741  C CA  . LYS A 1 100 ? -0.539  -3.549  -14.164 1.00 15.16 ? 100 LYS A CA  1 
ATOM   742  C C   . LYS A 1 100 ? -0.366  -2.087  -13.762 1.00 13.51 ? 100 LYS A C   1 
ATOM   743  O O   . LYS A 1 100 ? -1.254  -1.492  -13.148 1.00 10.08 ? 100 LYS A O   1 
ATOM   744  C CB  . LYS A 1 100 ? -1.825  -3.726  -14.974 1.00 17.70 ? 100 LYS A CB  1 
ATOM   745  C CG  . LYS A 1 100 ? -1.879  -2.863  -16.229 1.00 21.04 ? 100 LYS A CG  1 
ATOM   746  C CD  . LYS A 1 100 ? -3.140  -3.120  -17.041 1.00 25.66 ? 100 LYS A CD  1 
ATOM   747  C CE  . LYS A 1 100 ? -3.132  -4.508  -17.666 1.00 29.98 ? 100 LYS A CE  1 
ATOM   748  N NZ  . LYS A 1 100 ? -2.043  -4.662  -18.677 1.00 32.27 ? 100 LYS A NZ  1 
ATOM   749  N N   . ARG A 1 101 ? 0.800   -1.531  -14.068 1.00 13.76 ? 101 ARG A N   1 
ATOM   750  C CA  . ARG A 1 101 ? 1.098   -0.141  -13.736 1.00 12.68 ? 101 ARG A CA  1 
ATOM   751  C C   . ARG A 1 101 ? 0.358   0.822   -14.652 1.00 13.21 ? 101 ARG A C   1 
ATOM   752  O O   . ARG A 1 101 ? 0.064   0.489   -15.804 1.00 10.08 ? 101 ARG A O   1 
ATOM   753  C CB  . ARG A 1 101 ? 2.598   0.111   -13.846 1.00 14.49 ? 101 ARG A CB  1 
ATOM   754  C CG  . ARG A 1 101 ? 3.442   -0.753  -12.937 1.00 17.76 ? 101 ARG A CG  1 
ATOM   755  C CD  . ARG A 1 101 ? 4.914   -0.563  -13.242 1.00 21.64 ? 101 ARG A CD  1 
ATOM   756  N NE  . ARG A 1 101 ? 5.343   0.812   -12.997 1.00 26.89 ? 101 ARG A NE  1 
ATOM   757  C CZ  . ARG A 1 101 ? 6.573   1.266   -13.217 1.00 29.32 ? 101 ARG A CZ  1 
ATOM   758  N NH1 . ARG A 1 101 ? 7.511   0.457   -13.694 1.00 29.33 ? 101 ARG A NH1 1 
ATOM   759  N NH2 . ARG A 1 101 ? 6.866   2.532   -12.950 1.00 31.16 ? 101 ARG A NH2 1 
ATOM   760  N N   . ASN A 1 102 ? 0.049   2.009   -14.130 1.00 12.56 ? 102 ASN A N   1 
ATOM   761  C CA  . ASN A 1 102 ? -0.645  3.050   -14.894 1.00 13.61 ? 102 ASN A CA  1 
ATOM   762  C C   . ASN A 1 102 ? -1.868  2.491   -15.627 1.00 13.81 ? 102 ASN A C   1 
ATOM   763  O O   . ASN A 1 102 ? -2.046  2.710   -16.825 1.00 13.32 ? 102 ASN A O   1 
ATOM   764  C CB  . ASN A 1 102 ? 0.330   3.690   -15.892 1.00 14.16 ? 102 ASN A CB  1 
ATOM   765  C CG  . ASN A 1 102 ? 1.543   4.308   -15.211 1.00 14.47 ? 102 ASN A CG  1 
ATOM   766  O OD1 . ASN A 1 102 ? 1.412   5.222   -14.401 1.00 14.93 ? 102 ASN A OD1 1 
ATOM   767  N ND2 . ASN A 1 102 ? 2.727   3.797   -15.529 1.00 12.55 ? 102 ASN A ND2 1 
ATOM   768  N N   . ALA A 1 103 ? -2.709  1.781   -14.879 1.00 12.73 ? 103 ALA A N   1 
ATOM   769  C CA  . ALA A 1 103 ? -3.908  1.140   -15.409 1.00 11.94 ? 103 ALA A CA  1 
ATOM   770  C C   . ALA A 1 103 ? -4.909  2.060   -16.094 1.00 12.20 ? 103 ALA A C   1 
ATOM   771  O O   . ALA A 1 103 ? -5.648  1.629   -16.978 1.00 11.35 ? 103 ALA A O   1 
ATOM   772  C CB  . ALA A 1 103 ? -4.601  0.367   -14.305 1.00 11.13 ? 103 ALA A CB  1 
ATOM   773  N N   . TYR A 1 104 ? -4.964  3.311   -15.653 1.00 11.40 ? 104 TYR A N   1 
ATOM   774  C CA  . TYR A 1 104 ? -5.887  4.281   -16.222 1.00 12.54 ? 104 TYR A CA  1 
ATOM   775  C C   . TYR A 1 104 ? -5.204  5.188   -17.249 1.00 13.16 ? 104 TYR A C   1 
ATOM   776  O O   . TYR A 1 104 ? -5.793  6.164   -17.712 1.00 15.11 ? 104 TYR A O   1 
ATOM   777  C CB  . TYR A 1 104 ? -6.516  5.116   -15.102 1.00 13.12 ? 104 TYR A CB  1 
ATOM   778  C CG  . TYR A 1 104 ? -7.299  4.291   -14.100 1.00 11.51 ? 104 TYR A CG  1 
ATOM   779  C CD1 . TYR A 1 104 ? -8.674  4.113   -14.239 1.00 11.39 ? 104 TYR A CD1 1 
ATOM   780  C CD2 . TYR A 1 104 ? -6.663  3.695   -13.006 1.00 11.12 ? 104 TYR A CD2 1 
ATOM   781  C CE1 . TYR A 1 104 ? -9.402  3.367   -13.318 1.00 11.77 ? 104 TYR A CE1 1 
ATOM   782  C CE2 . TYR A 1 104 ? -7.384  2.942   -12.077 1.00 10.87 ? 104 TYR A CE2 1 
ATOM   783  C CZ  . TYR A 1 104 ? -8.752  2.787   -12.240 1.00 10.57 ? 104 TYR A CZ  1 
ATOM   784  O OH  . TYR A 1 104 ? -9.478  2.060   -11.325 1.00 12.02 ? 104 TYR A OH  1 
ATOM   785  N N   . GLY A 1 105 ? -3.972  4.845   -17.615 1.00 14.90 ? 105 GLY A N   1 
ATOM   786  C CA  . GLY A 1 105 ? -3.226  5.633   -18.584 1.00 16.64 ? 105 GLY A CA  1 
ATOM   787  C C   . GLY A 1 105 ? -2.416  6.752   -17.957 1.00 18.24 ? 105 GLY A C   1 
ATOM   788  O O   . GLY A 1 105 ? -2.493  6.977   -16.748 1.00 19.41 ? 105 GLY A O   1 
ATOM   789  N N   . ARG A 1 106 ? -1.643  7.460   -18.776 1.00 18.54 ? 106 ARG A N   1 
ATOM   790  C CA  . ARG A 1 106 ? -0.813  8.563   -18.291 1.00 19.93 ? 106 ARG A CA  1 
ATOM   791  C C   . ARG A 1 106 ? -1.200  9.917   -18.876 1.00 19.45 ? 106 ARG A C   1 
ATOM   792  O O   . ARG A 1 106 ? -0.424  10.871  -18.805 1.00 20.64 ? 106 ARG A O   1 
ATOM   793  C CB  . ARG A 1 106 ? 0.664   8.298   -18.587 1.00 20.92 ? 106 ARG A CB  1 
ATOM   794  C CG  . ARG A 1 106 ? 1.281   7.173   -17.788 1.00 25.31 ? 106 ARG A CG  1 
ATOM   795  C CD  . ARG A 1 106 ? 2.744   7.054   -18.131 1.00 28.68 ? 106 ARG A CD  1 
ATOM   796  N NE  . ARG A 1 106 ? 3.347   5.834   -17.612 1.00 33.09 ? 106 ARG A NE  1 
ATOM   797  C CZ  . ARG A 1 106 ? 4.509   5.345   -18.032 1.00 33.50 ? 106 ARG A CZ  1 
ATOM   798  N NH1 . ARG A 1 106 ? 5.190   5.972   -18.982 1.00 34.95 ? 106 ARG A NH1 1 
ATOM   799  N NH2 . ARG A 1 106 ? 4.998   4.237   -17.494 1.00 34.99 ? 106 ARG A NH2 1 
ATOM   800  N N   . GLN A 1 107 ? -2.388  10.002  -19.466 1.00 18.45 ? 107 GLN A N   1 
ATOM   801  C CA  . GLN A 1 107 ? -2.842  11.258  -20.049 1.00 19.59 ? 107 GLN A CA  1 
ATOM   802  C C   . GLN A 1 107 ? -3.690  12.072  -19.080 1.00 20.90 ? 107 GLN A C   1 
ATOM   803  O O   . GLN A 1 107 ? -3.772  13.292  -19.202 1.00 22.54 ? 107 GLN A O   1 
ATOM   804  C CB  . GLN A 1 107 ? -3.599  11.009  -21.355 1.00 17.77 ? 107 GLN A CB  1 
ATOM   805  C CG  . GLN A 1 107 ? -2.741  10.407  -22.464 1.00 14.45 ? 107 GLN A CG  1 
ATOM   806  C CD  . GLN A 1 107 ? -1.523  11.252  -22.799 1.00 16.31 ? 107 GLN A CD  1 
ATOM   807  O OE1 . GLN A 1 107 ? -1.553  12.480  -22.692 1.00 15.32 ? 107 GLN A OE1 1 
ATOM   808  N NE2 . GLN A 1 107 ? -0.438  10.593  -23.199 1.00 14.26 ? 107 GLN A NE2 1 
ATOM   809  N N   . VAL A 1 108 ? -4.328  11.395  -18.128 1.00 23.19 ? 108 VAL A N   1 
ATOM   810  C CA  . VAL A 1 108 ? -5.153  12.077  -17.132 1.00 24.56 ? 108 VAL A CA  1 
ATOM   811  C C   . VAL A 1 108 ? -4.404  12.210  -15.808 1.00 25.07 ? 108 VAL A C   1 
ATOM   812  O O   . VAL A 1 108 ? -3.807  11.250  -15.317 1.00 25.45 ? 108 VAL A O   1 
ATOM   813  C CB  . VAL A 1 108 ? -6.511  11.366  -16.913 1.00 25.79 ? 108 VAL A CB  1 
ATOM   814  C CG1 . VAL A 1 108 ? -7.346  11.440  -18.183 1.00 26.67 ? 108 VAL A CG1 1 
ATOM   815  C CG2 . VAL A 1 108 ? -6.300  9.915   -16.488 1.00 25.54 ? 108 VAL A CG2 1 
ATOM   816  N N   . ASP A 1 109 ? -4.437  13.415  -15.246 1.00 26.07 ? 109 ASP A N   1 
ATOM   817  C CA  . ASP A 1 109 ? -3.752  13.727  -13.994 1.00 26.48 ? 109 ASP A CA  1 
ATOM   818  C C   . ASP A 1 109 ? -4.208  12.903  -12.794 1.00 25.22 ? 109 ASP A C   1 
ATOM   819  O O   . ASP A 1 109 ? -3.390  12.294  -12.098 1.00 25.60 ? 109 ASP A O   1 
ATOM   820  C CB  . ASP A 1 109 ? -3.924  15.213  -13.653 1.00 28.91 ? 109 ASP A CB  1 
ATOM   821  C CG  . ASP A 1 109 ? -3.213  16.132  -14.632 1.00 32.55 ? 109 ASP A CG  1 
ATOM   822  O OD1 . ASP A 1 109 ? -3.278  15.887  -15.858 1.00 33.92 ? 109 ASP A OD1 1 
ATOM   823  O OD2 . ASP A 1 109 ? -2.599  17.119  -14.169 1.00 33.85 ? 109 ASP A OD2 1 
ATOM   824  N N   . SER A 1 110 ? -5.516  12.882  -12.564 1.00 22.83 ? 110 SER A N   1 
ATOM   825  C CA  . SER A 1 110 ? -6.077  12.172  -11.424 1.00 21.48 ? 110 SER A CA  1 
ATOM   826  C C   . SER A 1 110 ? -7.592  12.049  -11.532 1.00 19.97 ? 110 SER A C   1 
ATOM   827  O O   . SER A 1 110 ? -8.211  12.579  -12.455 1.00 20.06 ? 110 SER A O   1 
ATOM   828  C CB  . SER A 1 110 ? -5.726  12.954  -10.147 1.00 21.66 ? 110 SER A CB  1 
ATOM   829  O OG  . SER A 1 110 ? -6.404  12.463  -9.003  1.00 26.19 ? 110 SER A OG  1 
ATOM   830  N N   . PHE A 1 111 ? -8.169  11.295  -10.604 1.00 16.46 ? 111 PHE A N   1 
ATOM   831  C CA  . PHE A 1 111 ? -9.610  11.129  -10.518 1.00 14.84 ? 111 PHE A CA  1 
ATOM   832  C C   . PHE A 1 111 ? -9.938  10.671  -9.106  1.00 13.49 ? 111 PHE A C   1 
ATOM   833  O O   . PHE A 1 111 ? -9.129  10.013  -8.451  1.00 11.15 ? 111 PHE A O   1 
ATOM   834  C CB  . PHE A 1 111 ? -10.173 10.188  -11.601 1.00 15.06 ? 111 PHE A CB  1 
ATOM   835  C CG  . PHE A 1 111 ? -9.950  8.723   -11.342 1.00 15.52 ? 111 PHE A CG  1 
ATOM   836  C CD1 . PHE A 1 111 ? -10.830 8.002   -10.538 1.00 16.42 ? 111 PHE A CD1 1 
ATOM   837  C CD2 . PHE A 1 111 ? -8.896  8.051   -11.949 1.00 16.28 ? 111 PHE A CD2 1 
ATOM   838  C CE1 . PHE A 1 111 ? -10.663 6.634   -10.345 1.00 15.61 ? 111 PHE A CE1 1 
ATOM   839  C CE2 . PHE A 1 111 ? -8.721  6.683   -11.763 1.00 15.42 ? 111 PHE A CE2 1 
ATOM   840  C CZ  . PHE A 1 111 ? -9.607  5.976   -10.960 1.00 14.65 ? 111 PHE A CZ  1 
ATOM   841  N N   . GLU A 1 112 ? -11.103 11.078  -8.622  1.00 12.62 ? 112 GLU A N   1 
ATOM   842  C CA  . GLU A 1 112 ? -11.531 10.745  -7.275  1.00 14.60 ? 112 GLU A CA  1 
ATOM   843  C C   . GLU A 1 112 ? -12.936 10.171  -7.332  1.00 15.46 ? 112 GLU A C   1 
ATOM   844  O O   . GLU A 1 112 ? -13.769 10.636  -8.111  1.00 15.66 ? 112 GLU A O   1 
ATOM   845  C CB  . GLU A 1 112 ? -11.513 12.006  -6.405  1.00 14.83 ? 112 GLU A CB  1 
ATOM   846  C CG  . GLU A 1 112 ? -10.195 12.780  -6.468  1.00 16.55 ? 112 GLU A CG  1 
ATOM   847  C CD  . GLU A 1 112 ? -10.231 14.132  -5.761  1.00 17.89 ? 112 GLU A CD  1 
ATOM   848  O OE1 . GLU A 1 112 ? -11.305 14.555  -5.282  1.00 17.47 ? 112 GLU A OE1 1 
ATOM   849  O OE2 . GLU A 1 112 ? -9.167  14.780  -5.686  1.00 16.77 ? 112 GLU A OE2 1 
ATOM   850  N N   . LYS A 1 113 ? -13.190 9.143   -6.527  1.00 15.18 ? 113 LYS A N   1 
ATOM   851  C CA  . LYS A 1 113 ? -14.507 8.520   -6.495  1.00 14.90 ? 113 LYS A CA  1 
ATOM   852  C C   . LYS A 1 113 ? -14.667 7.578   -5.314  1.00 13.90 ? 113 LYS A C   1 
ATOM   853  O O   . LYS A 1 113 ? -13.682 7.099   -4.746  1.00 14.78 ? 113 LYS A O   1 
ATOM   854  C CB  . LYS A 1 113 ? -14.775 7.764   -7.799  1.00 17.56 ? 113 LYS A CB  1 
ATOM   855  C CG  . LYS A 1 113 ? -13.859 6.574   -8.032  1.00 19.74 ? 113 LYS A CG  1 
ATOM   856  C CD  . LYS A 1 113 ? -13.999 6.023   -9.444  1.00 22.55 ? 113 LYS A CD  1 
ATOM   857  C CE  . LYS A 1 113 ? -15.414 5.559   -9.746  1.00 23.52 ? 113 LYS A CE  1 
ATOM   858  N NZ  . LYS A 1 113 ? -15.509 5.058   -11.147 1.00 22.66 ? 113 LYS A NZ  1 
ATOM   859  N N   . GLU A 1 114 ? -15.919 7.330   -4.944  1.00 11.86 ? 114 GLU A N   1 
ATOM   860  C CA  . GLU A 1 114 ? -16.229 6.428   -3.844  1.00 12.69 ? 114 GLU A CA  1 
ATOM   861  C C   . GLU A 1 114 ? -15.993 4.992   -4.286  1.00 11.42 ? 114 GLU A C   1 
ATOM   862  O O   . GLU A 1 114 ? -16.403 4.588   -5.379  1.00 11.56 ? 114 GLU A O   1 
ATOM   863  C CB  . GLU A 1 114 ? -17.681 6.594   -3.401  1.00 15.49 ? 114 GLU A CB  1 
ATOM   864  C CG  . GLU A 1 114 ? -17.996 7.953   -2.812  1.00 21.25 ? 114 GLU A CG  1 
ATOM   865  C CD  . GLU A 1 114 ? -19.372 7.995   -2.185  1.00 24.07 ? 114 GLU A CD  1 
ATOM   866  O OE1 . GLU A 1 114 ? -20.367 7.800   -2.915  1.00 25.72 ? 114 GLU A OE1 1 
ATOM   867  O OE2 . GLU A 1 114 ? -19.454 8.211   -0.957  1.00 27.14 ? 114 GLU A OE2 1 
ATOM   868  N N   . ILE A 1 115 ? -15.305 4.234   -3.441  1.00 8.32  ? 115 ILE A N   1 
ATOM   869  C CA  . ILE A 1 115 ? -15.001 2.840   -3.722  1.00 8.44  ? 115 ILE A CA  1 
ATOM   870  C C   . ILE A 1 115 ? -15.611 1.980   -2.619  1.00 8.19  ? 115 ILE A C   1 
ATOM   871  O O   . ILE A 1 115 ? -15.453 2.271   -1.435  1.00 8.49  ? 115 ILE A O   1 
ATOM   872  C CB  . ILE A 1 115 ? -13.470 2.598   -3.765  1.00 7.73  ? 115 ILE A CB  1 
ATOM   873  C CG1 . ILE A 1 115 ? -12.818 3.460   -4.852  1.00 9.24  ? 115 ILE A CG1 1 
ATOM   874  C CG2 . ILE A 1 115 ? -13.172 1.124   -4.003  1.00 9.04  ? 115 ILE A CG2 1 
ATOM   875  C CD1 . ILE A 1 115 ? -13.212 3.083   -6.277  1.00 7.88  ? 115 ILE A CD1 1 
ATOM   876  N N   . GLU A 1 116 ? -16.323 0.933   -3.022  1.00 9.20  ? 116 GLU A N   1 
ATOM   877  C CA  . GLU A 1 116 ? -16.951 0.015   -2.081  1.00 10.97 ? 116 GLU A CA  1 
ATOM   878  C C   . GLU A 1 116 ? -15.923 -0.971  -1.541  1.00 10.80 ? 116 GLU A C   1 
ATOM   879  O O   . GLU A 1 116 ? -15.330 -1.733  -2.305  1.00 10.17 ? 116 GLU A O   1 
ATOM   880  C CB  . GLU A 1 116 ? -18.076 -0.764  -2.769  1.00 12.75 ? 116 GLU A CB  1 
ATOM   881  C CG  . GLU A 1 116 ? -19.307 0.060   -3.115  1.00 18.86 ? 116 GLU A CG  1 
ATOM   882  C CD  . GLU A 1 116 ? -20.272 0.223   -1.948  1.00 19.66 ? 116 GLU A CD  1 
ATOM   883  O OE1 . GLU A 1 116 ? -19.935 -0.164  -0.807  1.00 22.08 ? 116 GLU A OE1 1 
ATOM   884  O OE2 . GLU A 1 116 ? -21.386 0.735   -2.180  1.00 23.23 ? 116 GLU A OE2 1 
ATOM   885  N N   . PHE A 1 117 ? -15.683 -0.915  -0.234  1.00 10.48 ? 117 PHE A N   1 
ATOM   886  C CA  . PHE A 1 117 ? -14.748 -1.820  0.426   1.00 9.72  ? 117 PHE A CA  1 
ATOM   887  C C   . PHE A 1 117 ? -15.530 -2.981  1.026   1.00 9.89  ? 117 PHE A C   1 
ATOM   888  O O   . PHE A 1 117 ? -16.558 -2.771  1.678   1.00 8.64  ? 117 PHE A O   1 
ATOM   889  C CB  . PHE A 1 117 ? -13.971 -1.094  1.526   1.00 12.92 ? 117 PHE A CB  1 
ATOM   890  C CG  . PHE A 1 117 ? -12.627 -0.595  1.088   1.00 13.73 ? 117 PHE A CG  1 
ATOM   891  C CD1 . PHE A 1 117 ? -12.472 0.063   -0.126  1.00 15.35 ? 117 PHE A CD1 1 
ATOM   892  C CD2 . PHE A 1 117 ? -11.508 -0.788  1.893   1.00 17.88 ? 117 PHE A CD2 1 
ATOM   893  C CE1 . PHE A 1 117 ? -11.222 0.524   -0.536  1.00 17.07 ? 117 PHE A CE1 1 
ATOM   894  C CE2 . PHE A 1 117 ? -10.251 -0.331  1.493   1.00 18.93 ? 117 PHE A CE2 1 
ATOM   895  C CZ  . PHE A 1 117 ? -10.111 0.327   0.275   1.00 17.97 ? 117 PHE A CZ  1 
ATOM   896  N N   . LYS A 1 118 ? -15.031 -4.197  0.811   1.00 8.60  ? 118 LYS A N   1 
ATOM   897  C CA  . LYS A 1 118 ? -15.677 -5.411  1.304   1.00 10.00 ? 118 LYS A CA  1 
ATOM   898  C C   . LYS A 1 118 ? -15.918 -5.397  2.808   1.00 9.57  ? 118 LYS A C   1 
ATOM   899  O O   . LYS A 1 118 ? -15.009 -5.118  3.588   1.00 8.93  ? 118 LYS A O   1 
ATOM   900  C CB  . LYS A 1 118 ? -14.848 -6.643  0.932   1.00 10.76 ? 118 LYS A CB  1 
ATOM   901  C CG  . LYS A 1 118 ? -15.502 -7.957  1.327   1.00 11.12 ? 118 LYS A CG  1 
ATOM   902  C CD  . LYS A 1 118 ? -14.674 -9.156  0.897   1.00 12.68 ? 118 LYS A CD  1 
ATOM   903  C CE  . LYS A 1 118 ? -15.410 -10.452 1.202   1.00 14.94 ? 118 LYS A CE  1 
ATOM   904  N NZ  . LYS A 1 118 ? -14.655 -11.646 0.726   1.00 17.02 ? 118 LYS A NZ  1 
ATOM   905  N N   . ASP A 1 119 ? -17.159 -5.679  3.195   1.00 10.30 ? 119 ASP A N   1 
ATOM   906  C CA  . ASP A 1 119 ? -17.571 -5.731  4.599   1.00 12.53 ? 119 ASP A CA  1 
ATOM   907  C C   . ASP A 1 119 ? -17.341 -4.429  5.367   1.00 12.63 ? 119 ASP A C   1 
ATOM   908  O O   . ASP A 1 119 ? -17.253 -4.431  6.596   1.00 13.29 ? 119 ASP A O   1 
ATOM   909  C CB  . ASP A 1 119 ? -16.887 -6.904  5.313   1.00 12.93 ? 119 ASP A CB  1 
ATOM   910  C CG  . ASP A 1 119 ? -17.207 -8.253  4.674   1.00 14.71 ? 119 ASP A CG  1 
ATOM   911  O OD1 . ASP A 1 119 ? -18.364 -8.462  4.258   1.00 15.44 ? 119 ASP A OD1 1 
ATOM   912  O OD2 . ASP A 1 119 ? -16.299 -9.108  4.596   1.00 13.97 ? 119 ASP A OD2 1 
ATOM   913  N N   . LEU A 1 120 ? -17.255 -3.317  4.641   1.00 11.79 ? 120 LEU A N   1 
ATOM   914  C CA  . LEU A 1 120 ? -17.049 -2.015  5.266   1.00 11.38 ? 120 LEU A CA  1 
ATOM   915  C C   . LEU A 1 120 ? -18.062 -0.995  4.762   1.00 12.58 ? 120 LEU A C   1 
ATOM   916  O O   . LEU A 1 120 ? -18.951 -0.572  5.503   1.00 10.69 ? 120 LEU A O   1 
ATOM   917  C CB  . LEU A 1 120 ? -15.629 -1.500  5.010   1.00 12.39 ? 120 LEU A CB  1 
ATOM   918  C CG  . LEU A 1 120 ? -15.268 -0.146  5.642   1.00 14.00 ? 120 LEU A CG  1 
ATOM   919  C CD1 . LEU A 1 120 ? -15.298 -0.249  7.161   1.00 13.51 ? 120 LEU A CD1 1 
ATOM   920  C CD2 . LEU A 1 120 ? -13.895 0.307   5.168   1.00 14.27 ? 120 LEU A CD2 1 
ATOM   921  N N   . GLY A 1 121 ? -17.930 -0.626  3.490   1.00 10.98 ? 121 GLY A N   1 
ATOM   922  C CA  . GLY A 1 121 ? -18.810 0.357   2.892   1.00 11.41 ? 121 GLY A CA  1 
ATOM   923  C C   . GLY A 1 121 ? -18.026 1.228   1.928   1.00 13.37 ? 121 GLY A C   1 
ATOM   924  O O   . GLY A 1 121 ? -16.946 0.840   1.473   1.00 12.75 ? 121 GLY A O   1 
ATOM   925  N N   . LYS A 1 122 ? -18.546 2.419   1.648   1.00 11.42 ? 122 LYS A N   1 
ATOM   926  C CA  . LYS A 1 122 ? -17.901 3.343   0.721   1.00 14.20 ? 122 LYS A CA  1 
ATOM   927  C C   . LYS A 1 122 ? -16.773 4.170   1.330   1.00 14.81 ? 122 LYS A C   1 
ATOM   928  O O   . LYS A 1 122 ? -16.882 4.665   2.453   1.00 13.60 ? 122 LYS A O   1 
ATOM   929  C CB  . LYS A 1 122 ? -18.937 4.295   0.117   1.00 13.70 ? 122 LYS A CB  1 
ATOM   930  C CG  . LYS A 1 122 ? -20.014 3.620   -0.712  1.00 17.67 ? 122 LYS A CG  1 
ATOM   931  C CD  . LYS A 1 122 ? -21.067 4.634   -1.146  1.00 19.44 ? 122 LYS A CD  1 
ATOM   932  C CE  . LYS A 1 122 ? -22.113 4.014   -2.057  1.00 20.19 ? 122 LYS A CE  1 
ATOM   933  N NZ  . LYS A 1 122 ? -22.887 2.942   -1.379  1.00 21.84 ? 122 LYS A NZ  1 
ATOM   934  N N   . VAL A 1 123 ? -15.679 4.287   0.582   1.00 14.74 ? 123 VAL A N   1 
ATOM   935  C CA  . VAL A 1 123 ? -14.531 5.088   0.994   1.00 15.19 ? 123 VAL A CA  1 
ATOM   936  C C   . VAL A 1 123 ? -14.165 5.967   -0.196  1.00 14.58 ? 123 VAL A C   1 
ATOM   937  O O   . VAL A 1 123 ? -14.215 5.520   -1.343  1.00 14.20 ? 123 VAL A O   1 
ATOM   938  C CB  . VAL A 1 123 ? -13.296 4.233   1.398   1.00 18.04 ? 123 VAL A CB  1 
ATOM   939  C CG1 . VAL A 1 123 ? -13.616 3.354   2.597   1.00 17.41 ? 123 VAL A CG1 1 
ATOM   940  C CG2 . VAL A 1 123 ? -12.822 3.399   0.236   1.00 19.42 ? 123 VAL A CG2 1 
ATOM   941  N N   . TYR A 1 124 ? -13.843 7.226   0.075   1.00 13.57 ? 124 TYR A N   1 
ATOM   942  C CA  . TYR A 1 124 ? -13.476 8.158   -0.983  1.00 14.11 ? 124 TYR A CA  1 
ATOM   943  C C   . TYR A 1 124 ? -12.013 7.936   -1.332  1.00 11.72 ? 124 TYR A C   1 
ATOM   944  O O   . TYR A 1 124 ? -11.130 8.122   -0.493  1.00 12.12 ? 124 TYR A O   1 
ATOM   945  C CB  . TYR A 1 124 ? -13.699 9.598   -0.523  1.00 15.49 ? 124 TYR A CB  1 
ATOM   946  C CG  . TYR A 1 124 ? -13.670 10.608  -1.644  1.00 19.47 ? 124 TYR A CG  1 
ATOM   947  C CD1 . TYR A 1 124 ? -14.785 10.803  -2.461  1.00 20.17 ? 124 TYR A CD1 1 
ATOM   948  C CD2 . TYR A 1 124 ? -12.535 11.385  -1.878  1.00 19.98 ? 124 TYR A CD2 1 
ATOM   949  C CE1 . TYR A 1 124 ? -14.773 11.751  -3.481  1.00 20.48 ? 124 TYR A CE1 1 
ATOM   950  C CE2 . TYR A 1 124 ? -12.512 12.335  -2.893  1.00 21.51 ? 124 TYR A CE2 1 
ATOM   951  C CZ  . TYR A 1 124 ? -13.636 12.513  -3.689  1.00 22.09 ? 124 TYR A CZ  1 
ATOM   952  O OH  . TYR A 1 124 ? -13.623 13.464  -4.679  1.00 21.95 ? 124 TYR A OH  1 
ATOM   953  N N   . GLY A 1 125 ? -11.766 7.532   -2.572  1.00 9.77  ? 125 GLY A N   1 
ATOM   954  C CA  . GLY A 1 125 ? -10.408 7.270   -3.007  1.00 9.10  ? 125 GLY A CA  1 
ATOM   955  C C   . GLY A 1 125 ? -9.889  8.227   -4.059  1.00 7.57  ? 125 GLY A C   1 
ATOM   956  O O   . GLY A 1 125 ? -10.576 8.536   -5.032  1.00 7.19  ? 125 GLY A O   1 
ATOM   957  N N   . VAL A 1 126 ? -8.666  8.695   -3.841  1.00 6.74  ? 126 VAL A N   1 
ATOM   958  C CA  . VAL A 1 126 ? -7.990  9.612   -4.750  1.00 6.70  ? 126 VAL A CA  1 
ATOM   959  C C   . VAL A 1 126 ? -6.954  8.805   -5.526  1.00 6.26  ? 126 VAL A C   1 
ATOM   960  O O   . VAL A 1 126 ? -5.989  8.292   -4.944  1.00 4.97  ? 126 VAL A O   1 
ATOM   961  C CB  . VAL A 1 126 ? -7.282  10.748  -3.974  1.00 5.87  ? 126 VAL A CB  1 
ATOM   962  C CG1 . VAL A 1 126 ? -6.598  11.708  -4.942  1.00 8.55  ? 126 VAL A CG1 1 
ATOM   963  C CG2 . VAL A 1 126 ? -8.287  11.495  -3.102  1.00 7.19  ? 126 VAL A CG2 1 
ATOM   964  N N   . PHE A 1 127 ? -7.184  8.663   -6.829  1.00 6.01  ? 127 PHE A N   1 
ATOM   965  C CA  . PHE A 1 127 ? -6.286  7.910   -7.703  1.00 7.37  ? 127 PHE A CA  1 
ATOM   966  C C   . PHE A 1 127 ? -5.354  8.827   -8.487  1.00 8.36  ? 127 PHE A C   1 
ATOM   967  O O   . PHE A 1 127 ? -5.808  9.753   -9.163  1.00 8.76  ? 127 PHE A O   1 
ATOM   968  C CB  . PHE A 1 127 ? -7.083  7.058   -8.702  1.00 6.16  ? 127 PHE A CB  1 
ATOM   969  C CG  . PHE A 1 127 ? -7.959  6.008   -8.065  1.00 6.84  ? 127 PHE A CG  1 
ATOM   970  C CD1 . PHE A 1 127 ? -7.685  4.655   -8.242  1.00 7.11  ? 127 PHE A CD1 1 
ATOM   971  C CD2 . PHE A 1 127 ? -9.073  6.372   -7.310  1.00 5.83  ? 127 PHE A CD2 1 
ATOM   972  C CE1 . PHE A 1 127 ? -8.504  3.678   -7.680  1.00 5.92  ? 127 PHE A CE1 1 
ATOM   973  C CE2 . PHE A 1 127 ? -9.899  5.402   -6.743  1.00 6.42  ? 127 PHE A CE2 1 
ATOM   974  C CZ  . PHE A 1 127 ? -9.613  4.053   -6.929  1.00 7.74  ? 127 PHE A CZ  1 
ATOM   975  N N   . ILE A 1 128 ? -4.053  8.570   -8.380  1.00 8.55  ? 128 ILE A N   1 
ATOM   976  C CA  . ILE A 1 128 ? -3.029  9.331   -9.097  1.00 8.95  ? 128 ILE A CA  1 
ATOM   977  C C   . ILE A 1 128 ? -1.997  8.313   -9.571  1.00 9.33  ? 128 ILE A C   1 
ATOM   978  O O   . ILE A 1 128 ? -1.331  7.684   -8.747  1.00 10.64 ? 128 ILE A O   1 
ATOM   979  C CB  . ILE A 1 128 ? -2.315  10.368  -8.188  1.00 9.82  ? 128 ILE A CB  1 
ATOM   980  C CG1 . ILE A 1 128 ? -3.326  11.361  -7.609  1.00 11.58 ? 128 ILE A CG1 1 
ATOM   981  C CG2 . ILE A 1 128 ? -1.245  11.125  -8.995  1.00 10.59 ? 128 ILE A CG2 1 
ATOM   982  C CD1 . ILE A 1 128 ? -2.714  12.392  -6.676  1.00 11.94 ? 128 ILE A CD1 1 
ATOM   983  N N   . ARG A 1 129 ? -1.899  8.126   -10.889 1.00 11.62 ? 129 ARG A N   1 
ATOM   984  C CA  . ARG A 1 129 ? -0.963  7.167   -11.491 1.00 14.23 ? 129 ARG A CA  1 
ATOM   985  C C   . ARG A 1 129 ? -1.185  5.790   -10.863 1.00 12.07 ? 129 ARG A C   1 
ATOM   986  O O   . ARG A 1 129 ? -0.239  5.067   -10.549 1.00 12.11 ? 129 ARG A O   1 
ATOM   987  C CB  . ARG A 1 129 ? 0.485   7.625   -11.272 1.00 17.92 ? 129 ARG A CB  1 
ATOM   988  C CG  . ARG A 1 129 ? 0.825   8.953   -11.939 1.00 24.25 ? 129 ARG A CG  1 
ATOM   989  C CD  . ARG A 1 129 ? 2.212   9.441   -11.534 1.00 29.57 ? 129 ARG A CD  1 
ATOM   990  N NE  . ARG A 1 129 ? 2.312   9.652   -10.089 1.00 34.17 ? 129 ARG A NE  1 
ATOM   991  C CZ  . ARG A 1 129 ? 2.575   10.822  -9.513  1.00 35.75 ? 129 ARG A CZ  1 
ATOM   992  N NH1 . ARG A 1 129 ? 2.774   11.907  -10.250 1.00 36.14 ? 129 ARG A NH1 1 
ATOM   993  N NH2 . ARG A 1 129 ? 2.624   10.909  -8.189  1.00 35.75 ? 129 ARG A NH2 1 
ATOM   994  N N   . ALA A 1 130 ? -2.455  5.436   -10.709 1.00 10.33 ? 130 ALA A N   1 
ATOM   995  C CA  . ALA A 1 130 ? -2.847  4.183   -10.077 1.00 9.17  ? 130 ALA A CA  1 
ATOM   996  C C   . ALA A 1 130 ? -2.637  2.882   -10.837 1.00 6.84  ? 130 ALA A C   1 
ATOM   997  O O   . ALA A 1 130 ? -2.878  2.793   -12.040 1.00 6.13  ? 130 ALA A O   1 
ATOM   998  C CB  . ALA A 1 130 ? -4.297  4.271   -9.626  1.00 6.28  ? 130 ALA A CB  1 
ATOM   999  N N   . PRO A 1 131 ? -2.111  1.868   -10.139 1.00 7.33  ? 131 PRO A N   1 
ATOM   1000 C CA  . PRO A 1 131 ? -1.879  0.552   -10.736 1.00 5.75  ? 131 PRO A CA  1 
ATOM   1001 C C   . PRO A 1 131 ? -3.074  -0.304  -10.306 1.00 6.18  ? 131 PRO A C   1 
ATOM   1002 O O   . PRO A 1 131 ? -3.827  0.108   -9.430  1.00 6.84  ? 131 PRO A O   1 
ATOM   1003 C CB  . PRO A 1 131 ? -0.604  0.098   -10.034 1.00 8.05  ? 131 PRO A CB  1 
ATOM   1004 C CG  . PRO A 1 131 ? -0.812  0.616   -8.634  1.00 8.38  ? 131 PRO A CG  1 
ATOM   1005 C CD  . PRO A 1 131 ? -1.374  2.013   -8.866  1.00 5.25  ? 131 PRO A CD  1 
ATOM   1006 N N   . VAL A 1 132 ? -3.308  -1.433  -10.969 1.00 5.95  ? 132 VAL A N   1 
ATOM   1007 C CA  . VAL A 1 132 ? -4.392  -2.334  -10.568 1.00 7.20  ? 132 VAL A CA  1 
ATOM   1008 C C   . VAL A 1 132 ? -3.871  -3.769  -10.588 1.00 6.48  ? 132 VAL A C   1 
ATOM   1009 O O   . VAL A 1 132 ? -2.814  -4.049  -11.156 1.00 8.35  ? 132 VAL A O   1 
ATOM   1010 C CB  . VAL A 1 132 ? -5.664  -2.234  -11.466 1.00 8.02  ? 132 VAL A CB  1 
ATOM   1011 C CG1 . VAL A 1 132 ? -6.263  -0.829  -11.413 1.00 8.81  ? 132 VAL A CG1 1 
ATOM   1012 C CG2 . VAL A 1 132 ? -5.361  -2.663  -12.891 1.00 7.94  ? 132 VAL A CG2 1 
ATOM   1013 N N   . VAL A 1 133 ? -4.594  -4.672  -9.941  1.00 7.40  ? 133 VAL A N   1 
ATOM   1014 C CA  . VAL A 1 133 ? -4.188  -6.070  -9.912  1.00 6.04  ? 133 VAL A CA  1 
ATOM   1015 C C   . VAL A 1 133 ? -4.413  -6.717  -11.278 1.00 6.96  ? 133 VAL A C   1 
ATOM   1016 O O   . VAL A 1 133 ? -5.429  -6.479  -11.934 1.00 5.97  ? 133 VAL A O   1 
ATOM   1017 C CB  . VAL A 1 133 ? -4.973  -6.864  -8.836  1.00 7.32  ? 133 VAL A CB  1 
ATOM   1018 C CG1 . VAL A 1 133 ? -4.639  -8.352  -8.923  1.00 6.92  ? 133 VAL A CG1 1 
ATOM   1019 C CG2 . VAL A 1 133 ? -4.635  -6.329  -7.443  1.00 6.71  ? 133 VAL A CG2 1 
ATOM   1020 N N   . ASP A 1 134 ? -3.432  -7.498  -11.719 1.00 5.90  ? 134 ASP A N   1 
ATOM   1021 C CA  . ASP A 1 134 ? -3.529  -8.206  -12.990 1.00 9.00  ? 134 ASP A CA  1 
ATOM   1022 C C   . ASP A 1 134 ? -3.858  -9.661  -12.664 1.00 8.61  ? 134 ASP A C   1 
ATOM   1023 O O   . ASP A 1 134 ? -5.024  -10.038 -12.588 1.00 9.35  ? 134 ASP A O   1 
ATOM   1024 C CB  . ASP A 1 134 ? -2.206  -8.099  -13.763 1.00 9.69  ? 134 ASP A CB  1 
ATOM   1025 C CG  . ASP A 1 134 ? -2.274  -8.719  -15.160 1.00 13.04 ? 134 ASP A CG  1 
ATOM   1026 O OD1 . ASP A 1 134 ? -3.368  -9.129  -15.609 1.00 14.02 ? 134 ASP A OD1 1 
ATOM   1027 O OD2 . ASP A 1 134 ? -1.219  -8.786  -15.818 1.00 15.61 ? 134 ASP A OD2 1 
ATOM   1028 N N   . LYS A 1 135 ? -2.830  -10.465 -12.423 1.00 8.79  ? 135 LYS A N   1 
ATOM   1029 C CA  . LYS A 1 135 ? -3.035  -11.870 -12.098 1.00 9.77  ? 135 LYS A CA  1 
ATOM   1030 C C   . LYS A 1 135 ? -3.055  -12.092 -10.593 1.00 8.49  ? 135 LYS A C   1 
ATOM   1031 O O   . LYS A 1 135 ? -2.399  -11.375 -9.843  1.00 7.84  ? 135 LYS A O   1 
ATOM   1032 C CB  . LYS A 1 135 ? -1.929  -12.728 -12.725 1.00 12.35 ? 135 LYS A CB  1 
ATOM   1033 C CG  . LYS A 1 135 ? -1.876  -12.652 -14.247 1.00 17.83 ? 135 LYS A CG  1 
ATOM   1034 C CD  . LYS A 1 135 ? -0.703  -13.436 -14.818 1.00 22.74 ? 135 LYS A CD  1 
ATOM   1035 C CE  . LYS A 1 135 ? 0.642   -12.798 -14.477 1.00 25.29 ? 135 LYS A CE  1 
ATOM   1036 N NZ  . LYS A 1 135 ? 0.802   -11.417 -15.030 1.00 25.25 ? 135 LYS A NZ  1 
ATOM   1037 N N   . ILE A 1 136 ? -3.873  -13.044 -10.160 1.00 8.83  ? 136 ILE A N   1 
ATOM   1038 C CA  . ILE A 1 136 ? -3.967  -13.418 -8.751  1.00 8.85  ? 136 ILE A CA  1 
ATOM   1039 C C   . ILE A 1 136 ? -3.354  -14.816 -8.754  1.00 9.87  ? 136 ILE A C   1 
ATOM   1040 O O   . ILE A 1 136 ? -3.843  -15.719 -9.440  1.00 8.35  ? 136 ILE A O   1 
ATOM   1041 C CB  . ILE A 1 136 ? -5.432  -13.418 -8.262  1.00 9.56  ? 136 ILE A CB  1 
ATOM   1042 C CG1 . ILE A 1 136 ? -5.938  -11.971 -8.175  1.00 10.55 ? 136 ILE A CG1 1 
ATOM   1043 C CG2 . ILE A 1 136 ? -5.541  -14.105 -6.907  1.00 10.76 ? 136 ILE A CG2 1 
ATOM   1044 C CD1 . ILE A 1 136 ? -7.407  -11.834 -7.826  1.00 11.72 ? 136 ILE A CD1 1 
ATOM   1045 N N   . LEU A 1 137 ? -2.252  -14.966 -8.025  1.00 9.54  ? 137 LEU A N   1 
ATOM   1046 C CA  . LEU A 1 137 ? -1.489  -16.211 -7.994  1.00 11.37 ? 137 LEU A CA  1 
ATOM   1047 C C   . LEU A 1 137 ? -1.756  -17.212 -6.873  1.00 11.83 ? 137 LEU A C   1 
ATOM   1048 O O   . LEU A 1 137 ? -1.155  -18.290 -6.857  1.00 12.97 ? 137 LEU A O   1 
ATOM   1049 C CB  . LEU A 1 137 ? 0.006   -15.876 -8.013  1.00 10.58 ? 137 LEU A CB  1 
ATOM   1050 C CG  . LEU A 1 137 ? 0.479   -14.842 -9.041  1.00 12.45 ? 137 LEU A CG  1 
ATOM   1051 C CD1 . LEU A 1 137 ? 1.926   -14.459 -8.755  1.00 13.71 ? 137 LEU A CD1 1 
ATOM   1052 C CD2 . LEU A 1 137 ? 0.333   -15.380 -10.454 1.00 13.74 ? 137 LEU A CD2 1 
ATOM   1053 N N   . SER A 1 138 ? -2.636  -16.869 -5.938  1.00 11.41 ? 138 SER A N   1 
ATOM   1054 C CA  . SER A 1 138 ? -2.936  -17.771 -4.826  1.00 12.26 ? 138 SER A CA  1 
ATOM   1055 C C   . SER A 1 138 ? -4.413  -17.786 -4.452  1.00 13.56 ? 138 SER A C   1 
ATOM   1056 O O   . SER A 1 138 ? -5.105  -16.773 -4.580  1.00 12.40 ? 138 SER A O   1 
ATOM   1057 C CB  . SER A 1 138 ? -2.103  -17.388 -3.600  1.00 11.60 ? 138 SER A CB  1 
ATOM   1058 O OG  . SER A 1 138 ? -2.448  -18.176 -2.473  1.00 13.87 ? 138 SER A OG  1 
ATOM   1059 N N   . ASP A 1 139 ? -4.873  -18.936 -3.960  1.00 13.37 ? 139 ASP A N   1 
ATOM   1060 C CA  . ASP A 1 139 ? -6.262  -19.119 -3.544  1.00 14.99 ? 139 ASP A CA  1 
ATOM   1061 C C   . ASP A 1 139 ? -6.636  -18.304 -2.309  1.00 13.61 ? 139 ASP A C   1 
ATOM   1062 O O   . ASP A 1 139 ? -7.822  -18.112 -2.030  1.00 12.76 ? 139 ASP A O   1 
ATOM   1063 C CB  . ASP A 1 139 ? -6.558  -20.600 -3.265  1.00 19.23 ? 139 ASP A CB  1 
ATOM   1064 C CG  . ASP A 1 139 ? -6.517  -21.457 -4.519  1.00 24.27 ? 139 ASP A CG  1 
ATOM   1065 O OD1 . ASP A 1 139 ? -6.909  -20.971 -5.601  1.00 27.31 ? 139 ASP A OD1 1 
ATOM   1066 O OD2 . ASP A 1 139 ? -6.096  -22.628 -4.416  1.00 28.33 ? 139 ASP A OD2 1 
ATOM   1067 N N   . ASP A 1 140 ? -5.641  -17.868 -1.539  1.00 13.35 ? 140 ASP A N   1 
ATOM   1068 C CA  . ASP A 1 140 ? -5.938  -17.078 -0.348  1.00 13.99 ? 140 ASP A CA  1 
ATOM   1069 C C   . ASP A 1 140 ? -5.911  -15.562 -0.553  1.00 12.23 ? 140 ASP A C   1 
ATOM   1070 O O   . ASP A 1 140 ? -5.938  -14.802 0.414   1.00 12.06 ? 140 ASP A O   1 
ATOM   1071 C CB  . ASP A 1 140 ? -5.080  -17.506 0.855   1.00 18.11 ? 140 ASP A CB  1 
ATOM   1072 C CG  . ASP A 1 140 ? -3.589  -17.439 0.585   1.00 21.12 ? 140 ASP A CG  1 
ATOM   1073 O OD1 . ASP A 1 140 ? -3.163  -16.734 -0.349  1.00 22.31 ? 140 ASP A OD1 1 
ATOM   1074 O OD2 . ASP A 1 140 ? -2.837  -18.103 1.328   1.00 26.20 ? 140 ASP A OD2 1 
ATOM   1075 N N   . VAL A 1 141 ? -5.823  -15.127 -1.808  1.00 9.90  ? 141 VAL A N   1 
ATOM   1076 C CA  . VAL A 1 141 ? -5.854  -13.695 -2.117  1.00 8.81  ? 141 VAL A CA  1 
ATOM   1077 C C   . VAL A 1 141 ? -7.332  -13.333 -2.227  1.00 8.74  ? 141 VAL A C   1 
ATOM   1078 O O   . VAL A 1 141 ? -8.074  -13.931 -3.009  1.00 8.44  ? 141 VAL A O   1 
ATOM   1079 C CB  . VAL A 1 141 ? -5.131  -13.353 -3.443  1.00 9.12  ? 141 VAL A CB  1 
ATOM   1080 C CG1 . VAL A 1 141 ? -5.406  -11.898 -3.841  1.00 9.84  ? 141 VAL A CG1 1 
ATOM   1081 C CG2 . VAL A 1 141 ? -3.627  -13.560 -3.289  1.00 7.64  ? 141 VAL A CG2 1 
ATOM   1082 N N   . GLU A 1 142 ? -7.746  -12.360 -1.425  1.00 8.15  ? 142 GLU A N   1 
ATOM   1083 C CA  . GLU A 1 142 ? -9.127  -11.909 -1.368  1.00 9.75  ? 142 GLU A CA  1 
ATOM   1084 C C   . GLU A 1 142 ? -9.309  -10.515 -1.969  1.00 9.50  ? 142 GLU A C   1 
ATOM   1085 O O   . GLU A 1 142 ? -8.564  -9.591  -1.647  1.00 8.83  ? 142 GLU A O   1 
ATOM   1086 C CB  . GLU A 1 142 ? -9.567  -11.921 0.102   1.00 12.27 ? 142 GLU A CB  1 
ATOM   1087 C CG  . GLU A 1 142 ? -10.963 -11.412 0.401   1.00 15.93 ? 142 GLU A CG  1 
ATOM   1088 C CD  . GLU A 1 142 ? -11.302 -11.481 1.890   1.00 17.30 ? 142 GLU A CD  1 
ATOM   1089 O OE1 . GLU A 1 142 ? -10.376 -11.515 2.732   1.00 17.89 ? 142 GLU A OE1 1 
ATOM   1090 O OE2 . GLU A 1 142 ? -12.499 -11.501 2.224   1.00 20.04 ? 142 GLU A OE2 1 
ATOM   1091 N N   . VAL A 1 143 ? -10.278 -10.378 -2.871  1.00 8.44  ? 143 VAL A N   1 
ATOM   1092 C CA  . VAL A 1 143 ? -10.564 -9.084  -3.479  1.00 7.32  ? 143 VAL A CA  1 
ATOM   1093 C C   . VAL A 1 143 ? -11.432 -8.300  -2.505  1.00 8.10  ? 143 VAL A C   1 
ATOM   1094 O O   . VAL A 1 143 ? -12.509 -8.758  -2.115  1.00 8.92  ? 143 VAL A O   1 
ATOM   1095 C CB  . VAL A 1 143 ? -11.309 -9.228  -4.823  1.00 6.84  ? 143 VAL A CB  1 
ATOM   1096 C CG1 . VAL A 1 143 ? -11.695 -7.854  -5.365  1.00 6.08  ? 143 VAL A CG1 1 
ATOM   1097 C CG2 . VAL A 1 143 ? -10.440 -9.954  -5.822  1.00 6.61  ? 143 VAL A CG2 1 
ATOM   1098 N N   . ILE A 1 144 ? -10.954 -7.129  -2.094  1.00 7.89  ? 144 ILE A N   1 
ATOM   1099 C CA  . ILE A 1 144 ? -11.706 -6.311  -1.153  1.00 7.25  ? 144 ILE A CA  1 
ATOM   1100 C C   . ILE A 1 144 ? -12.273 -5.029  -1.753  1.00 7.01  ? 144 ILE A C   1 
ATOM   1101 O O   . ILE A 1 144 ? -13.076 -4.354  -1.116  1.00 8.44  ? 144 ILE A O   1 
ATOM   1102 C CB  . ILE A 1 144 ? -10.876 -5.972  0.109   1.00 8.10  ? 144 ILE A CB  1 
ATOM   1103 C CG1 . ILE A 1 144 ? -9.643  -5.147  -0.269  1.00 7.61  ? 144 ILE A CG1 1 
ATOM   1104 C CG2 . ILE A 1 144 ? -10.491 -7.258  0.840   1.00 7.66  ? 144 ILE A CG2 1 
ATOM   1105 C CD1 . ILE A 1 144 ? -8.875  -4.590  0.913   1.00 10.19 ? 144 ILE A CD1 1 
ATOM   1106 N N   . ALA A 1 145 ? -11.870 -4.702  -2.979  1.00 6.90  ? 145 ALA A N   1 
ATOM   1107 C CA  . ALA A 1 145 ? -12.367 -3.499  -3.645  1.00 5.34  ? 145 ALA A CA  1 
ATOM   1108 C C   . ALA A 1 145 ? -12.181 -3.530  -5.155  1.00 6.48  ? 145 ALA A C   1 
ATOM   1109 O O   . ALA A 1 145 ? -11.139 -3.954  -5.663  1.00 3.82  ? 145 ALA A O   1 
ATOM   1110 C CB  . ALA A 1 145 ? -11.701 -2.254  -3.067  1.00 2.93  ? 145 ALA A CB  1 
ATOM   1111 N N   . ARG A 1 146 ? -13.193 -3.041  -5.865  1.00 6.62  ? 146 ARG A N   1 
ATOM   1112 C CA  . ARG A 1 146 ? -13.162 -2.983  -7.320  1.00 7.63  ? 146 ARG A CA  1 
ATOM   1113 C C   . ARG A 1 146 ? -13.632 -1.631  -7.833  1.00 8.38  ? 146 ARG A C   1 
ATOM   1114 O O   . ARG A 1 146 ? -14.335 -0.894  -7.141  1.00 7.99  ? 146 ARG A O   1 
ATOM   1115 C CB  . ARG A 1 146 ? -14.080 -4.053  -7.935  1.00 7.94  ? 146 ARG A CB  1 
ATOM   1116 C CG  . ARG A 1 146 ? -13.471 -5.432  -8.081  1.00 9.40  ? 146 ARG A CG  1 
ATOM   1117 C CD  . ARG A 1 146 ? -14.264 -6.254  -9.092  1.00 11.64 ? 146 ARG A CD  1 
ATOM   1118 N NE  . ARG A 1 146 ? -13.617 -7.530  -9.385  1.00 10.87 ? 146 ARG A NE  1 
ATOM   1119 C CZ  . ARG A 1 146 ? -13.734 -8.619  -8.629  1.00 9.86  ? 146 ARG A CZ  1 
ATOM   1120 N NH1 . ARG A 1 146 ? -14.480 -8.591  -7.531  1.00 9.22  ? 146 ARG A NH1 1 
ATOM   1121 N NH2 . ARG A 1 146 ? -13.101 -9.731  -8.965  1.00 10.29 ? 146 ARG A NH2 1 
ATOM   1122 N N   . ASP A 1 147 ? -13.198 -1.306  -9.045  1.00 8.13  ? 147 ASP A N   1 
ATOM   1123 C CA  . ASP A 1 147 ? -13.607 -0.093  -9.740  1.00 8.06  ? 147 ASP A CA  1 
ATOM   1124 C C   . ASP A 1 147 ? -13.950 -0.642  -11.115 1.00 7.49  ? 147 ASP A C   1 
ATOM   1125 O O   . ASP A 1 147 ? -13.083 -0.745  -11.987 1.00 8.70  ? 147 ASP A O   1 
ATOM   1126 C CB  . ASP A 1 147 ? -12.464 0.925   -9.844  1.00 9.15  ? 147 ASP A CB  1 
ATOM   1127 C CG  . ASP A 1 147 ? -12.873 2.184   -10.600 1.00 12.27 ? 147 ASP A CG  1 
ATOM   1128 O OD1 . ASP A 1 147 ? -14.059 2.565   -10.533 1.00 13.32 ? 147 ASP A OD1 1 
ATOM   1129 O OD2 . ASP A 1 147 ? -12.017 2.789   -11.273 1.00 12.83 ? 147 ASP A OD2 1 
ATOM   1130 N N   . GLY A 1 148 ? -15.206 -1.044  -11.289 1.00 8.21  ? 148 GLY A N   1 
ATOM   1131 C CA  . GLY A 1 148 ? -15.619 -1.629  -12.551 1.00 9.23  ? 148 GLY A CA  1 
ATOM   1132 C C   . GLY A 1 148 ? -15.004 -3.017  -12.625 1.00 9.78  ? 148 GLY A C   1 
ATOM   1133 O O   . GLY A 1 148 ? -15.089 -3.783  -11.659 1.00 9.94  ? 148 GLY A O   1 
ATOM   1134 N N   . ASP A 1 149 ? -14.344 -3.332  -13.735 1.00 8.24  ? 149 ASP A N   1 
ATOM   1135 C CA  . ASP A 1 149 ? -13.713 -4.641  -13.875 1.00 9.12  ? 149 ASP A CA  1 
ATOM   1136 C C   . ASP A 1 149 ? -12.279 -4.650  -13.337 1.00 9.26  ? 149 ASP A C   1 
ATOM   1137 O O   . ASP A 1 149 ? -11.588 -5.669  -13.397 1.00 10.13 ? 149 ASP A O   1 
ATOM   1138 C CB  . ASP A 1 149 ? -13.757 -5.122  -15.334 1.00 9.02  ? 149 ASP A CB  1 
ATOM   1139 C CG  . ASP A 1 149 ? -12.720 -4.454  -16.210 1.00 6.93  ? 149 ASP A CG  1 
ATOM   1140 O OD1 . ASP A 1 149 ? -12.632 -3.213  -16.210 1.00 9.31  ? 149 ASP A OD1 1 
ATOM   1141 O OD2 . ASP A 1 149 ? -11.983 -5.180  -16.901 1.00 8.45  ? 149 ASP A OD2 1 
ATOM   1142 N N   . LYS A 1 150 ? -11.842 -3.513  -12.796 1.00 8.33  ? 150 LYS A N   1 
ATOM   1143 C CA  . LYS A 1 150 ? -10.500 -3.390  -12.237 1.00 7.58  ? 150 LYS A CA  1 
ATOM   1144 C C   . LYS A 1 150 ? -10.476 -3.685  -10.740 1.00 6.09  ? 150 LYS A C   1 
ATOM   1145 O O   . LYS A 1 150 ? -11.319 -3.196  -9.989  1.00 5.98  ? 150 LYS A O   1 
ATOM   1146 C CB  . LYS A 1 150 ? -9.937  -1.984  -12.474 1.00 7.99  ? 150 LYS A CB  1 
ATOM   1147 C CG  . LYS A 1 150 ? -9.734  -1.610  -13.933 1.00 10.38 ? 150 LYS A CG  1 
ATOM   1148 C CD  . LYS A 1 150 ? -9.044  -0.258  -14.045 1.00 10.85 ? 150 LYS A CD  1 
ATOM   1149 C CE  . LYS A 1 150 ? -8.892  0.180   -15.493 1.00 13.35 ? 150 LYS A CE  1 
ATOM   1150 N NZ  . LYS A 1 150 ? -10.211 0.446   -16.136 1.00 14.23 ? 150 LYS A NZ  1 
ATOM   1151 N N   . ILE A 1 151 ? -9.517  -4.498  -10.312 1.00 5.82  ? 151 ILE A N   1 
ATOM   1152 C CA  . ILE A 1 151 ? -9.377  -4.826  -8.896  1.00 6.11  ? 151 ILE A CA  1 
ATOM   1153 C C   . ILE A 1 151 ? -8.448  -3.780  -8.284  1.00 5.64  ? 151 ILE A C   1 
ATOM   1154 O O   . ILE A 1 151 ? -7.264  -3.709  -8.621  1.00 7.02  ? 151 ILE A O   1 
ATOM   1155 C CB  . ILE A 1 151 ? -8.818  -6.258  -8.703  1.00 5.89  ? 151 ILE A CB  1 
ATOM   1156 C CG1 . ILE A 1 151 ? -9.829  -7.273  -9.250  1.00 5.46  ? 151 ILE A CG1 1 
ATOM   1157 C CG2 . ILE A 1 151 ? -8.546  -6.534  -7.221  1.00 3.64  ? 151 ILE A CG2 1 
ATOM   1158 C CD1 . ILE A 1 151 ? -9.354  -8.712  -9.235  1.00 3.69  ? 151 ILE A CD1 1 
ATOM   1159 N N   . VAL A 1 152 ? -9.000  -2.944  -7.411  1.00 4.33  ? 152 VAL A N   1 
ATOM   1160 C CA  . VAL A 1 152 ? -8.217  -1.880  -6.785  1.00 4.68  ? 152 VAL A CA  1 
ATOM   1161 C C   . VAL A 1 152 ? -7.864  -2.138  -5.325  1.00 4.40  ? 152 VAL A C   1 
ATOM   1162 O O   . VAL A 1 152 ? -7.267  -1.286  -4.663  1.00 4.94  ? 152 VAL A O   1 
ATOM   1163 C CB  . VAL A 1 152 ? -8.923  -0.510  -6.918  1.00 3.51  ? 152 VAL A CB  1 
ATOM   1164 C CG1 . VAL A 1 152 ? -9.042  -0.130  -8.395  1.00 4.80  ? 152 VAL A CG1 1 
ATOM   1165 C CG2 . VAL A 1 152 ? -10.293 -0.546  -6.255  1.00 5.21  ? 152 VAL A CG2 1 
ATOM   1166 N N   . GLY A 1 153 ? -8.209  -3.325  -4.840  1.00 4.46  ? 153 GLY A N   1 
ATOM   1167 C CA  . GLY A 1 153 ? -7.906  -3.674  -3.468  1.00 4.48  ? 153 GLY A CA  1 
ATOM   1168 C C   . GLY A 1 153 ? -7.925  -5.167  -3.227  1.00 6.49  ? 153 GLY A C   1 
ATOM   1169 O O   . GLY A 1 153 ? -8.899  -5.845  -3.556  1.00 5.59  ? 153 GLY A O   1 
ATOM   1170 N N   . VAL A 1 154 ? -6.829  -5.684  -2.682  1.00 6.24  ? 154 VAL A N   1 
ATOM   1171 C CA  . VAL A 1 154 ? -6.709  -7.103  -2.365  1.00 4.06  ? 154 VAL A CA  1 
ATOM   1172 C C   . VAL A 1 154 ? -6.109  -7.293  -0.979  1.00 5.29  ? 154 VAL A C   1 
ATOM   1173 O O   . VAL A 1 154 ? -5.424  -6.410  -0.458  1.00 3.32  ? 154 VAL A O   1 
ATOM   1174 C CB  . VAL A 1 154 ? -5.835  -7.878  -3.377  1.00 6.09  ? 154 VAL A CB  1 
ATOM   1175 C CG1 . VAL A 1 154 ? -6.606  -8.124  -4.668  1.00 3.11  ? 154 VAL A CG1 1 
ATOM   1176 C CG2 . VAL A 1 154 ? -4.536  -7.128  -3.649  1.00 3.65  ? 154 VAL A CG2 1 
ATOM   1177 N N   . LYS A 1 155 ? -6.385  -8.453  -0.398  1.00 5.48  ? 155 LYS A N   1 
ATOM   1178 C CA  . LYS A 1 155 ? -5.890  -8.819  0.922   1.00 6.09  ? 155 LYS A CA  1 
ATOM   1179 C C   . LYS A 1 155 ? -5.417  -10.266 0.866   1.00 6.02  ? 155 LYS A C   1 
ATOM   1180 O O   . LYS A 1 155 ? -6.024  -11.101 0.199   1.00 8.08  ? 155 LYS A O   1 
ATOM   1181 C CB  . LYS A 1 155 ? -7.015  -8.699  1.958   1.00 6.31  ? 155 LYS A CB  1 
ATOM   1182 C CG  . LYS A 1 155 ? -6.632  -9.090  3.386   1.00 6.76  ? 155 LYS A CG  1 
ATOM   1183 C CD  . LYS A 1 155 ? -7.864  -9.134  4.292   1.00 9.60  ? 155 LYS A CD  1 
ATOM   1184 C CE  . LYS A 1 155 ? -7.503  -9.485  5.735   1.00 11.25 ? 155 LYS A CE  1 
ATOM   1185 N NZ  . LYS A 1 155 ? -6.805  -10.799 5.842   1.00 11.45 ? 155 LYS A NZ  1 
ATOM   1186 N N   . GLN A 1 156 ? -4.288  -10.536 1.506   1.00 6.83  ? 156 GLN A N   1 
ATOM   1187 C CA  . GLN A 1 156 ? -3.749  -11.887 1.580   1.00 6.16  ? 156 GLN A CA  1 
ATOM   1188 C C   . GLN A 1 156 ? -3.140  -12.017 2.966   1.00 5.98  ? 156 GLN A C   1 
ATOM   1189 O O   . GLN A 1 156 ? -1.999  -11.616 3.194   1.00 6.12  ? 156 GLN A O   1 
ATOM   1190 C CB  . GLN A 1 156 ? -2.691  -12.148 0.504   1.00 5.15  ? 156 GLN A CB  1 
ATOM   1191 C CG  . GLN A 1 156 ? -2.224  -13.606 0.493   1.00 4.70  ? 156 GLN A CG  1 
ATOM   1192 C CD  . GLN A 1 156 ? -1.122  -13.890 -0.517  1.00 6.68  ? 156 GLN A CD  1 
ATOM   1193 O OE1 . GLN A 1 156 ? -0.523  -12.976 -1.081  1.00 7.66  ? 156 GLN A OE1 1 
ATOM   1194 N NE2 . GLN A 1 156 ? -0.845  -15.172 -0.742  1.00 5.68  ? 156 GLN A NE2 1 
ATOM   1195 N N   . GLY A 1 157 ? -3.924  -12.554 3.897   1.00 5.37  ? 157 GLY A N   1 
ATOM   1196 C CA  . GLY A 1 157 ? -3.455  -12.698 5.261   1.00 5.63  ? 157 GLY A CA  1 
ATOM   1197 C C   . GLY A 1 157 ? -3.142  -11.336 5.853   1.00 5.60  ? 157 GLY A C   1 
ATOM   1198 O O   . GLY A 1 157 ? -4.004  -10.452 5.898   1.00 6.77  ? 157 GLY A O   1 
ATOM   1199 N N   . LYS A 1 158 ? -1.883  -11.145 6.234   1.00 4.77  ? 158 LYS A N   1 
ATOM   1200 C CA  . LYS A 1 158 ? -1.424  -9.897  6.837   1.00 4.81  ? 158 LYS A CA  1 
ATOM   1201 C C   . LYS A 1 158 ? -1.057  -8.809  5.827   1.00 5.68  ? 158 LYS A C   1 
ATOM   1202 O O   . LYS A 1 158 ? -0.643  -7.714  6.220   1.00 5.35  ? 158 LYS A O   1 
ATOM   1203 C CB  . LYS A 1 158 ? -0.232  -10.164 7.760   1.00 4.87  ? 158 LYS A CB  1 
ATOM   1204 C CG  . LYS A 1 158 ? 1.039   -10.601 7.030   1.00 6.58  ? 158 LYS A CG  1 
ATOM   1205 C CD  . LYS A 1 158 ? 2.198   -10.812 7.999   1.00 9.51  ? 158 LYS A CD  1 
ATOM   1206 C CE  . LYS A 1 158 ? 1.972   -12.025 8.901   1.00 10.46 ? 158 LYS A CE  1 
ATOM   1207 N NZ  . LYS A 1 158 ? 2.008   -13.310 8.139   1.00 9.86  ? 158 LYS A NZ  1 
ATOM   1208 N N   . TYR A 1 159 ? -1.203  -9.109  4.538   1.00 4.76  ? 159 TYR A N   1 
ATOM   1209 C CA  . TYR A 1 159 ? -0.893  -8.150  3.479   1.00 5.27  ? 159 TYR A CA  1 
ATOM   1210 C C   . TYR A 1 159 ? -2.138  -7.535  2.856   1.00 3.36  ? 159 TYR A C   1 
ATOM   1211 O O   . TYR A 1 159 ? -3.135  -8.222  2.635   1.00 3.23  ? 159 TYR A O   1 
ATOM   1212 C CB  . TYR A 1 159 ? -0.092  -8.815  2.352   1.00 6.46  ? 159 TYR A CB  1 
ATOM   1213 C CG  . TYR A 1 159 ? 1.261   -9.341  2.765   1.00 7.64  ? 159 TYR A CG  1 
ATOM   1214 C CD1 . TYR A 1 159 ? 2.042   -8.659  3.696   1.00 9.68  ? 159 TYR A CD1 1 
ATOM   1215 C CD2 . TYR A 1 159 ? 1.766   -10.519 2.217   1.00 9.76  ? 159 TYR A CD2 1 
ATOM   1216 C CE1 . TYR A 1 159 ? 3.296   -9.139  4.074   1.00 11.22 ? 159 TYR A CE1 1 
ATOM   1217 C CE2 . TYR A 1 159 ? 3.018   -11.007 2.588   1.00 10.72 ? 159 TYR A CE2 1 
ATOM   1218 C CZ  . TYR A 1 159 ? 3.775   -10.313 3.517   1.00 10.57 ? 159 TYR A CZ  1 
ATOM   1219 O OH  . TYR A 1 159 ? 5.007   -10.796 3.893   1.00 12.87 ? 159 TYR A OH  1 
ATOM   1220 N N   . MET A 1 160 ? -2.054  -6.243  2.550   1.00 4.22  ? 160 MET A N   1 
ATOM   1221 C CA  . MET A 1 160 ? -3.146  -5.525  1.896   1.00 4.70  ? 160 MET A CA  1 
ATOM   1222 C C   . MET A 1 160 ? -2.550  -4.560  0.875   1.00 4.64  ? 160 MET A C   1 
ATOM   1223 O O   . MET A 1 160 ? -1.558  -3.887  1.150   1.00 5.86  ? 160 MET A O   1 
ATOM   1224 C CB  . MET A 1 160 ? -4.013  -4.766  2.905   1.00 4.08  ? 160 MET A CB  1 
ATOM   1225 C CG  . MET A 1 160 ? -5.303  -4.217  2.293   1.00 4.09  ? 160 MET A CG  1 
ATOM   1226 S SD  . MET A 1 160 ? -6.419  -3.435  3.478   1.00 6.94  ? 160 MET A SD  1 
ATOM   1227 C CE  . MET A 1 160 ? -7.122  -4.875  4.266   1.00 7.83  ? 160 MET A CE  1 
ATOM   1228 N N   . ALA A 1 161 ? -3.125  -4.538  -0.323  1.00 3.95  ? 161 ALA A N   1 
ATOM   1229 C CA  . ALA A 1 161 ? -2.647  -3.653  -1.378  1.00 4.01  ? 161 ALA A CA  1 
ATOM   1230 C C   . ALA A 1 161 ? -3.822  -2.897  -1.979  1.00 5.34  ? 161 ALA A C   1 
ATOM   1231 O O   . ALA A 1 161 ? -4.855  -3.492  -2.300  1.00 4.43  ? 161 ALA A O   1 
ATOM   1232 C CB  . ALA A 1 161 ? -1.918  -4.448  -2.455  1.00 6.56  ? 161 ALA A CB  1 
ATOM   1233 N N   . LEU A 1 162 ? -3.654  -1.582  -2.109  1.00 5.87  ? 162 LEU A N   1 
ATOM   1234 C CA  . LEU A 1 162 ? -4.680  -0.697  -2.660  1.00 5.76  ? 162 LEU A CA  1 
ATOM   1235 C C   . LEU A 1 162 ? -4.104  0.155   -3.788  1.00 5.68  ? 162 LEU A C   1 
ATOM   1236 O O   . LEU A 1 162 ? -2.939  0.543   -3.747  1.00 5.52  ? 162 LEU A O   1 
ATOM   1237 C CB  . LEU A 1 162 ? -5.219  0.230   -1.571  1.00 5.60  ? 162 LEU A CB  1 
ATOM   1238 C CG  . LEU A 1 162 ? -5.723  -0.426  -0.287  1.00 5.72  ? 162 LEU A CG  1 
ATOM   1239 C CD1 . LEU A 1 162 ? -6.093  0.645   0.705   1.00 6.54  ? 162 LEU A CD1 1 
ATOM   1240 C CD2 . LEU A 1 162 ? -6.908  -1.332  -0.585  1.00 6.22  ? 162 LEU A CD2 1 
ATOM   1241 N N   . SER A 1 163 ? -4.945  0.482   -4.766  1.00 4.24  ? 163 SER A N   1 
ATOM   1242 C CA  . SER A 1 163 ? -4.529  1.285   -5.915  1.00 6.09  ? 163 SER A CA  1 
ATOM   1243 C C   . SER A 1 163 ? -4.413  2.781   -5.629  1.00 6.11  ? 163 SER A C   1 
ATOM   1244 O O   . SER A 1 163 ? -3.527  3.446   -6.163  1.00 7.31  ? 163 SER A O   1 
ATOM   1245 C CB  . SER A 1 163 ? -5.509  1.090   -7.078  1.00 4.95  ? 163 SER A CB  1 
ATOM   1246 O OG  . SER A 1 163 ? -5.578  -0.265  -7.470  1.00 6.27  ? 163 SER A OG  1 
ATOM   1247 N N   . PHE A 1 164 ? -5.320  3.304   -4.808  1.00 6.38  ? 164 PHE A N   1 
ATOM   1248 C CA  . PHE A 1 164 ? -5.346  4.731   -4.493  1.00 6.11  ? 164 PHE A CA  1 
ATOM   1249 C C   . PHE A 1 164 ? -4.518  5.150   -3.277  1.00 5.39  ? 164 PHE A C   1 
ATOM   1250 O O   . PHE A 1 164 ? -3.895  4.314   -2.625  1.00 4.94  ? 164 PHE A O   1 
ATOM   1251 C CB  . PHE A 1 164 ? -6.796  5.202   -4.339  1.00 6.42  ? 164 PHE A CB  1 
ATOM   1252 C CG  . PHE A 1 164 ? -7.540  4.534   -3.212  1.00 7.89  ? 164 PHE A CG  1 
ATOM   1253 C CD1 . PHE A 1 164 ? -7.647  5.152   -1.972  1.00 9.45  ? 164 PHE A CD1 1 
ATOM   1254 C CD2 . PHE A 1 164 ? -8.155  3.299   -3.400  1.00 8.39  ? 164 PHE A CD2 1 
ATOM   1255 C CE1 . PHE A 1 164 ? -8.358  4.552   -0.931  1.00 8.42  ? 164 PHE A CE1 1 
ATOM   1256 C CE2 . PHE A 1 164 ? -8.866  2.692   -2.364  1.00 8.46  ? 164 PHE A CE2 1 
ATOM   1257 C CZ  . PHE A 1 164 ? -8.968  3.322   -1.130  1.00 8.43  ? 164 PHE A CZ  1 
ATOM   1258 N N   . HIS A 1 165 ? -4.527  6.453   -2.988  1.00 5.32  ? 165 HIS A N   1 
ATOM   1259 C CA  . HIS A 1 165 ? -3.784  7.028   -1.864  1.00 6.65  ? 165 HIS A CA  1 
ATOM   1260 C C   . HIS A 1 165 ? -4.779  7.439   -0.783  1.00 6.68  ? 165 HIS A C   1 
ATOM   1261 O O   . HIS A 1 165 ? -5.322  8.547   -0.818  1.00 8.09  ? 165 HIS A O   1 
ATOM   1262 C CB  . HIS A 1 165 ? -3.004  8.271   -2.312  1.00 6.53  ? 165 HIS A CB  1 
ATOM   1263 C CG  . HIS A 1 165 ? -2.184  8.071   -3.548  1.00 7.80  ? 165 HIS A CG  1 
ATOM   1264 N ND1 . HIS A 1 165 ? -0.858  7.691   -3.512  1.00 8.30  ? 165 HIS A ND1 1 
ATOM   1265 C CD2 . HIS A 1 165 ? -2.488  8.247   -4.856  1.00 9.58  ? 165 HIS A CD2 1 
ATOM   1266 C CE1 . HIS A 1 165 ? -0.381  7.646   -4.742  1.00 7.53  ? 165 HIS A CE1 1 
ATOM   1267 N NE2 . HIS A 1 165 ? -1.350  7.978   -5.577  1.00 10.68 ? 165 HIS A NE2 1 
ATOM   1268 N N   . PRO A 1 166 ? -5.005  6.564   0.215   1.00 7.01  ? 166 PRO A N   1 
ATOM   1269 C CA  . PRO A 1 166 ? -5.941  6.819   1.320   1.00 7.80  ? 166 PRO A CA  1 
ATOM   1270 C C   . PRO A 1 166 ? -5.665  8.126   2.062   1.00 8.25  ? 166 PRO A C   1 
ATOM   1271 O O   . PRO A 1 166 ? -6.594  8.843   2.437   1.00 7.83  ? 166 PRO A O   1 
ATOM   1272 C CB  . PRO A 1 166 ? -5.717  5.617   2.241   1.00 8.46  ? 166 PRO A CB  1 
ATOM   1273 C CG  . PRO A 1 166 ? -5.270  4.535   1.300   1.00 7.28  ? 166 PRO A CG  1 
ATOM   1274 C CD  . PRO A 1 166 ? -4.303  5.284   0.417   1.00 6.45  ? 166 PRO A CD  1 
ATOM   1275 N N   . GLU A 1 167 ? -4.383  8.433   2.245   1.00 7.94  ? 167 GLU A N   1 
ATOM   1276 C CA  . GLU A 1 167 ? -3.954  9.634   2.958   1.00 9.34  ? 167 GLU A CA  1 
ATOM   1277 C C   . GLU A 1 167 ? -4.398  10.949  2.322   1.00 9.22  ? 167 GLU A C   1 
ATOM   1278 O O   . GLU A 1 167 ? -4.388  11.987  2.984   1.00 10.37 ? 167 GLU A O   1 
ATOM   1279 C CB  . GLU A 1 167 ? -2.425  9.644   3.134   1.00 8.52  ? 167 GLU A CB  1 
ATOM   1280 C CG  . GLU A 1 167 ? -1.618  9.907   1.846   1.00 9.77  ? 167 GLU A CG  1 
ATOM   1281 C CD  . GLU A 1 167 ? -1.336  8.649   1.023   1.00 11.28 ? 167 GLU A CD  1 
ATOM   1282 O OE1 . GLU A 1 167 ? -2.046  7.636   1.186   1.00 9.51  ? 167 GLU A OE1 1 
ATOM   1283 O OE2 . GLU A 1 167 ? -0.382  8.672   0.214   1.00 12.49 ? 167 GLU A OE2 1 
ATOM   1284 N N   . LEU A 1 168 ? -4.773  10.906  1.045   1.00 9.07  ? 168 LEU A N   1 
ATOM   1285 C CA  . LEU A 1 168 ? -5.210  12.103  0.330   1.00 9.80  ? 168 LEU A CA  1 
ATOM   1286 C C   . LEU A 1 168 ? -6.675  12.482  0.527   1.00 11.29 ? 168 LEU A C   1 
ATOM   1287 O O   . LEU A 1 168 ? -7.122  13.507  0.013   1.00 10.26 ? 168 LEU A O   1 
ATOM   1288 C CB  . LEU A 1 168 ? -4.899  11.986  -1.166  1.00 8.69  ? 168 LEU A CB  1 
ATOM   1289 C CG  . LEU A 1 168 ? -3.407  11.961  -1.513  1.00 9.69  ? 168 LEU A CG  1 
ATOM   1290 C CD1 . LEU A 1 168 ? -3.224  11.961  -3.021  1.00 9.59  ? 168 LEU A CD1 1 
ATOM   1291 C CD2 . LEU A 1 168 ? -2.708  13.174  -0.895  1.00 8.39  ? 168 LEU A CD2 1 
ATOM   1292 N N   . SER A 1 169 ? -7.429  11.654  1.244   1.00 11.34 ? 169 SER A N   1 
ATOM   1293 C CA  . SER A 1 169 ? -8.832  11.962  1.491   1.00 14.32 ? 169 SER A CA  1 
ATOM   1294 C C   . SER A 1 169 ? -9.139  11.915  2.981   1.00 14.23 ? 169 SER A C   1 
ATOM   1295 O O   . SER A 1 169 ? -8.373  11.353  3.765   1.00 11.99 ? 169 SER A O   1 
ATOM   1296 C CB  . SER A 1 169 ? -9.751  10.996  0.738   1.00 16.10 ? 169 SER A CB  1 
ATOM   1297 O OG  . SER A 1 169 ? -9.712  9.703   1.310   1.00 20.82 ? 169 SER A OG  1 
ATOM   1298 N N   . GLU A 1 170 ? -10.263 12.512  3.364   1.00 15.52 ? 170 GLU A N   1 
ATOM   1299 C CA  . GLU A 1 170 ? -10.684 12.538  4.762   1.00 18.34 ? 170 GLU A CA  1 
ATOM   1300 C C   . GLU A 1 170 ? -10.992 11.129  5.276   1.00 17.63 ? 170 GLU A C   1 
ATOM   1301 O O   . GLU A 1 170 ? -10.987 10.884  6.486   1.00 18.69 ? 170 GLU A O   1 
ATOM   1302 C CB  . GLU A 1 170 ? -11.909 13.445  4.935   1.00 20.48 ? 170 GLU A CB  1 
ATOM   1303 C CG  . GLU A 1 170 ? -11.648 14.927  4.651   1.00 25.68 ? 170 GLU A CG  1 
ATOM   1304 C CD  . GLU A 1 170 ? -11.942 15.347  3.210   1.00 29.99 ? 170 GLU A CD  1 
ATOM   1305 O OE1 . GLU A 1 170 ? -11.934 14.490  2.297   1.00 29.82 ? 170 GLU A OE1 1 
ATOM   1306 O OE2 . GLU A 1 170 ? -12.182 16.558  2.993   1.00 32.70 ? 170 GLU A OE2 1 
ATOM   1307 N N   . ASP A 1 171 ? -11.247 10.208  4.348   1.00 15.83 ? 171 ASP A N   1 
ATOM   1308 C CA  . ASP A 1 171 ? -11.553 8.815   4.675   1.00 16.19 ? 171 ASP A CA  1 
ATOM   1309 C C   . ASP A 1 171 ? -10.314 7.968   4.956   1.00 14.59 ? 171 ASP A C   1 
ATOM   1310 O O   . ASP A 1 171 ? -10.433 6.795   5.313   1.00 13.72 ? 171 ASP A O   1 
ATOM   1311 C CB  . ASP A 1 171 ? -12.343 8.160   3.532   1.00 16.49 ? 171 ASP A CB  1 
ATOM   1312 C CG  . ASP A 1 171 ? -13.820 8.510   3.556   1.00 18.91 ? 171 ASP A CG  1 
ATOM   1313 O OD1 . ASP A 1 171 ? -14.297 9.092   4.552   1.00 20.50 ? 171 ASP A OD1 1 
ATOM   1314 O OD2 . ASP A 1 171 ? -14.516 8.180   2.573   1.00 19.66 ? 171 ASP A OD2 1 
ATOM   1315 N N   . GLY A 1 172 ? -9.132  8.557   4.785   1.00 11.72 ? 172 GLY A N   1 
ATOM   1316 C CA  . GLY A 1 172 ? -7.894  7.827   5.005   1.00 9.84  ? 172 GLY A CA  1 
ATOM   1317 C C   . GLY A 1 172 ? -7.814  6.995   6.273   1.00 11.00 ? 172 GLY A C   1 
ATOM   1318 O O   . GLY A 1 172 ? -7.446  5.813   6.231   1.00 9.57  ? 172 GLY A O   1 
ATOM   1319 N N   . TYR A 1 173 ? -8.174  7.600   7.400   1.00 8.32  ? 173 TYR A N   1 
ATOM   1320 C CA  . TYR A 1 173 ? -8.128  6.908   8.684   1.00 9.47  ? 173 TYR A CA  1 
ATOM   1321 C C   . TYR A 1 173 ? -9.015  5.658   8.727   1.00 8.16  ? 173 TYR A C   1 
ATOM   1322 O O   . TYR A 1 173 ? -8.694  4.696   9.425   1.00 6.72  ? 173 TYR A O   1 
ATOM   1323 C CB  . TYR A 1 173 ? -8.490  7.866   9.826   1.00 9.79  ? 173 TYR A CB  1 
ATOM   1324 C CG  . TYR A 1 173 ? -9.973  8.080   10.031  1.00 11.80 ? 173 TYR A CG  1 
ATOM   1325 C CD1 . TYR A 1 173 ? -10.674 7.343   10.987  1.00 13.03 ? 173 TYR A CD1 1 
ATOM   1326 C CD2 . TYR A 1 173 ? -10.676 9.019   9.278   1.00 13.95 ? 173 TYR A CD2 1 
ATOM   1327 C CE1 . TYR A 1 173 ? -12.038 7.534   11.188  1.00 14.17 ? 173 TYR A CE1 1 
ATOM   1328 C CE2 . TYR A 1 173 ? -12.043 9.221   9.472   1.00 14.26 ? 173 TYR A CE2 1 
ATOM   1329 C CZ  . TYR A 1 173 ? -12.715 8.473   10.430  1.00 15.89 ? 173 TYR A CZ  1 
ATOM   1330 O OH  . TYR A 1 173 ? -14.061 8.663   10.640  1.00 18.27 ? 173 TYR A OH  1 
ATOM   1331 N N   . LYS A 1 174 ? -10.133 5.681   7.998   1.00 7.43  ? 174 LYS A N   1 
ATOM   1332 C CA  . LYS A 1 174 ? -11.043 4.530   7.956   1.00 9.12  ? 174 LYS A CA  1 
ATOM   1333 C C   . LYS A 1 174 ? -10.341 3.358   7.285   1.00 8.87  ? 174 LYS A C   1 
ATOM   1334 O O   . LYS A 1 174 ? -10.455 2.210   7.728   1.00 7.50  ? 174 LYS A O   1 
ATOM   1335 C CB  . LYS A 1 174 ? -12.316 4.857   7.171   1.00 8.31  ? 174 LYS A CB  1 
ATOM   1336 C CG  . LYS A 1 174 ? -13.200 5.934   7.778   1.00 11.32 ? 174 LYS A CG  1 
ATOM   1337 C CD  . LYS A 1 174 ? -14.368 6.247   6.840   1.00 13.80 ? 174 LYS A CD  1 
ATOM   1338 C CE  . LYS A 1 174 ? -15.265 7.354   7.378   1.00 16.34 ? 174 LYS A CE  1 
ATOM   1339 N NZ  . LYS A 1 174 ? -16.367 7.687   6.412   1.00 16.88 ? 174 LYS A NZ  1 
ATOM   1340 N N   . VAL A 1 175 ? -9.637  3.660   6.197   1.00 7.65  ? 175 VAL A N   1 
ATOM   1341 C CA  . VAL A 1 175 ? -8.905  2.657   5.435   1.00 9.88  ? 175 VAL A CA  1 
ATOM   1342 C C   . VAL A 1 175 ? -7.780  2.069   6.280   1.00 7.60  ? 175 VAL A C   1 
ATOM   1343 O O   . VAL A 1 175 ? -7.591  0.852   6.313   1.00 8.46  ? 175 VAL A O   1 
ATOM   1344 C CB  . VAL A 1 175 ? -8.314  3.259   4.138   1.00 9.74  ? 175 VAL A CB  1 
ATOM   1345 C CG1 . VAL A 1 175 ? -7.529  2.204   3.381   1.00 11.32 ? 175 VAL A CG1 1 
ATOM   1346 C CG2 . VAL A 1 175 ? -9.423  3.824   3.264   1.00 11.16 ? 175 VAL A CG2 1 
ATOM   1347 N N   . TYR A 1 176 ? -7.038  2.937   6.966   1.00 7.74  ? 176 TYR A N   1 
ATOM   1348 C CA  . TYR A 1 176 ? -5.937  2.493   7.821   1.00 7.12  ? 176 TYR A CA  1 
ATOM   1349 C C   . TYR A 1 176 ? -6.466  1.622   8.960   1.00 6.75  ? 176 TYR A C   1 
ATOM   1350 O O   . TYR A 1 176 ? -5.860  0.609   9.314   1.00 7.14  ? 176 TYR A O   1 
ATOM   1351 C CB  . TYR A 1 176 ? -5.178  3.699   8.386   1.00 6.28  ? 176 TYR A CB  1 
ATOM   1352 C CG  . TYR A 1 176 ? -4.244  4.382   7.403   1.00 6.85  ? 176 TYR A CG  1 
ATOM   1353 C CD1 . TYR A 1 176 ? -4.127  3.939   6.083   1.00 6.46  ? 176 TYR A CD1 1 
ATOM   1354 C CD2 . TYR A 1 176 ? -3.458  5.461   7.807   1.00 5.74  ? 176 TYR A CD2 1 
ATOM   1355 C CE1 . TYR A 1 176 ? -3.245  4.555   5.190   1.00 6.26  ? 176 TYR A CE1 1 
ATOM   1356 C CE2 . TYR A 1 176 ? -2.572  6.084   6.922   1.00 7.95  ? 176 TYR A CE2 1 
ATOM   1357 C CZ  . TYR A 1 176 ? -2.470  5.626   5.621   1.00 7.92  ? 176 TYR A CZ  1 
ATOM   1358 O OH  . TYR A 1 176 ? -1.582  6.237   4.764   1.00 7.67  ? 176 TYR A OH  1 
ATOM   1359 N N   . LYS A 1 177 ? -7.614  2.007   9.512   1.00 6.17  ? 177 LYS A N   1 
ATOM   1360 C CA  . LYS A 1 177 ? -8.234  1.252   10.596  1.00 7.91  ? 177 LYS A CA  1 
ATOM   1361 C C   . LYS A 1 177 ? -8.686  -0.119  10.083  1.00 8.68  ? 177 LYS A C   1 
ATOM   1362 O O   . LYS A 1 177 ? -8.558  -1.128  10.779  1.00 8.99  ? 177 LYS A O   1 
ATOM   1363 C CB  . LYS A 1 177 ? -9.426  2.021   11.168  1.00 10.62 ? 177 LYS A CB  1 
ATOM   1364 C CG  . LYS A 1 177 ? -10.019 1.394   12.419  1.00 15.87 ? 177 LYS A CG  1 
ATOM   1365 C CD  . LYS A 1 177 ? -11.299 2.096   12.853  1.00 20.93 ? 177 LYS A CD  1 
ATOM   1366 C CE  . LYS A 1 177 ? -11.061 3.565   13.164  1.00 23.32 ? 177 LYS A CE  1 
ATOM   1367 N NZ  . LYS A 1 177 ? -12.313 4.237   13.617  1.00 26.42 ? 177 LYS A NZ  1 
ATOM   1368 N N   . TYR A 1 178 ? -9.204  -0.137  8.856   1.00 8.20  ? 178 TYR A N   1 
ATOM   1369 C CA  . TYR A 1 178 ? -9.666  -1.362  8.199   1.00 7.79  ? 178 TYR A CA  1 
ATOM   1370 C C   . TYR A 1 178 ? -8.485  -2.320  8.027   1.00 7.71  ? 178 TYR A C   1 
ATOM   1371 O O   . TYR A 1 178 ? -8.604  -3.527  8.269   1.00 6.19  ? 178 TYR A O   1 
ATOM   1372 C CB  . TYR A 1 178 ? -10.270 -0.999  6.838   1.00 6.70  ? 178 TYR A CB  1 
ATOM   1373 C CG  . TYR A 1 178 ? -10.759 -2.152  5.981   1.00 9.10  ? 178 TYR A CG  1 
ATOM   1374 C CD1 . TYR A 1 178 ? -12.032 -2.693  6.161   1.00 10.23 ? 178 TYR A CD1 1 
ATOM   1375 C CD2 . TYR A 1 178 ? -9.981  -2.642  4.932   1.00 10.18 ? 178 TYR A CD2 1 
ATOM   1376 C CE1 . TYR A 1 178 ? -12.522 -3.689  5.309   1.00 12.37 ? 178 TYR A CE1 1 
ATOM   1377 C CE2 . TYR A 1 178 ? -10.458 -3.635  4.078   1.00 12.51 ? 178 TYR A CE2 1 
ATOM   1378 C CZ  . TYR A 1 178 ? -11.730 -4.150  4.268   1.00 13.96 ? 178 TYR A CZ  1 
ATOM   1379 O OH  . TYR A 1 178 ? -12.213 -5.104  3.401   1.00 11.98 ? 178 TYR A OH  1 
ATOM   1380 N N   . PHE A 1 179 ? -7.341  -1.771  7.626   1.00 6.83  ? 179 PHE A N   1 
ATOM   1381 C CA  . PHE A 1 179 ? -6.136  -2.569  7.436   1.00 6.00  ? 179 PHE A CA  1 
ATOM   1382 C C   . PHE A 1 179 ? -5.658  -3.163  8.760   1.00 6.69  ? 179 PHE A C   1 
ATOM   1383 O O   . PHE A 1 179 ? -5.439  -4.373  8.867   1.00 6.54  ? 179 PHE A O   1 
ATOM   1384 C CB  . PHE A 1 179 ? -5.017  -1.721  6.812   1.00 5.79  ? 179 PHE A CB  1 
ATOM   1385 C CG  . PHE A 1 179 ? -3.642  -2.317  6.977   1.00 6.18  ? 179 PHE A CG  1 
ATOM   1386 C CD1 . PHE A 1 179 ? -3.332  -3.558  6.422   1.00 5.51  ? 179 PHE A CD1 1 
ATOM   1387 C CD2 . PHE A 1 179 ? -2.671  -1.655  7.721   1.00 5.35  ? 179 PHE A CD2 1 
ATOM   1388 C CE1 . PHE A 1 179 ? -2.081  -4.131  6.611   1.00 5.92  ? 179 PHE A CE1 1 
ATOM   1389 C CE2 . PHE A 1 179 ? -1.410  -2.219  7.917   1.00 7.43  ? 179 PHE A CE2 1 
ATOM   1390 C CZ  . PHE A 1 179 ? -1.115  -3.460  7.362   1.00 5.72  ? 179 PHE A CZ  1 
ATOM   1391 N N   . VAL A 1 180 ? -5.503  -2.307  9.764   1.00 6.68  ? 180 VAL A N   1 
ATOM   1392 C CA  . VAL A 1 180 ? -5.031  -2.749  11.075  1.00 6.98  ? 180 VAL A CA  1 
ATOM   1393 C C   . VAL A 1 180 ? -5.954  -3.770  11.739  1.00 7.43  ? 180 VAL A C   1 
ATOM   1394 O O   . VAL A 1 180 ? -5.496  -4.808  12.218  1.00 8.53  ? 180 VAL A O   1 
ATOM   1395 C CB  . VAL A 1 180 ? -4.791  -1.544  12.014  1.00 6.24  ? 180 VAL A CB  1 
ATOM   1396 C CG1 . VAL A 1 180 ? -4.412  -2.019  13.416  1.00 6.21  ? 180 VAL A CG1 1 
ATOM   1397 C CG2 . VAL A 1 180 ? -3.683  -0.666  11.449  1.00 5.41  ? 180 VAL A CG2 1 
ATOM   1398 N N   . GLU A 1 181 ? -7.256  -3.502  11.728  1.00 7.53  ? 181 GLU A N   1 
ATOM   1399 C CA  . GLU A 1 181 ? -8.215  -4.413  12.345  1.00 8.95  ? 181 GLU A CA  1 
ATOM   1400 C C   . GLU A 1 181 ? -8.345  -5.775  11.656  1.00 9.85  ? 181 GLU A C   1 
ATOM   1401 O O   . GLU A 1 181 ? -8.664  -6.771  12.308  1.00 8.89  ? 181 GLU A O   1 
ATOM   1402 C CB  . GLU A 1 181 ? -9.584  -3.741  12.474  1.00 11.36 ? 181 GLU A CB  1 
ATOM   1403 C CG  . GLU A 1 181 ? -9.574  -2.579  13.466  1.00 13.57 ? 181 GLU A CG  1 
ATOM   1404 C CD  . GLU A 1 181 ? -10.922 -1.901  13.633  1.00 16.34 ? 181 GLU A CD  1 
ATOM   1405 O OE1 . GLU A 1 181 ? -11.837 -2.136  12.813  1.00 15.95 ? 181 GLU A OE1 1 
ATOM   1406 O OE2 . GLU A 1 181 ? -11.058 -1.118  14.599  1.00 18.17 ? 181 GLU A OE2 1 
ATOM   1407 N N   . ASN A 1 182 ? -8.070  -5.823  10.355  1.00 8.38  ? 182 ASN A N   1 
ATOM   1408 C CA  . ASN A 1 182 ? -8.173  -7.066  9.598   1.00 9.85  ? 182 ASN A CA  1 
ATOM   1409 C C   . ASN A 1 182 ? -6.866  -7.783  9.269   1.00 8.63  ? 182 ASN A C   1 
ATOM   1410 O O   . ASN A 1 182 ? -6.881  -8.980  8.984   1.00 10.38 ? 182 ASN A O   1 
ATOM   1411 C CB  . ASN A 1 182 ? -8.964  -6.834  8.308   1.00 9.61  ? 182 ASN A CB  1 
ATOM   1412 C CG  . ASN A 1 182 ? -10.418 -6.531  8.576   1.00 14.01 ? 182 ASN A CG  1 
ATOM   1413 O OD1 . ASN A 1 182 ? -11.170 -7.403  9.014   1.00 13.95 ? 182 ASN A OD1 1 
ATOM   1414 N ND2 . ASN A 1 182 ? -10.819 -5.284  8.346   1.00 13.05 ? 182 ASN A ND2 1 
ATOM   1415 N N   . CYS A 1 183 ? -5.744  -7.066  9.313   1.00 7.68  ? 183 CYS A N   1 
ATOM   1416 C CA  . CYS A 1 183 ? -4.440  -7.660  8.995   1.00 7.97  ? 183 CYS A CA  1 
ATOM   1417 C C   . CYS A 1 183 ? -3.436  -7.714  10.142  1.00 9.15  ? 183 CYS A C   1 
ATOM   1418 O O   . CYS A 1 183 ? -2.464  -8.468  10.073  1.00 8.73  ? 183 CYS A O   1 
ATOM   1419 C CB  . CYS A 1 183 ? -3.779  -6.909  7.833   1.00 5.82  ? 183 CYS A CB  1 
ATOM   1420 S SG  . CYS A 1 183 ? -4.585  -7.081  6.238   1.00 7.26  ? 183 CYS A SG  1 
ATOM   1421 N N   . VAL A 1 184 ? -3.646  -6.897  11.170  1.00 10.38 ? 184 VAL A N   1 
ATOM   1422 C CA  . VAL A 1 184 ? -2.719  -6.839  12.300  1.00 14.37 ? 184 VAL A CA  1 
ATOM   1423 C C   . VAL A 1 184 ? -3.279  -7.451  13.580  1.00 18.51 ? 184 VAL A C   1 
ATOM   1424 O O   . VAL A 1 184 ? -2.652  -8.322  14.183  1.00 20.08 ? 184 VAL A O   1 
ATOM   1425 C CB  . VAL A 1 184 ? -2.286  -5.379  12.580  1.00 12.97 ? 184 VAL A CB  1 
ATOM   1426 C CG1 . VAL A 1 184 ? -1.186  -5.337  13.631  1.00 15.63 ? 184 VAL A CG1 1 
ATOM   1427 C CG2 . VAL A 1 184 ? -1.828  -4.710  11.295  1.00 11.88 ? 184 VAL A CG2 1 
ATOM   1428 N N   . LYS A 1 185 ? -4.451  -6.985  13.998  1.00 22.63 ? 185 LYS A N   1 
ATOM   1429 C CA  . LYS A 1 185 ? -5.088  -7.489  15.211  1.00 27.16 ? 185 LYS A CA  1 
ATOM   1430 C C   . LYS A 1 185 ? -5.560  -8.936  15.057  1.00 29.48 ? 185 LYS A C   1 
ATOM   1431 O O   . LYS A 1 185 ? -5.575  -9.658  16.078  1.00 31.67 ? 185 LYS A O   1 
ATOM   1432 C CB  . LYS A 1 185 ? -6.264  -6.591  15.611  1.00 29.64 ? 185 LYS A CB  1 
ATOM   1433 C CG  . LYS A 1 185 ? -5.860  -5.163  15.937  1.00 31.04 ? 185 LYS A CG  1 
ATOM   1434 C CD  . LYS A 1 185 ? -7.030  -4.363  16.487  1.00 33.69 ? 185 LYS A CD  1 
ATOM   1435 C CE  . LYS A 1 185 ? -6.597  -2.953  16.859  1.00 34.67 ? 185 LYS A CE  1 
ATOM   1436 N NZ  . LYS A 1 185 ? -7.695  -2.183  17.508  1.00 36.32 ? 185 LYS A NZ  1 
HETATM 1437 O O   . HOH B 2 .   ? 0.173   6.265   -1.268  1.00 5.10  ? 187 HOH A O   1 
HETATM 1438 O O   . HOH B 2 .   ? 4.862   -14.859 -0.641  1.00 7.51  ? 188 HOH A O   1 
HETATM 1439 O O   . HOH B 2 .   ? -1.163  5.395   2.280   1.00 5.92  ? 189 HOH A O   1 
HETATM 1440 O O   . HOH B 2 .   ? 0.924   13.455  -23.629 1.00 11.00 ? 190 HOH A O   1 
HETATM 1441 O O   . HOH B 2 .   ? -7.963  -5.643  -12.366 1.00 10.64 ? 191 HOH A O   1 
HETATM 1442 O O   . HOH B 2 .   ? 6.198   -9.271  5.849   1.00 12.04 ? 192 HOH A O   1 
HETATM 1443 O O   . HOH B 2 .   ? -3.405  4.736   -13.831 1.00 12.89 ? 193 HOH A O   1 
HETATM 1444 O O   . HOH B 2 .   ? -15.685 -2.951  -4.661  1.00 8.43  ? 194 HOH A O   1 
HETATM 1445 O O   . HOH B 2 .   ? 0.863   2.686   -11.625 1.00 16.70 ? 195 HOH A O   1 
HETATM 1446 O O   . HOH B 2 .   ? -3.247  6.042   -7.233  1.00 8.70  ? 196 HOH A O   1 
HETATM 1447 O O   . HOH B 2 .   ? 8.065   -7.319  -12.912 1.00 16.10 ? 197 HOH A O   1 
HETATM 1448 O O   . HOH B 2 .   ? -8.672  -0.263  15.912  1.00 15.34 ? 198 HOH A O   1 
HETATM 1449 O O   . HOH B 2 .   ? -4.789  8.582   -18.973 1.00 15.18 ? 199 HOH A O   1 
HETATM 1450 O O   . HOH B 2 .   ? -0.996  6.338   -14.579 1.00 16.30 ? 200 HOH A O   1 
HETATM 1451 O O   . HOH B 2 .   ? 7.556   13.311  6.983   1.00 15.18 ? 201 HOH A O   1 
HETATM 1452 O O   . HOH B 2 .   ? -7.991  8.605   -1.070  1.00 11.01 ? 202 HOH A O   1 
HETATM 1453 O O   . HOH B 2 .   ? -7.742  -15.980 -4.850  1.00 8.53  ? 203 HOH A O   1 
HETATM 1454 O O   . HOH B 2 .   ? 11.550  11.126  4.410   1.00 13.65 ? 204 HOH A O   1 
HETATM 1455 O O   . HOH B 2 .   ? 7.495   -14.387 -1.457  1.00 11.74 ? 205 HOH A O   1 
HETATM 1456 O O   . HOH B 2 .   ? 10.554  -0.762  -8.283  1.00 16.65 ? 206 HOH A O   1 
HETATM 1457 O O   . HOH B 2 .   ? -12.784 12.666  -10.461 1.00 18.13 ? 207 HOH A O   1 
HETATM 1458 O O   . HOH B 2 .   ? 10.097  5.361   0.563   1.00 15.31 ? 208 HOH A O   1 
HETATM 1459 O O   . HOH B 2 .   ? -10.646 -1.795  -17.607 1.00 19.47 ? 209 HOH A O   1 
HETATM 1460 O O   . HOH B 2 .   ? -16.420 0.239   -5.812  1.00 11.59 ? 210 HOH A O   1 
HETATM 1461 O O   . HOH B 2 .   ? -1.736  6.758   -21.407 1.00 14.34 ? 211 HOH A O   1 
HETATM 1462 O O   . HOH B 2 .   ? -8.735  2.433   16.754  1.00 16.81 ? 212 HOH A O   1 
HETATM 1463 O O   . HOH B 2 .   ? -1.058  16.575  -0.561  1.00 22.83 ? 213 HOH A O   1 
HETATM 1464 O O   . HOH B 2 .   ? -12.709 1.377   9.220   1.00 12.60 ? 214 HOH A O   1 
HETATM 1465 O O   . HOH B 2 .   ? -6.140  -14.118 2.930   1.00 15.76 ? 215 HOH A O   1 
HETATM 1466 O O   . HOH B 2 .   ? 2.046   9.265   16.385  1.00 17.60 ? 216 HOH A O   1 
HETATM 1467 O O   . HOH B 2 .   ? 18.888  2.451   6.235   1.00 17.15 ? 217 HOH A O   1 
HETATM 1468 O O   . HOH B 2 .   ? -13.054 4.460   -13.376 1.00 18.59 ? 218 HOH A O   1 
HETATM 1469 O O   . HOH B 2 .   ? 6.698   6.149   17.016  1.00 24.03 ? 219 HOH A O   1 
HETATM 1470 O O   . HOH B 2 .   ? 15.554  -2.621  12.057  1.00 24.49 ? 220 HOH A O   1 
HETATM 1471 O O   . HOH B 2 .   ? -14.201 -1.143  -15.644 1.00 19.31 ? 221 HOH A O   1 
HETATM 1472 O O   . HOH B 2 .   ? 2.255   -7.238  13.985  1.00 14.88 ? 222 HOH A O   1 
HETATM 1473 O O   . HOH B 2 .   ? -0.827  -10.418 11.341  1.00 18.97 ? 223 HOH A O   1 
HETATM 1474 O O   . HOH B 2 .   ? 2.118   0.364   21.155  1.00 18.20 ? 224 HOH A O   1 
HETATM 1475 O O   . HOH B 2 .   ? 6.681   -17.083 -4.960  1.00 23.30 ? 225 HOH A O   1 
HETATM 1476 O O   . HOH B 2 .   ? 15.026  14.130  0.298   1.00 23.55 ? 226 HOH A O   1 
HETATM 1477 O O   . HOH B 2 .   ? 1.179   -18.963 -2.686  1.00 20.07 ? 227 HOH A O   1 
HETATM 1478 O O   . HOH B 2 .   ? -6.918  14.874  -7.410  1.00 23.37 ? 228 HOH A O   1 
HETATM 1479 O O   . HOH B 2 .   ? 14.363  4.092   15.224  1.00 25.19 ? 229 HOH A O   1 
HETATM 1480 O O   . HOH B 2 .   ? 10.458  -11.752 -1.000  1.00 15.99 ? 230 HOH A O   1 
HETATM 1481 O O   . HOH B 2 .   ? -12.485 0.863   -14.150 1.00 17.10 ? 231 HOH A O   1 
HETATM 1482 O O   . HOH B 2 .   ? 4.499   2.946   -10.687 1.00 30.45 ? 232 HOH A O   1 
HETATM 1483 O O   . HOH B 2 .   ? 12.965  13.305  2.355   1.00 29.06 ? 233 HOH A O   1 
HETATM 1484 O O   . HOH B 2 .   ? -19.309 -5.994  1.391   1.00 15.81 ? 234 HOH A O   1 
HETATM 1485 O O   . HOH B 2 .   ? 7.268   4.500   0.582   1.00 17.82 ? 235 HOH A O   1 
HETATM 1486 O O   . HOH B 2 .   ? -3.102  -21.256 -3.752  1.00 17.07 ? 236 HOH A O   1 
HETATM 1487 O O   . HOH B 2 .   ? 2.441   13.940  3.785   1.00 15.64 ? 237 HOH A O   1 
HETATM 1488 O O   . HOH B 2 .   ? 10.193  7.758   -0.990  1.00 20.71 ? 238 HOH A O   1 
HETATM 1489 O O   . HOH B 2 .   ? 20.373  -5.134  -1.339  1.00 27.60 ? 239 HOH A O   1 
HETATM 1490 O O   . HOH B 2 .   ? 21.011  2.821   8.190   1.00 30.76 ? 240 HOH A O   1 
HETATM 1491 O O   . HOH B 2 .   ? -13.930 -11.142 -1.906  1.00 21.29 ? 241 HOH A O   1 
HETATM 1492 O O   . HOH B 2 .   ? 7.007   13.809  9.937   1.00 34.78 ? 242 HOH A O   1 
HETATM 1493 O O   . HOH B 2 .   ? -18.306 4.716   -11.583 1.00 43.00 ? 243 HOH A O   1 
HETATM 1494 O O   . HOH B 2 .   ? 4.684   -17.948 -1.862  1.00 19.42 ? 244 HOH A O   1 
HETATM 1495 O O   . HOH B 2 .   ? -19.198 -2.393  1.057   1.00 24.78 ? 245 HOH A O   1 
HETATM 1496 O O   . HOH B 2 .   ? 3.427   -1.892  19.956  1.00 20.80 ? 246 HOH A O   1 
HETATM 1497 O O   . HOH B 2 .   ? -12.379 -1.421  10.065  1.00 26.85 ? 247 HOH A O   1 
HETATM 1498 O O   . HOH B 2 .   ? 8.368   15.869  6.305   1.00 23.02 ? 248 HOH A O   1 
HETATM 1499 O O   . HOH B 2 .   ? -17.963 8.764   -6.488  1.00 20.73 ? 249 HOH A O   1 
HETATM 1500 O O   . HOH B 2 .   ? 3.228   -17.569 -6.616  1.00 36.12 ? 250 HOH A O   1 
HETATM 1501 O O   . HOH B 2 .   ? 19.580  1.146   -5.191  1.00 27.47 ? 251 HOH A O   1 
HETATM 1502 O O   . HOH B 2 .   ? 3.275   -10.985 12.357  1.00 23.88 ? 252 HOH A O   1 
HETATM 1503 O O   . HOH B 2 .   ? 6.198   8.977   -3.914  1.00 26.30 ? 253 HOH A O   1 
HETATM 1504 O O   . HOH B 2 .   ? 2.705   -2.933  -15.679 1.00 18.69 ? 254 HOH A O   1 
HETATM 1505 O O   . HOH B 2 .   ? 3.003   8.991   -0.336  1.00 16.43 ? 255 HOH A O   1 
HETATM 1506 O O   . HOH B 2 .   ? -6.020  -1.186  -17.436 1.00 20.12 ? 256 HOH A O   1 
HETATM 1507 O O   . HOH B 2 .   ? 3.111   16.711  4.116   1.00 24.52 ? 257 HOH A O   1 
HETATM 1508 O O   . HOH B 2 .   ? 11.386  -8.655  -9.415  1.00 39.73 ? 258 HOH A O   1 
HETATM 1509 O O   . HOH B 2 .   ? 19.156  -4.795  4.562   1.00 25.79 ? 259 HOH A O   1 
HETATM 1510 O O   . HOH B 2 .   ? -1.132  2.538   -19.357 1.00 20.84 ? 260 HOH A O   1 
HETATM 1511 O O   . HOH B 2 .   ? -8.129  -12.431 3.953   1.00 25.09 ? 261 HOH A O   1 
HETATM 1512 O O   . HOH B 2 .   ? 1.216   -7.227  -15.173 1.00 23.71 ? 262 HOH A O   1 
HETATM 1513 O O   . HOH B 2 .   ? -4.041  8.318   17.980  1.00 21.42 ? 263 HOH A O   1 
HETATM 1514 O O   . HOH B 2 .   ? 7.044   11.272  13.344  1.00 38.82 ? 264 HOH A O   1 
HETATM 1515 O O   . HOH B 2 .   ? -10.948 6.344   14.915  1.00 30.85 ? 265 HOH A O   1 
HETATM 1516 O O   . HOH B 2 .   ? 13.377  -0.490  -9.702  1.00 24.80 ? 266 HOH A O   1 
HETATM 1517 O O   . HOH B 2 .   ? 16.982  11.737  -4.902  1.00 26.53 ? 267 HOH A O   1 
HETATM 1518 O O   . HOH B 2 .   ? -6.911  2.575   18.963  1.00 35.64 ? 268 HOH A O   1 
HETATM 1519 O O   . HOH B 2 .   ? 1.241   -6.826  16.672  1.00 38.83 ? 269 HOH A O   1 
HETATM 1520 O O   . HOH B 2 .   ? -9.686  -4.929  -18.638 1.00 26.02 ? 270 HOH A O   1 
HETATM 1521 O O   . HOH B 2 .   ? 19.216  5.135   11.093  1.00 32.01 ? 271 HOH A O   1 
HETATM 1522 O O   . HOH B 2 .   ? 20.461  -9.052  4.428   1.00 25.13 ? 272 HOH A O   1 
HETATM 1523 O O   . HOH B 2 .   ? -9.436  2.605   -17.941 1.00 37.19 ? 273 HOH A O   1 
HETATM 1524 O O   . HOH B 2 .   ? 5.636   -12.765 5.992   1.00 8.45  ? 274 HOH A O   1 
HETATM 1525 O O   . HOH B 2 .   ? 0.150   -9.079  13.670  1.00 28.47 ? 275 HOH A O   1 
HETATM 1526 O O   . HOH B 2 .   ? 16.486  -8.553  9.542   1.00 32.25 ? 276 HOH A O   1 
HETATM 1527 O O   . HOH B 2 .   ? 0.447   -3.128  20.284  1.00 27.96 ? 277 HOH A O   1 
HETATM 1528 O O   . HOH B 2 .   ? 19.044  -7.142  6.288   1.00 33.57 ? 278 HOH A O   1 
HETATM 1529 O O   . HOH B 2 .   ? -2.684  -11.265 15.016  1.00 40.41 ? 279 HOH A O   1 
HETATM 1530 O O   . HOH B 2 .   ? -11.426 13.319  -13.220 1.00 28.15 ? 280 HOH A O   1 
HETATM 1531 O O   . HOH B 2 .   ? 10.529  8.745   -3.929  1.00 33.13 ? 281 HOH A O   1 
HETATM 1532 O O   . HOH B 2 .   ? -6.154  13.245  15.498  1.00 46.61 ? 282 HOH A O   1 
HETATM 1533 O O   . HOH B 2 .   ? -4.650  6.882   -12.073 1.00 18.09 ? 283 HOH A O   1 
HETATM 1534 O O   . HOH B 2 .   ? 0.509   10.935  -0.969  1.00 23.17 ? 284 HOH A O   1 
HETATM 1535 O O   . HOH B 2 .   ? -7.626  -5.175  -15.344 1.00 23.34 ? 285 HOH A O   1 
HETATM 1536 O O   . HOH B 2 .   ? 7.758   -16.990 -2.441  1.00 22.35 ? 286 HOH A O   1 
HETATM 1537 O O   . HOH B 2 .   ? 12.864  -9.911  10.897  1.00 24.16 ? 287 HOH A O   1 
HETATM 1538 O O   . HOH B 2 .   ? -9.370  6.932   1.522   1.00 17.28 ? 288 HOH A O   1 
HETATM 1539 O O   . HOH B 2 .   ? -20.929 3.431   3.160   1.00 17.60 ? 289 HOH A O   1 
HETATM 1540 O O   . HOH B 2 .   ? -5.264  -14.424 -12.424 1.00 21.30 ? 290 HOH A O   1 
HETATM 1541 O O   . HOH B 2 .   ? 8.821   8.654   13.911  1.00 17.52 ? 291 HOH A O   1 
HETATM 1542 O O   . HOH B 2 .   ? 13.170  -7.362  -7.622  1.00 27.34 ? 292 HOH A O   1 
HETATM 1543 O O   . HOH B 2 .   ? 19.302  0.223   -8.045  1.00 28.79 ? 293 HOH A O   1 
HETATM 1544 O O   . HOH B 2 .   ? -3.512  9.601   -12.622 1.00 18.88 ? 294 HOH A O   1 
HETATM 1545 O O   . HOH B 2 .   ? 0.920   18.092  5.351   1.00 26.66 ? 295 HOH A O   1 
HETATM 1546 O O   . HOH B 2 .   ? -15.802 -13.584 2.392   1.00 21.01 ? 296 HOH A O   1 
HETATM 1547 O O   . HOH B 2 .   ? 13.492  -7.553  9.429   1.00 20.04 ? 297 HOH A O   1 
HETATM 1548 O O   . HOH B 2 .   ? 1.161   4.220   -19.306 1.00 29.31 ? 298 HOH A O   1 
HETATM 1549 O O   . HOH B 2 .   ? 14.665  8.264   10.949  1.00 26.45 ? 299 HOH A O   1 
HETATM 1550 O O   . HOH B 2 .   ? -0.474  -19.469 -0.296  1.00 33.52 ? 300 HOH A O   1 
HETATM 1551 O O   . HOH B 2 .   ? 14.175  -7.999  -5.027  1.00 31.98 ? 301 HOH A O   1 
HETATM 1552 O O   . HOH B 2 .   ? -7.042  9.304   -20.960 1.00 27.13 ? 302 HOH A O   1 
HETATM 1553 O O   . HOH B 2 .   ? 3.476   -20.668 -2.235  1.00 23.14 ? 303 HOH A O   1 
HETATM 1554 O O   . HOH B 2 .   ? 15.338  -4.285  -11.046 1.00 28.90 ? 304 HOH A O   1 
HETATM 1555 O O   . HOH B 2 .   ? -22.238 0.031   0.957   1.00 26.78 ? 305 HOH A O   1 
HETATM 1556 O O   . HOH B 2 .   ? 9.187   -9.572  11.931  1.00 29.22 ? 306 HOH A O   1 
HETATM 1557 O O   . HOH B 2 .   ? -6.643  -14.053 6.856   1.00 33.28 ? 307 HOH A O   1 
HETATM 1558 O O   . HOH B 2 .   ? -2.607  2.617   20.023  1.00 35.53 ? 308 HOH A O   1 
HETATM 1559 O O   . HOH B 2 .   ? 16.271  7.228   13.139  1.00 32.54 ? 309 HOH A O   1 
HETATM 1560 O O   . HOH B 2 .   ? 18.972  6.036   13.762  1.00 37.33 ? 310 HOH A O   1 
HETATM 1561 O O   . HOH B 2 .   ? 11.227  15.825  2.623   1.00 33.80 ? 311 HOH A O   1 
HETATM 1562 O O   . HOH B 2 .   ? 16.684  -9.434  -1.635  1.00 31.90 ? 312 HOH A O   1 
HETATM 1563 O O   . HOH B 2 .   ? 9.071   2.134   17.723  1.00 27.54 ? 313 HOH A O   1 
HETATM 1564 O O   . HOH B 2 .   ? 16.412  0.417   16.059  1.00 27.66 ? 314 HOH A O   1 
HETATM 1565 O O   . HOH B 2 .   ? 2.616   3.336   -8.508  1.00 31.85 ? 315 HOH A O   1 
HETATM 1566 O O   . HOH B 2 .   ? -2.322  -1.502  21.074  1.00 29.67 ? 316 HOH A O   1 
HETATM 1567 O O   . HOH B 2 .   ? 11.100  -4.982  16.174  1.00 29.22 ? 317 HOH A O   1 
HETATM 1568 O O   . HOH B 2 .   ? 4.323   12.983  0.121   1.00 29.62 ? 318 HOH A O   1 
HETATM 1569 O O   . HOH B 2 .   ? 13.667  5.681   -10.634 1.00 40.07 ? 319 HOH A O   1 
HETATM 1570 O O   . HOH B 2 .   ? 15.482  6.380   -6.339  1.00 36.09 ? 320 HOH A O   1 
HETATM 1571 O O   . HOH B 2 .   ? 1.525   13.327  -0.017  1.00 26.72 ? 321 HOH A O   1 
HETATM 1572 O O   . HOH B 2 .   ? 14.895  9.238   -5.363  1.00 33.53 ? 322 HOH A O   1 
HETATM 1573 O O   . HOH B 2 .   ? -1.969  7.099   19.525  1.00 44.48 ? 323 HOH A O   1 
HETATM 1574 O O   . HOH B 2 .   ? 10.400  -5.133  12.474  1.00 44.65 ? 324 HOH A O   1 
HETATM 1575 O O   . HOH B 2 .   ? 20.489  4.099   -5.738  1.00 45.65 ? 325 HOH A O   1 
HETATM 1576 O O   . HOH B 2 .   ? 12.714  -13.424 -8.591  1.00 39.66 ? 326 HOH A O   1 
HETATM 1577 O O   . HOH B 2 .   ? -17.780 10.824  -8.750  1.00 47.20 ? 327 HOH A O   1 
HETATM 1578 O O   . HOH B 2 .   ? -14.353 11.094  6.732   1.00 43.99 ? 328 HOH A O   1 
HETATM 1579 O O   . HOH B 2 .   ? 10.985  -7.190  -12.215 1.00 44.55 ? 329 HOH A O   1 
HETATM 1580 O O   . HOH B 2 .   ? 9.757   -14.224 0.314   1.00 20.84 ? 330 HOH A O   1 
HETATM 1581 O O   . HOH B 2 .   ? -5.049  -0.475  18.916  1.00 25.45 ? 331 HOH A O   1 
HETATM 1582 O O   . HOH B 2 .   ? -22.264 -0.644  4.301   1.00 32.67 ? 332 HOH A O   1 
HETATM 1583 O O   . HOH B 2 .   ? -13.113 -14.323 0.242   1.00 21.84 ? 333 HOH A O   1 
# 
